data_1PK0
#
_entry.id   1PK0
#
_cell.length_a   116.263
_cell.length_b   165.759
_cell.length_c   342.409
_cell.angle_alpha   90.00
_cell.angle_beta   90.00
_cell.angle_gamma   90.00
#
_symmetry.space_group_name_H-M   'I 2 2 2'
#
loop_
_entity.id
_entity.type
_entity.pdbx_description
1 polymer 'Calmodulin-sensitive adenylate cyclase'
2 polymer Calmodulin
3 non-polymer 'YTTERBIUM (III) ION'
4 non-polymer (ADENIN-9-YL-ETHOXYMETHYL)-HYDROXYPHOSPHINYL-DIPHOSPHATE
5 non-polymer 'CALCIUM ION'
6 water water
#
loop_
_entity_poly.entity_id
_entity_poly.type
_entity_poly.pdbx_seq_one_letter_code
_entity_poly.pdbx_strand_id
1 'polypeptide(L)'
;RIDVLKGEKALKASGLVPEHADAFKKIARELNTYILFRPVNKLATNLIKSGVATKGLNVHGKSSDWGPVAGYIPFDQDLS
KKHGQQLAVEKGNLENKKSITEHEGEIGKIPLKLDHLRIEELKENGIILKGKKEIDNGKKYYLLESNNQVYEFRISDENN
EVQYKTKEGKITVLGEKFNWRNIEVMAKNVEGVLKPLTADYDLFALAPSLTEIKKQIPQKEWDKVVNTPNSLEKQKGVTN
LLIKYGIERKPDSTKGTLSNWQKQMLDRLNEAVKYTGYTGGDVVNHGTEQDNEEFPEKDNEIFIINPEGEFILTKNWEMT
GRFIEKNITGKDYLYYFNRSYNKIAPGNKAYIEWTDPITKAKINTIPTSAEFIKNLSSIRRSSNVGVYKDSGDKDEFAKK
ESVKKIAGYLSDYYNSANHIFSQEKKRKISIFRGIQAYNEIENVLKSKQIAPEYKNYFQYLKERITNQVQLLLTHQKSNI
EFKLLYKQLNFTENETDNFEVFQKIID
;
A,B,C
2 'polypeptide(L)'
;ADQLTEEQIAEFKEAFSLFDKDGDGTITTKELGTVMRSLGQNPTEAELQDMINEVDADGNGTIDFPEFLTMMARKMKDTD
SEEEIREAFRVFDKDGNGYISAAELRHVMTNLGEKLTDEEVDEMIREADIDGDGQVNYEEFVQMMTA
;
D,E,F
#
# COMPACT_ATOMS: atom_id res chain seq x y z
N ARG A 1 -20.80 -31.89 28.30
CA ARG A 1 -21.92 -30.93 28.04
C ARG A 1 -21.43 -29.54 27.67
N ILE A 2 -21.91 -29.01 26.53
CA ILE A 2 -21.50 -27.71 26.13
C ILE A 2 -22.72 -26.81 26.25
N ASP A 3 -22.54 -25.50 26.34
CA ASP A 3 -23.68 -24.60 26.47
C ASP A 3 -24.12 -24.06 25.09
N VAL A 4 -24.91 -24.83 24.34
CA VAL A 4 -25.35 -24.34 23.03
C VAL A 4 -26.88 -24.27 22.92
N LEU A 5 -27.41 -23.26 22.25
CA LEU A 5 -28.84 -23.12 22.09
C LEU A 5 -29.36 -24.19 21.16
N LYS A 6 -30.65 -24.50 21.28
CA LYS A 6 -31.26 -25.52 20.44
C LYS A 6 -32.62 -25.14 19.92
N GLY A 7 -32.94 -25.69 18.76
CA GLY A 7 -34.22 -25.44 18.13
C GLY A 7 -34.65 -23.98 18.13
N GLU A 8 -35.94 -23.79 17.91
CA GLU A 8 -36.63 -22.50 17.90
C GLU A 8 -35.73 -21.34 18.42
N LYS A 9 -35.28 -21.41 19.66
CA LYS A 9 -34.44 -20.35 20.21
C LYS A 9 -33.20 -20.08 19.36
N ALA A 10 -32.54 -21.15 18.93
CA ALA A 10 -31.35 -21.05 18.09
C ALA A 10 -31.69 -20.52 16.69
N LEU A 11 -32.71 -21.10 16.08
CA LEU A 11 -33.13 -20.65 14.76
C LEU A 11 -33.38 -19.15 14.83
N LYS A 12 -33.94 -18.72 15.95
CA LYS A 12 -34.24 -17.32 16.16
C LYS A 12 -33.00 -16.47 15.99
N ALA A 13 -31.89 -16.95 16.56
CA ALA A 13 -30.61 -16.23 16.51
C ALA A 13 -29.82 -16.45 15.25
N SER A 14 -30.16 -17.49 14.51
CA SER A 14 -29.46 -17.81 13.27
C SER A 14 -29.66 -16.75 12.19
N GLY A 15 -30.86 -16.18 12.12
CA GLY A 15 -31.12 -15.19 11.11
C GLY A 15 -31.73 -15.78 9.85
N LEU A 16 -31.69 -17.11 9.72
CA LEU A 16 -32.25 -17.70 8.50
C LEU A 16 -33.77 -17.59 8.57
N VAL A 17 -34.40 -17.62 7.40
CA VAL A 17 -35.85 -17.56 7.33
C VAL A 17 -36.30 -18.92 7.78
N PRO A 18 -37.13 -18.98 8.82
CA PRO A 18 -37.65 -20.23 9.38
C PRO A 18 -37.95 -21.29 8.33
N GLU A 19 -38.87 -20.98 7.42
CA GLU A 19 -39.22 -21.92 6.37
C GLU A 19 -37.97 -22.49 5.73
N HIS A 20 -37.02 -21.62 5.40
CA HIS A 20 -35.78 -22.03 4.78
C HIS A 20 -34.98 -23.00 5.65
N ALA A 21 -34.92 -22.72 6.94
CA ALA A 21 -34.18 -23.58 7.83
C ALA A 21 -34.85 -24.94 7.85
N ASP A 22 -36.16 -24.95 8.11
CA ASP A 22 -36.92 -26.19 8.16
C ASP A 22 -36.61 -26.95 6.88
N ALA A 23 -36.71 -26.25 5.77
CA ALA A 23 -36.44 -26.85 4.48
C ALA A 23 -35.04 -27.47 4.43
N PHE A 24 -34.12 -26.88 5.18
CA PHE A 24 -32.74 -27.38 5.20
C PHE A 24 -32.58 -28.66 5.97
N LYS A 25 -33.36 -28.85 7.02
CA LYS A 25 -33.29 -30.08 7.81
C LYS A 25 -33.35 -31.24 6.84
N LYS A 26 -34.29 -31.14 5.90
CA LYS A 26 -34.48 -32.18 4.90
C LYS A 26 -33.14 -32.59 4.28
N ILE A 27 -32.38 -31.64 3.73
CA ILE A 27 -31.11 -31.94 3.08
C ILE A 27 -30.03 -32.42 4.03
N ALA A 28 -30.01 -31.87 5.23
CA ALA A 28 -29.01 -32.24 6.20
C ALA A 28 -29.15 -33.71 6.49
N ARG A 29 -30.39 -34.12 6.68
CA ARG A 29 -30.75 -35.49 7.00
C ARG A 29 -30.52 -36.44 5.85
N GLU A 30 -31.23 -36.17 4.78
CA GLU A 30 -31.14 -36.96 3.58
C GLU A 30 -29.70 -37.25 3.19
N LEU A 31 -28.87 -36.23 3.18
CA LEU A 31 -27.47 -36.40 2.81
C LEU A 31 -26.51 -36.66 3.95
N ASN A 32 -27.06 -36.87 5.14
CA ASN A 32 -26.24 -37.12 6.32
C ASN A 32 -25.00 -36.25 6.26
N THR A 33 -25.21 -34.96 6.54
CA THR A 33 -24.12 -34.00 6.47
C THR A 33 -24.47 -32.77 7.32
N TYR A 34 -23.53 -32.33 8.15
CA TYR A 34 -23.74 -31.16 9.00
C TYR A 34 -23.69 -29.91 8.14
N ILE A 35 -24.58 -28.96 8.42
CA ILE A 35 -24.60 -27.71 7.68
C ILE A 35 -24.41 -26.59 8.67
N LEU A 36 -23.39 -25.77 8.46
CA LEU A 36 -23.13 -24.67 9.39
C LEU A 36 -23.15 -23.32 8.68
N PHE A 37 -24.00 -22.41 9.17
CA PHE A 37 -24.12 -21.07 8.60
C PHE A 37 -23.54 -19.99 9.52
N ARG A 38 -22.97 -18.94 8.91
CA ARG A 38 -22.42 -17.83 9.67
C ARG A 38 -23.66 -16.97 9.95
N PRO A 39 -23.59 -16.10 10.95
CA PRO A 39 -24.74 -15.26 11.29
C PRO A 39 -25.35 -14.62 10.07
N VAL A 40 -26.63 -14.30 10.13
CA VAL A 40 -27.32 -13.65 9.03
C VAL A 40 -27.95 -12.39 9.55
N ASN A 41 -27.76 -11.32 8.82
CA ASN A 41 -28.32 -10.07 9.26
C ASN A 41 -29.79 -10.26 9.64
N LYS A 42 -30.10 -10.15 10.92
CA LYS A 42 -31.48 -10.33 11.34
C LYS A 42 -32.41 -9.37 10.61
N LEU A 43 -31.98 -8.14 10.41
CA LEU A 43 -32.84 -7.19 9.72
C LEU A 43 -32.87 -7.52 8.25
N ALA A 44 -32.25 -8.63 7.85
CA ALA A 44 -32.26 -9.02 6.44
C ALA A 44 -33.28 -10.11 6.22
N THR A 45 -33.44 -10.95 7.24
CA THR A 45 -34.37 -12.06 7.21
C THR A 45 -35.67 -11.76 6.46
N ASN A 46 -36.51 -10.90 7.02
CA ASN A 46 -37.77 -10.60 6.37
C ASN A 46 -37.60 -10.23 4.92
N LEU A 47 -36.63 -9.38 4.61
CA LEU A 47 -36.46 -9.02 3.20
C LEU A 47 -36.27 -10.30 2.41
N ILE A 48 -35.37 -11.15 2.89
CA ILE A 48 -35.12 -12.40 2.18
C ILE A 48 -36.46 -13.08 1.96
N LYS A 49 -37.14 -13.40 3.04
CA LYS A 49 -38.40 -14.10 2.94
C LYS A 49 -39.32 -13.47 1.92
N SER A 50 -39.39 -12.15 1.87
CA SER A 50 -40.28 -11.52 0.92
C SER A 50 -39.75 -11.64 -0.51
N GLY A 51 -38.81 -12.55 -0.72
CA GLY A 51 -38.28 -12.75 -2.04
C GLY A 51 -37.24 -11.78 -2.62
N VAL A 52 -36.54 -11.04 -1.77
CA VAL A 52 -35.54 -10.12 -2.26
C VAL A 52 -34.30 -10.94 -2.65
N ALA A 53 -33.58 -10.49 -3.67
CA ALA A 53 -32.37 -11.19 -4.13
C ALA A 53 -31.20 -11.02 -3.18
N THR A 54 -30.34 -12.03 -3.10
CA THR A 54 -29.17 -11.93 -2.21
C THR A 54 -27.89 -11.62 -2.97
N LYS A 55 -26.90 -11.05 -2.27
CA LYS A 55 -25.63 -10.69 -2.88
C LYS A 55 -24.63 -11.82 -3.08
N GLY A 56 -24.12 -11.88 -4.31
CA GLY A 56 -23.13 -12.87 -4.67
C GLY A 56 -21.71 -12.31 -4.52
N LEU A 57 -20.71 -13.08 -4.91
CA LEU A 57 -19.33 -12.64 -4.79
C LEU A 57 -19.01 -11.39 -5.60
N ASN A 58 -19.92 -10.96 -6.45
CA ASN A 58 -19.62 -9.78 -7.23
C ASN A 58 -20.04 -8.57 -6.44
N VAL A 59 -20.49 -8.80 -5.22
CA VAL A 59 -20.89 -7.69 -4.33
C VAL A 59 -20.33 -7.96 -2.95
N HIS A 60 -19.35 -7.15 -2.54
CA HIS A 60 -18.71 -7.30 -1.24
C HIS A 60 -19.04 -6.19 -0.29
N GLY A 61 -20.04 -5.38 -0.62
CA GLY A 61 -20.39 -4.30 0.28
C GLY A 61 -21.09 -4.93 1.47
N LYS A 62 -20.92 -4.38 2.66
CA LYS A 62 -21.59 -4.99 3.80
C LYS A 62 -23.00 -4.47 3.97
N SER A 63 -23.90 -5.36 4.37
CA SER A 63 -25.30 -4.99 4.58
C SER A 63 -25.45 -4.01 5.74
N SER A 64 -26.64 -3.45 5.90
CA SER A 64 -26.88 -2.52 6.99
C SER A 64 -27.80 -3.14 8.05
N ASP A 65 -27.63 -2.73 9.31
CA ASP A 65 -28.45 -3.29 10.34
C ASP A 65 -29.06 -2.20 11.20
N TRP A 66 -29.25 -1.03 10.61
CA TRP A 66 -29.87 0.05 11.34
C TRP A 66 -30.41 1.05 10.35
N GLY A 67 -31.27 1.96 10.82
CA GLY A 67 -31.82 2.96 9.92
C GLY A 67 -32.70 2.42 8.83
N PRO A 68 -33.38 3.30 8.09
CA PRO A 68 -34.28 2.89 7.01
C PRO A 68 -33.70 1.92 6.01
N VAL A 69 -32.41 2.04 5.72
CA VAL A 69 -31.76 1.15 4.76
C VAL A 69 -31.36 -0.19 5.39
N ALA A 70 -31.81 -0.42 6.62
CA ALA A 70 -31.49 -1.66 7.32
C ALA A 70 -31.93 -2.86 6.50
N GLY A 71 -31.05 -3.85 6.39
CA GLY A 71 -31.34 -5.06 5.63
C GLY A 71 -30.84 -5.02 4.18
N TYR A 72 -30.65 -3.82 3.65
CA TYR A 72 -30.17 -3.71 2.28
C TYR A 72 -28.66 -3.46 2.21
N ILE A 73 -28.16 -3.14 1.01
CA ILE A 73 -26.72 -2.89 0.85
C ILE A 73 -26.58 -1.44 0.42
N PRO A 74 -26.39 -0.54 1.38
CA PRO A 74 -26.24 0.87 1.04
C PRO A 74 -24.97 1.14 0.28
N PHE A 75 -25.08 1.99 -0.74
CA PHE A 75 -23.93 2.35 -1.57
C PHE A 75 -22.96 3.08 -0.70
N ASP A 76 -23.50 3.92 0.16
CA ASP A 76 -22.71 4.71 1.09
C ASP A 76 -22.49 3.82 2.29
N GLN A 77 -21.43 3.01 2.27
CA GLN A 77 -21.17 2.06 3.35
C GLN A 77 -21.12 2.58 4.77
N ASP A 78 -21.22 3.89 4.97
CA ASP A 78 -21.23 4.42 6.32
C ASP A 78 -22.66 4.26 6.81
N LEU A 79 -23.52 3.76 5.95
CA LEU A 79 -24.90 3.56 6.33
C LEU A 79 -25.07 2.10 6.61
N SER A 80 -23.99 1.34 6.46
CA SER A 80 -24.05 -0.10 6.68
C SER A 80 -23.75 -0.39 8.12
N LYS A 81 -23.61 -1.68 8.44
CA LYS A 81 -23.30 -2.11 9.78
C LYS A 81 -21.93 -1.60 10.15
N LYS A 82 -21.07 -1.38 9.17
CA LYS A 82 -19.73 -0.88 9.46
C LYS A 82 -19.74 0.58 9.79
N HIS A 83 -20.92 1.14 9.95
CA HIS A 83 -21.06 2.57 10.26
C HIS A 83 -20.04 3.02 11.28
N GLY A 84 -19.47 4.19 11.06
CA GLY A 84 -18.48 4.74 11.97
C GLY A 84 -17.09 4.12 11.99
N GLN A 85 -16.78 3.25 11.04
CA GLN A 85 -15.46 2.64 11.02
C GLN A 85 -14.72 3.03 9.75
N GLN A 86 -14.18 4.24 9.77
CA GLN A 86 -13.48 4.82 8.64
C GLN A 86 -12.85 3.86 7.65
N LEU A 87 -11.92 3.03 8.10
CA LEU A 87 -11.26 2.09 7.19
C LEU A 87 -12.25 1.12 6.55
N ALA A 88 -13.14 0.56 7.35
CA ALA A 88 -14.12 -0.39 6.85
C ALA A 88 -15.08 0.28 5.87
N VAL A 89 -15.51 1.49 6.21
CA VAL A 89 -16.42 2.22 5.33
C VAL A 89 -15.71 2.40 4.00
N GLU A 90 -14.51 2.94 4.07
CA GLU A 90 -13.71 3.18 2.88
C GLU A 90 -13.46 1.94 2.07
N LYS A 91 -13.06 0.88 2.74
CA LYS A 91 -12.82 -0.38 2.03
C LYS A 91 -14.17 -0.83 1.45
N GLY A 92 -15.23 -0.59 2.20
CA GLY A 92 -16.57 -0.97 1.77
C GLY A 92 -16.98 -0.28 0.51
N ASN A 93 -16.80 1.04 0.46
CA ASN A 93 -17.17 1.81 -0.72
C ASN A 93 -16.36 1.42 -1.95
N LEU A 94 -15.05 1.39 -1.82
CA LEU A 94 -14.23 1.01 -2.96
C LEU A 94 -14.86 -0.27 -3.56
N GLU A 95 -15.24 -1.20 -2.70
CA GLU A 95 -15.83 -2.44 -3.17
C GLU A 95 -17.09 -2.21 -3.98
N ASN A 96 -17.92 -1.28 -3.52
CA ASN A 96 -19.15 -0.96 -4.24
C ASN A 96 -18.85 -0.29 -5.56
N LYS A 97 -17.95 0.68 -5.52
CA LYS A 97 -17.54 1.38 -6.73
C LYS A 97 -17.05 0.35 -7.72
N LYS A 98 -16.28 -0.62 -7.24
CA LYS A 98 -15.81 -1.68 -8.12
C LYS A 98 -16.98 -2.48 -8.67
N SER A 99 -17.89 -2.87 -7.80
CA SER A 99 -19.04 -3.65 -8.24
C SER A 99 -19.78 -2.91 -9.33
N ILE A 100 -19.91 -1.62 -9.15
CA ILE A 100 -20.61 -0.78 -10.12
C ILE A 100 -19.90 -0.66 -11.47
N THR A 101 -18.57 -0.58 -11.45
CA THR A 101 -17.82 -0.40 -12.68
C THR A 101 -17.32 -1.70 -13.35
N GLU A 102 -16.60 -2.54 -12.60
CA GLU A 102 -16.08 -3.77 -13.16
C GLU A 102 -17.16 -4.78 -13.52
N HIS A 103 -18.42 -4.41 -13.31
CA HIS A 103 -19.54 -5.30 -13.59
C HIS A 103 -20.72 -4.57 -14.18
N GLU A 104 -20.46 -3.47 -14.86
CA GLU A 104 -21.53 -2.70 -15.45
C GLU A 104 -22.68 -3.55 -15.98
N GLY A 105 -23.89 -3.00 -15.84
CA GLY A 105 -25.08 -3.68 -16.33
C GLY A 105 -25.42 -4.96 -15.58
N GLU A 106 -24.45 -5.46 -14.82
CA GLU A 106 -24.62 -6.67 -14.02
C GLU A 106 -25.14 -6.23 -12.65
N ILE A 107 -24.40 -5.31 -12.04
CA ILE A 107 -24.74 -4.74 -10.75
C ILE A 107 -24.86 -3.22 -10.91
N GLY A 108 -25.73 -2.62 -10.11
CA GLY A 108 -25.91 -1.18 -10.17
C GLY A 108 -26.44 -0.71 -8.85
N LYS A 109 -26.84 0.54 -8.78
CA LYS A 109 -27.38 1.04 -7.53
C LYS A 109 -28.71 1.72 -7.87
N ILE A 110 -29.62 1.79 -6.90
CA ILE A 110 -30.91 2.41 -7.14
C ILE A 110 -31.42 3.03 -5.86
N PRO A 111 -32.34 3.99 -5.95
CA PRO A 111 -32.87 4.61 -4.73
C PRO A 111 -33.65 3.63 -3.88
N LEU A 112 -33.49 3.76 -2.57
CA LEU A 112 -34.16 2.89 -1.65
C LEU A 112 -35.59 3.36 -1.48
N LYS A 113 -36.54 2.46 -1.65
CA LYS A 113 -37.95 2.78 -1.49
C LYS A 113 -38.46 1.91 -0.38
N LEU A 114 -39.05 2.52 0.65
CA LEU A 114 -39.58 1.75 1.75
C LEU A 114 -41.07 1.56 1.57
N ASP A 115 -41.42 0.33 1.24
CA ASP A 115 -42.79 -0.07 1.00
C ASP A 115 -43.60 0.13 2.26
N HIS A 116 -44.89 0.37 2.07
CA HIS A 116 -45.80 0.60 3.18
C HIS A 116 -45.66 -0.42 4.31
N LEU A 117 -45.51 -1.69 3.95
CA LEU A 117 -45.35 -2.76 4.92
C LEU A 117 -44.01 -2.75 5.62
N ARG A 118 -42.96 -2.45 4.86
CA ARG A 118 -41.61 -2.42 5.42
C ARG A 118 -41.46 -1.41 6.55
N ILE A 119 -42.03 -0.23 6.38
CA ILE A 119 -41.96 0.78 7.42
C ILE A 119 -42.50 0.16 8.69
N GLU A 120 -43.63 -0.52 8.53
CA GLU A 120 -44.28 -1.18 9.66
C GLU A 120 -43.32 -2.17 10.30
N GLU A 121 -42.75 -3.05 9.48
CA GLU A 121 -41.82 -4.06 9.98
C GLU A 121 -40.75 -3.37 10.81
N LEU A 122 -40.21 -2.29 10.27
CA LEU A 122 -39.18 -1.53 10.93
C LEU A 122 -39.68 -0.94 12.24
N LYS A 123 -40.91 -0.44 12.26
CA LYS A 123 -41.44 0.13 13.49
C LYS A 123 -41.41 -0.92 14.61
N GLU A 124 -41.88 -2.13 14.31
CA GLU A 124 -41.87 -3.18 15.32
C GLU A 124 -40.46 -3.43 15.82
N ASN A 125 -39.59 -3.85 14.91
CA ASN A 125 -38.20 -4.09 15.28
C ASN A 125 -37.58 -2.90 16.01
N GLY A 126 -38.31 -1.79 16.04
CA GLY A 126 -37.80 -0.60 16.71
C GLY A 126 -36.50 -0.13 16.07
N ILE A 127 -36.54 0.10 14.76
CA ILE A 127 -35.40 0.58 14.00
C ILE A 127 -35.59 2.04 13.57
N ILE A 128 -36.79 2.37 13.13
CA ILE A 128 -37.10 3.74 12.73
C ILE A 128 -38.55 4.02 13.03
N LEU A 129 -38.92 5.30 13.04
CA LEU A 129 -40.29 5.70 13.31
C LEU A 129 -40.72 6.79 12.36
N LYS A 130 -41.89 6.62 11.76
CA LYS A 130 -42.39 7.63 10.84
C LYS A 130 -42.81 8.81 11.69
N GLY A 131 -42.17 9.95 11.48
CA GLY A 131 -42.46 11.15 12.25
C GLY A 131 -43.29 12.26 11.62
N LYS A 132 -42.99 13.50 12.01
CA LYS A 132 -43.71 14.67 11.53
C LYS A 132 -43.56 14.85 10.04
N LYS A 133 -44.50 15.58 9.44
CA LYS A 133 -44.45 15.80 8.01
C LYS A 133 -43.58 17.01 7.71
N GLU A 134 -43.20 17.15 6.45
CA GLU A 134 -42.37 18.26 6.02
C GLU A 134 -42.64 18.53 4.54
N ILE A 135 -42.59 19.80 4.15
CA ILE A 135 -42.81 20.16 2.74
C ILE A 135 -41.58 20.97 2.27
N ASP A 136 -40.95 20.56 1.19
CA ASP A 136 -39.71 21.28 0.77
C ASP A 136 -39.49 22.08 -0.55
N ASN A 137 -40.09 21.70 -1.56
CA ASN A 137 -40.07 22.36 -2.80
C ASN A 137 -41.46 21.80 -3.04
N GLY A 138 -42.53 22.56 -3.04
CA GLY A 138 -43.80 21.84 -3.22
C GLY A 138 -43.85 20.30 -3.14
N LYS A 139 -43.01 19.69 -2.30
CA LYS A 139 -43.01 18.22 -2.20
C LYS A 139 -43.21 17.79 -0.77
N LYS A 140 -44.03 16.76 -0.60
CA LYS A 140 -44.40 16.23 0.70
C LYS A 140 -43.46 15.14 1.20
N TYR A 141 -42.92 15.35 2.40
CA TYR A 141 -42.03 14.36 2.99
C TYR A 141 -42.46 14.06 4.41
N TYR A 142 -42.05 12.91 4.90
CA TYR A 142 -42.35 12.49 6.26
C TYR A 142 -41.04 12.05 6.86
N LEU A 143 -40.65 12.73 7.93
CA LEU A 143 -39.41 12.39 8.60
C LEU A 143 -39.43 10.96 9.10
N LEU A 144 -38.28 10.32 9.08
CA LEU A 144 -38.14 8.96 9.61
C LEU A 144 -37.05 9.10 10.66
N GLU A 145 -37.33 8.77 11.92
CA GLU A 145 -36.25 8.89 12.92
C GLU A 145 -35.50 7.64 13.26
N SER A 146 -34.39 7.87 13.93
CA SER A 146 -33.55 6.80 14.39
C SER A 146 -32.69 7.42 15.48
N ASN A 147 -32.35 6.61 16.46
CA ASN A 147 -31.54 7.05 17.56
C ASN A 147 -30.14 7.39 17.10
N ASN A 148 -29.92 7.44 15.78
CA ASN A 148 -28.59 7.79 15.26
C ASN A 148 -28.36 9.28 15.44
N GLN A 149 -27.10 9.65 15.63
CA GLN A 149 -26.75 11.06 15.85
C GLN A 149 -26.10 11.82 14.69
N VAL A 150 -25.64 11.11 13.67
CA VAL A 150 -24.99 11.76 12.54
C VAL A 150 -25.91 12.08 11.39
N TYR A 151 -26.80 11.16 11.05
CA TYR A 151 -27.71 11.38 9.94
C TYR A 151 -29.15 11.65 10.30
N GLU A 152 -29.89 12.17 9.34
CA GLU A 152 -31.30 12.49 9.52
C GLU A 152 -32.01 11.95 8.27
N PHE A 153 -33.10 11.20 8.46
CA PHE A 153 -33.78 10.60 7.31
C PHE A 153 -35.23 11.02 7.10
N ARG A 154 -35.67 11.05 5.86
CA ARG A 154 -37.06 11.38 5.54
C ARG A 154 -37.50 10.56 4.33
N ILE A 155 -38.80 10.41 4.15
CA ILE A 155 -39.30 9.64 3.02
C ILE A 155 -40.30 10.41 2.20
N SER A 156 -40.24 10.26 0.88
CA SER A 156 -41.14 10.96 -0.01
C SER A 156 -42.50 10.29 0.02
N ASP A 157 -43.55 11.11 0.04
CA ASP A 157 -44.91 10.59 0.06
C ASP A 157 -45.30 10.07 -1.32
N GLU A 158 -44.82 10.73 -2.36
CA GLU A 158 -45.15 10.35 -3.72
C GLU A 158 -44.65 8.96 -4.12
N ASN A 159 -43.34 8.88 -4.35
CA ASN A 159 -42.70 7.63 -4.79
C ASN A 159 -42.14 6.77 -3.68
N ASN A 160 -42.19 7.26 -2.43
CA ASN A 160 -41.68 6.51 -1.28
C ASN A 160 -40.17 6.33 -1.26
N GLU A 161 -39.44 7.30 -1.81
CA GLU A 161 -38.00 7.25 -1.83
C GLU A 161 -37.52 7.84 -0.54
N VAL A 162 -36.49 7.26 0.03
CA VAL A 162 -35.94 7.74 1.29
C VAL A 162 -34.72 8.60 1.00
N GLN A 163 -34.60 9.72 1.71
CA GLN A 163 -33.46 10.58 1.53
C GLN A 163 -32.83 10.79 2.90
N TYR A 164 -31.58 11.23 2.92
CA TYR A 164 -30.91 11.46 4.19
C TYR A 164 -29.93 12.57 4.04
N LYS A 165 -29.58 13.18 5.16
CA LYS A 165 -28.63 14.27 5.17
C LYS A 165 -27.91 14.23 6.50
N THR A 166 -26.78 14.92 6.58
CA THR A 166 -26.03 14.93 7.82
C THR A 166 -26.62 15.99 8.74
N LYS A 167 -26.59 15.69 10.02
CA LYS A 167 -27.13 16.60 11.00
C LYS A 167 -26.30 17.86 11.10
N GLU A 168 -26.88 18.87 11.74
CA GLU A 168 -26.23 20.16 11.92
C GLU A 168 -24.91 20.03 12.64
N GLY A 169 -23.91 20.69 12.07
CA GLY A 169 -22.59 20.67 12.64
C GLY A 169 -21.97 19.30 12.72
N LYS A 170 -22.75 18.25 12.50
CA LYS A 170 -22.21 16.89 12.55
C LYS A 170 -21.37 16.57 11.33
N ILE A 171 -20.42 15.66 11.50
CA ILE A 171 -19.57 15.28 10.39
C ILE A 171 -19.53 13.77 10.10
N THR A 172 -19.49 13.40 8.82
CA THR A 172 -19.44 12.00 8.45
C THR A 172 -18.12 11.46 8.90
N VAL A 173 -18.00 10.14 8.95
CA VAL A 173 -16.76 9.50 9.35
C VAL A 173 -15.68 9.93 8.38
N LEU A 174 -16.01 9.87 7.09
CA LEU A 174 -15.09 10.26 6.05
C LEU A 174 -14.91 11.78 5.99
N GLY A 175 -15.51 12.47 6.95
CA GLY A 175 -15.38 13.91 6.97
C GLY A 175 -16.12 14.54 5.82
N GLU A 176 -17.41 14.29 5.78
CA GLU A 176 -18.28 14.84 4.76
C GLU A 176 -19.43 15.53 5.46
N LYS A 177 -20.23 16.23 4.68
CA LYS A 177 -21.40 16.88 5.21
C LYS A 177 -22.16 17.28 3.97
N PHE A 178 -23.47 17.02 4.00
CA PHE A 178 -24.29 17.30 2.87
C PHE A 178 -25.71 17.39 3.30
N ASN A 179 -26.54 17.92 2.41
CA ASN A 179 -27.95 18.03 2.72
C ASN A 179 -28.76 16.86 2.21
N TRP A 180 -30.01 17.07 2.01
CA TRP A 180 -30.92 16.08 1.47
C TRP A 180 -30.46 15.40 0.19
N ARG A 181 -30.45 14.08 0.20
CA ARG A 181 -30.11 13.33 -1.00
C ARG A 181 -30.54 11.88 -0.85
N ASN A 182 -30.89 11.27 -1.97
CA ASN A 182 -31.36 9.89 -2.01
C ASN A 182 -30.39 8.88 -1.46
N ILE A 183 -30.94 7.82 -0.88
CA ILE A 183 -30.15 6.73 -0.34
C ILE A 183 -30.08 5.66 -1.40
N GLU A 184 -28.95 5.50 -2.04
CA GLU A 184 -28.82 4.48 -3.06
C GLU A 184 -28.47 3.13 -2.43
N VAL A 185 -28.93 2.05 -3.08
CA VAL A 185 -28.68 0.70 -2.61
C VAL A 185 -28.19 -0.20 -3.75
N MET A 186 -27.28 -1.11 -3.43
CA MET A 186 -26.75 -2.04 -4.42
C MET A 186 -27.88 -2.88 -4.97
N ALA A 187 -27.83 -3.08 -6.27
CA ALA A 187 -28.86 -3.86 -6.93
C ALA A 187 -28.24 -4.66 -8.05
N LYS A 188 -28.95 -5.70 -8.46
CA LYS A 188 -28.48 -6.52 -9.57
C LYS A 188 -29.47 -6.34 -10.69
N ASN A 189 -29.03 -6.65 -11.90
CA ASN A 189 -29.87 -6.53 -13.07
C ASN A 189 -30.67 -7.80 -13.26
N VAL A 190 -31.99 -7.66 -13.32
CA VAL A 190 -32.86 -8.80 -13.50
C VAL A 190 -33.83 -8.48 -14.63
N GLU A 191 -33.62 -9.13 -15.77
CA GLU A 191 -34.48 -8.93 -16.93
C GLU A 191 -34.55 -7.45 -17.33
N GLY A 192 -33.39 -6.81 -17.40
CA GLY A 192 -33.36 -5.40 -17.79
C GLY A 192 -33.77 -4.45 -16.68
N VAL A 193 -34.33 -4.99 -15.61
CA VAL A 193 -34.75 -4.14 -14.49
C VAL A 193 -33.77 -4.33 -13.34
N LEU A 194 -33.50 -3.23 -12.64
CA LEU A 194 -32.58 -3.21 -11.52
C LEU A 194 -33.35 -3.47 -10.22
N LYS A 195 -33.06 -4.63 -9.60
CA LYS A 195 -33.70 -5.02 -8.36
C LYS A 195 -32.71 -5.06 -7.21
N PRO A 196 -33.07 -4.48 -6.05
CA PRO A 196 -32.26 -4.38 -4.83
C PRO A 196 -31.79 -5.70 -4.26
N LEU A 197 -30.64 -5.66 -3.58
CA LEU A 197 -30.04 -6.84 -2.99
C LEU A 197 -30.08 -6.85 -1.48
N THR A 198 -29.87 -8.02 -0.90
CA THR A 198 -29.84 -8.17 0.56
C THR A 198 -28.93 -9.31 0.97
N ALA A 199 -28.66 -9.40 2.26
CA ALA A 199 -27.76 -10.42 2.78
C ALA A 199 -28.18 -11.79 2.32
N ASP A 200 -27.18 -12.63 2.15
CA ASP A 200 -27.38 -13.98 1.69
C ASP A 200 -27.10 -14.95 2.85
N TYR A 201 -27.15 -16.24 2.56
CA TYR A 201 -26.85 -17.23 3.58
C TYR A 201 -25.39 -17.62 3.39
N ASP A 202 -24.52 -17.24 4.31
CA ASP A 202 -23.14 -17.60 4.14
C ASP A 202 -22.87 -18.90 4.89
N LEU A 203 -22.45 -19.93 4.15
CA LEU A 203 -22.13 -21.21 4.80
C LEU A 203 -20.80 -21.16 5.55
N PHE A 204 -20.83 -21.49 6.83
CA PHE A 204 -19.60 -21.50 7.61
C PHE A 204 -18.77 -22.73 7.24
N ALA A 205 -19.44 -23.86 7.10
CA ALA A 205 -18.76 -25.09 6.75
C ALA A 205 -19.77 -26.21 6.47
N LEU A 206 -19.39 -27.11 5.56
CA LEU A 206 -20.20 -28.26 5.20
C LEU A 206 -19.48 -29.55 5.59
N ALA A 207 -20.02 -30.29 6.56
CA ALA A 207 -19.38 -31.53 6.99
C ALA A 207 -20.23 -32.75 6.61
N PRO A 208 -19.84 -33.46 5.54
CA PRO A 208 -20.56 -34.64 5.07
C PRO A 208 -20.02 -35.90 5.71
N SER A 209 -20.80 -36.96 5.64
CA SER A 209 -20.40 -38.24 6.18
C SER A 209 -19.40 -38.87 5.23
N LEU A 210 -18.41 -39.55 5.76
CA LEU A 210 -17.43 -40.19 4.90
C LEU A 210 -18.12 -41.02 3.82
N THR A 211 -19.15 -41.76 4.22
CA THR A 211 -19.90 -42.58 3.29
C THR A 211 -20.45 -41.70 2.16
N GLU A 212 -21.13 -40.63 2.52
CA GLU A 212 -21.68 -39.73 1.52
C GLU A 212 -20.61 -39.34 0.50
N ILE A 213 -19.38 -39.25 0.97
CA ILE A 213 -18.28 -38.91 0.07
C ILE A 213 -18.01 -40.07 -0.87
N LYS A 214 -18.14 -41.28 -0.35
CA LYS A 214 -17.94 -42.50 -1.13
C LYS A 214 -18.79 -42.43 -2.40
N LYS A 215 -20.06 -42.08 -2.25
CA LYS A 215 -20.96 -41.98 -3.39
C LYS A 215 -20.42 -41.05 -4.47
N GLN A 216 -19.41 -40.28 -4.11
CA GLN A 216 -18.84 -39.34 -5.05
C GLN A 216 -17.80 -40.07 -5.92
N ILE A 217 -17.17 -41.09 -5.34
CA ILE A 217 -16.15 -41.89 -6.03
C ILE A 217 -16.74 -42.84 -7.03
N PRO A 218 -16.22 -42.84 -8.25
CA PRO A 218 -16.77 -43.75 -9.27
C PRO A 218 -16.54 -45.21 -8.92
N GLN A 219 -17.62 -46.00 -8.87
CA GLN A 219 -17.48 -47.46 -8.68
C GLN A 219 -16.34 -48.15 -9.48
N LYS A 220 -16.10 -48.29 -10.77
CA LYS A 220 -14.80 -49.05 -10.96
C LYS A 220 -13.38 -48.29 -10.64
N GLU A 221 -13.21 -46.86 -10.48
CA GLU A 221 -11.96 -46.14 -10.24
C GLU A 221 -11.48 -46.42 -8.83
N TRP A 222 -12.41 -46.85 -7.97
CA TRP A 222 -12.10 -47.15 -6.59
C TRP A 222 -11.64 -48.59 -6.50
N ASP A 223 -12.33 -49.46 -7.22
CA ASP A 223 -11.97 -50.87 -7.20
C ASP A 223 -10.55 -51.06 -7.67
N LYS A 224 -10.12 -50.23 -8.61
CA LYS A 224 -8.76 -50.29 -9.17
C LYS A 224 -7.72 -49.92 -8.12
N VAL A 225 -8.17 -49.75 -6.89
CA VAL A 225 -7.30 -49.40 -5.78
C VAL A 225 -7.59 -50.43 -4.71
N VAL A 226 -8.83 -50.47 -4.28
CA VAL A 226 -9.29 -51.40 -3.27
C VAL A 226 -8.63 -52.74 -3.58
N ASN A 227 -8.85 -53.20 -4.80
CA ASN A 227 -8.30 -54.46 -5.28
C ASN A 227 -6.89 -54.29 -5.82
N THR A 228 -5.92 -54.23 -4.93
CA THR A 228 -4.52 -54.10 -5.32
C THR A 228 -3.70 -54.90 -4.31
N PRO A 229 -2.99 -55.92 -4.78
CA PRO A 229 -2.17 -56.78 -3.93
C PRO A 229 -1.37 -55.98 -2.93
N ASN A 230 -0.56 -55.06 -3.45
CA ASN A 230 0.29 -54.21 -2.62
C ASN A 230 -0.54 -53.55 -1.52
N SER A 231 0.12 -53.03 -0.49
CA SER A 231 -0.56 -52.37 0.62
C SER A 231 -0.19 -50.90 0.71
N LEU A 232 1.09 -50.61 0.55
CA LEU A 232 1.54 -49.23 0.62
C LEU A 232 0.93 -48.40 -0.50
N GLU A 233 1.22 -48.75 -1.75
CA GLU A 233 0.69 -48.02 -2.90
C GLU A 233 -0.84 -48.07 -2.99
N LYS A 234 -1.46 -48.75 -2.03
CA LYS A 234 -2.91 -48.87 -1.97
C LYS A 234 -3.40 -47.75 -1.03
N GLN A 235 -2.95 -47.84 0.22
CA GLN A 235 -3.27 -46.89 1.28
C GLN A 235 -3.07 -45.48 0.75
N LYS A 236 -2.29 -45.39 -0.32
CA LYS A 236 -1.99 -44.12 -0.95
C LYS A 236 -3.16 -43.78 -1.87
N GLY A 237 -3.40 -44.61 -2.85
CA GLY A 237 -4.48 -44.37 -3.77
C GLY A 237 -5.83 -44.30 -3.09
N VAL A 238 -5.95 -44.91 -1.92
CA VAL A 238 -7.22 -44.84 -1.21
C VAL A 238 -7.35 -43.44 -0.63
N THR A 239 -6.21 -42.90 -0.19
CA THR A 239 -6.16 -41.55 0.36
C THR A 239 -6.32 -40.52 -0.74
N ASN A 240 -5.57 -40.69 -1.81
CA ASN A 240 -5.65 -39.79 -2.94
C ASN A 240 -7.05 -39.78 -3.51
N LEU A 241 -7.82 -40.83 -3.25
CA LEU A 241 -9.18 -40.93 -3.78
C LEU A 241 -10.14 -40.15 -2.88
N LEU A 242 -9.74 -40.03 -1.62
CA LEU A 242 -10.49 -39.29 -0.65
C LEU A 242 -10.29 -37.84 -1.04
N ILE A 243 -9.03 -37.45 -1.19
CA ILE A 243 -8.67 -36.09 -1.58
C ILE A 243 -9.45 -35.63 -2.81
N LYS A 244 -9.10 -36.16 -3.97
CA LYS A 244 -9.73 -35.81 -5.24
C LYS A 244 -11.24 -35.58 -5.18
N TYR A 245 -11.98 -36.55 -4.66
CA TYR A 245 -13.43 -36.47 -4.60
C TYR A 245 -14.01 -35.91 -3.31
N GLY A 246 -13.22 -35.95 -2.24
CA GLY A 246 -13.70 -35.41 -0.98
C GLY A 246 -13.07 -34.10 -0.56
N ILE A 247 -11.74 -34.08 -0.44
CA ILE A 247 -11.02 -32.91 0.01
C ILE A 247 -10.76 -31.73 -0.92
N GLU A 248 -10.08 -31.98 -2.02
CA GLU A 248 -9.69 -30.94 -2.97
C GLU A 248 -10.77 -29.95 -3.38
N ARG A 249 -10.39 -28.68 -3.50
CA ARG A 249 -11.33 -27.63 -3.91
C ARG A 249 -10.77 -26.75 -5.01
N LYS A 250 -11.64 -26.09 -5.76
CA LYS A 250 -11.15 -25.25 -6.84
C LYS A 250 -11.92 -23.95 -7.03
N PRO A 251 -11.23 -22.90 -7.47
CA PRO A 251 -11.88 -21.61 -7.69
C PRO A 251 -12.84 -21.59 -8.87
N ASP A 252 -14.13 -21.60 -8.56
CA ASP A 252 -15.16 -21.53 -9.59
C ASP A 252 -15.26 -20.07 -10.01
N SER A 253 -15.90 -19.82 -11.14
CA SER A 253 -16.07 -18.46 -11.63
C SER A 253 -16.74 -17.51 -10.65
N THR A 254 -18.00 -17.79 -10.30
CA THR A 254 -18.75 -16.93 -9.40
C THR A 254 -19.09 -17.55 -8.06
N LYS A 255 -18.81 -18.84 -7.90
CA LYS A 255 -19.13 -19.51 -6.66
C LYS A 255 -17.94 -19.52 -5.72
N GLY A 256 -16.92 -18.73 -6.05
CA GLY A 256 -15.73 -18.65 -5.23
C GLY A 256 -15.02 -19.97 -5.19
N THR A 257 -14.24 -20.19 -4.14
CA THR A 257 -13.51 -21.44 -4.03
C THR A 257 -14.27 -22.46 -3.24
N LEU A 258 -14.75 -23.50 -3.91
CA LEU A 258 -15.47 -24.61 -3.26
C LEU A 258 -15.10 -25.89 -3.97
N SER A 259 -15.54 -27.02 -3.42
CA SER A 259 -15.25 -28.32 -4.00
C SER A 259 -16.40 -28.68 -4.92
N ASN A 260 -16.38 -29.91 -5.44
CA ASN A 260 -17.45 -30.36 -6.32
C ASN A 260 -18.66 -30.86 -5.56
N TRP A 261 -18.46 -31.66 -4.50
CA TRP A 261 -19.62 -32.11 -3.77
C TRP A 261 -20.33 -30.89 -3.20
N GLN A 262 -19.53 -29.91 -2.78
CA GLN A 262 -20.06 -28.67 -2.23
C GLN A 262 -20.91 -27.97 -3.28
N LYS A 263 -20.46 -27.99 -4.54
CA LYS A 263 -21.23 -27.36 -5.60
C LYS A 263 -22.62 -27.96 -5.66
N GLN A 264 -22.69 -29.30 -5.59
CA GLN A 264 -23.96 -30.00 -5.64
C GLN A 264 -24.80 -29.57 -4.46
N MET A 265 -24.28 -29.84 -3.26
CA MET A 265 -24.93 -29.47 -2.01
C MET A 265 -25.46 -28.07 -2.08
N LEU A 266 -24.68 -27.20 -2.71
CA LEU A 266 -25.07 -25.82 -2.84
C LEU A 266 -26.41 -25.80 -3.57
N ASP A 267 -26.44 -26.36 -4.77
CA ASP A 267 -27.66 -26.39 -5.56
C ASP A 267 -28.86 -27.02 -4.85
N ARG A 268 -28.63 -28.07 -4.07
CA ARG A 268 -29.74 -28.70 -3.38
C ARG A 268 -30.36 -27.65 -2.47
N LEU A 269 -29.51 -26.89 -1.78
CA LEU A 269 -29.95 -25.86 -0.87
C LEU A 269 -30.78 -24.80 -1.54
N ASN A 270 -30.30 -24.29 -2.66
CA ASN A 270 -31.06 -23.26 -3.34
C ASN A 270 -32.34 -23.86 -3.86
N GLU A 271 -32.28 -25.12 -4.26
CA GLU A 271 -33.44 -25.83 -4.77
C GLU A 271 -34.47 -25.85 -3.65
N ALA A 272 -34.07 -26.41 -2.53
CA ALA A 272 -34.92 -26.53 -1.37
C ALA A 272 -35.73 -25.27 -1.08
N VAL A 273 -35.08 -24.12 -0.99
CA VAL A 273 -35.81 -22.89 -0.67
C VAL A 273 -36.72 -22.42 -1.79
N LYS A 274 -36.46 -22.84 -3.03
CA LYS A 274 -37.31 -22.42 -4.13
C LYS A 274 -38.58 -23.23 -4.10
N TYR A 275 -38.52 -24.44 -3.57
CA TYR A 275 -39.72 -25.23 -3.50
C TYR A 275 -40.66 -24.58 -2.49
N THR A 276 -40.09 -23.87 -1.52
CA THR A 276 -40.89 -23.21 -0.51
C THR A 276 -41.48 -21.90 -1.03
N GLY A 277 -40.96 -21.42 -2.15
CA GLY A 277 -41.51 -20.19 -2.70
C GLY A 277 -40.54 -19.06 -2.95
N TYR A 278 -39.32 -19.17 -2.42
CA TYR A 278 -38.34 -18.10 -2.63
C TYR A 278 -38.18 -17.85 -4.12
N THR A 279 -38.58 -16.67 -4.56
CA THR A 279 -38.49 -16.31 -5.97
C THR A 279 -37.33 -15.38 -6.30
N GLY A 280 -36.50 -15.07 -5.31
CA GLY A 280 -35.38 -14.18 -5.52
C GLY A 280 -34.20 -14.79 -6.24
N GLY A 281 -34.11 -16.12 -6.24
CA GLY A 281 -33.01 -16.78 -6.91
C GLY A 281 -32.26 -17.61 -5.90
N ASP A 282 -30.94 -17.48 -5.86
CA ASP A 282 -30.16 -18.23 -4.90
C ASP A 282 -30.09 -17.52 -3.55
N VAL A 283 -30.01 -18.30 -2.49
CA VAL A 283 -29.96 -17.78 -1.15
C VAL A 283 -28.54 -18.08 -0.63
N VAL A 284 -27.90 -19.04 -1.27
CA VAL A 284 -26.53 -19.45 -0.96
C VAL A 284 -25.77 -19.20 -2.26
N ASN A 285 -24.75 -18.33 -2.23
CA ASN A 285 -24.07 -18.01 -3.47
C ASN A 285 -22.63 -18.39 -3.70
N HIS A 286 -22.01 -19.19 -2.84
CA HIS A 286 -20.65 -19.53 -3.07
C HIS A 286 -20.12 -20.49 -2.09
N GLY A 287 -18.90 -20.82 -2.41
CA GLY A 287 -18.17 -21.67 -1.60
C GLY A 287 -18.48 -21.26 -0.19
N THR A 288 -17.90 -22.03 0.68
CA THR A 288 -18.08 -21.82 2.09
C THR A 288 -16.94 -20.96 2.72
N GLU A 289 -17.04 -20.71 4.09
CA GLU A 289 -16.07 -19.87 4.85
C GLU A 289 -14.70 -20.51 5.04
N GLN A 290 -14.62 -21.82 5.32
CA GLN A 290 -13.33 -22.46 5.49
C GLN A 290 -12.40 -22.34 4.29
N ASP A 291 -12.88 -21.71 3.22
CA ASP A 291 -12.07 -21.52 2.04
C ASP A 291 -11.90 -20.03 1.79
N ASN A 292 -12.45 -19.24 2.69
CA ASN A 292 -12.37 -17.80 2.60
C ASN A 292 -11.09 -17.46 3.37
N GLU A 293 -9.96 -17.75 2.72
CA GLU A 293 -8.63 -17.56 3.30
C GLU A 293 -8.04 -16.15 3.34
N GLU A 294 -8.51 -15.25 2.48
CA GLU A 294 -7.97 -13.90 2.46
C GLU A 294 -8.58 -12.93 3.45
N PHE A 295 -9.88 -13.04 3.68
CA PHE A 295 -10.55 -12.15 4.61
C PHE A 295 -11.44 -12.98 5.49
N PRO A 296 -10.84 -13.78 6.39
CA PRO A 296 -11.68 -14.59 7.26
C PRO A 296 -12.45 -13.80 8.29
N GLU A 297 -13.73 -14.14 8.44
CA GLU A 297 -14.60 -13.51 9.44
C GLU A 297 -14.66 -14.50 10.62
N LYS A 298 -14.46 -14.02 11.84
CA LYS A 298 -14.54 -14.89 13.00
C LYS A 298 -15.83 -14.55 13.74
N ASP A 299 -16.91 -15.26 13.46
CA ASP A 299 -18.18 -14.99 14.13
C ASP A 299 -18.31 -15.69 15.46
N ASN A 300 -19.11 -15.13 16.34
CA ASN A 300 -19.30 -15.74 17.65
C ASN A 300 -20.29 -16.90 17.56
N GLU A 301 -21.47 -16.64 17.04
CA GLU A 301 -22.49 -17.70 16.93
C GLU A 301 -22.62 -18.39 15.57
N ILE A 302 -22.43 -19.71 15.55
CA ILE A 302 -22.55 -20.51 14.35
C ILE A 302 -23.86 -21.25 14.47
N PHE A 303 -24.58 -21.40 13.37
CA PHE A 303 -25.84 -22.12 13.35
C PHE A 303 -25.60 -23.45 12.66
N ILE A 304 -25.79 -24.52 13.42
CA ILE A 304 -25.57 -25.86 12.90
C ILE A 304 -26.83 -26.69 12.81
N ILE A 305 -26.97 -27.44 11.74
CA ILE A 305 -28.09 -28.33 11.52
C ILE A 305 -27.44 -29.69 11.34
N ASN A 306 -27.60 -30.59 12.30
CA ASN A 306 -26.98 -31.90 12.21
C ASN A 306 -27.77 -32.85 11.34
N PRO A 307 -27.11 -33.92 10.85
CA PRO A 307 -27.75 -34.91 9.98
C PRO A 307 -29.04 -35.48 10.58
N GLU A 308 -29.30 -35.16 11.85
CA GLU A 308 -30.52 -35.60 12.51
C GLU A 308 -31.64 -34.66 12.07
N GLY A 309 -31.29 -33.38 11.90
CA GLY A 309 -32.26 -32.38 11.50
C GLY A 309 -32.52 -31.43 12.65
N GLU A 310 -31.69 -31.52 13.69
CA GLU A 310 -31.83 -30.66 14.84
C GLU A 310 -31.11 -29.33 14.64
N PHE A 311 -31.47 -28.34 15.46
CA PHE A 311 -30.87 -27.02 15.37
C PHE A 311 -30.00 -26.68 16.57
N ILE A 312 -28.76 -26.34 16.33
CA ILE A 312 -27.85 -26.01 17.41
C ILE A 312 -27.20 -24.68 17.09
N LEU A 313 -26.98 -23.85 18.10
CA LEU A 313 -26.32 -22.57 17.86
C LEU A 313 -25.19 -22.37 18.86
N THR A 314 -23.96 -22.57 18.41
CA THR A 314 -22.82 -22.40 19.29
C THR A 314 -22.87 -20.98 19.82
N LYS A 315 -22.47 -20.81 21.08
CA LYS A 315 -22.48 -19.51 21.74
C LYS A 315 -21.24 -18.66 21.47
N ASN A 316 -20.09 -19.30 21.34
CA ASN A 316 -18.87 -18.56 21.12
C ASN A 316 -17.80 -19.38 20.41
N TRP A 317 -16.93 -18.72 19.66
CA TRP A 317 -15.88 -19.38 18.91
C TRP A 317 -15.29 -20.55 19.63
N GLU A 318 -14.84 -20.36 20.84
CA GLU A 318 -14.23 -21.48 21.55
C GLU A 318 -15.17 -22.66 21.54
N MET A 319 -16.46 -22.38 21.73
CA MET A 319 -17.48 -23.43 21.75
C MET A 319 -17.65 -24.07 20.38
N THR A 320 -17.80 -23.25 19.34
CA THR A 320 -17.94 -23.77 17.99
C THR A 320 -16.81 -24.76 17.72
N GLY A 321 -15.66 -24.52 18.32
CA GLY A 321 -14.55 -25.41 18.10
C GLY A 321 -14.78 -26.78 18.71
N ARG A 322 -15.34 -26.77 19.90
CA ARG A 322 -15.63 -27.99 20.62
C ARG A 322 -16.65 -28.81 19.87
N PHE A 323 -17.74 -28.16 19.55
CA PHE A 323 -18.79 -28.84 18.85
C PHE A 323 -18.22 -29.58 17.67
N ILE A 324 -17.51 -28.87 16.81
CA ILE A 324 -16.93 -29.47 15.62
C ILE A 324 -16.02 -30.62 15.96
N GLU A 325 -15.30 -30.49 17.06
CA GLU A 325 -14.38 -31.53 17.48
C GLU A 325 -15.10 -32.78 17.95
N LYS A 326 -15.93 -32.61 18.96
CA LYS A 326 -16.68 -33.73 19.51
C LYS A 326 -17.66 -34.42 18.58
N ASN A 327 -18.36 -33.67 17.75
CA ASN A 327 -19.35 -34.27 16.86
C ASN A 327 -19.07 -34.37 15.37
N ILE A 328 -17.93 -33.89 14.91
CA ILE A 328 -17.64 -33.95 13.48
C ILE A 328 -16.25 -34.46 13.17
N THR A 329 -15.25 -33.65 13.38
CA THR A 329 -13.88 -34.05 13.10
C THR A 329 -13.41 -35.24 13.92
N GLY A 330 -14.25 -35.70 14.84
CA GLY A 330 -13.89 -36.83 15.66
C GLY A 330 -14.91 -37.95 15.56
N LYS A 331 -15.82 -37.81 14.61
CA LYS A 331 -16.89 -38.78 14.40
C LYS A 331 -17.09 -39.20 12.94
N ASP A 332 -16.03 -39.59 12.24
CA ASP A 332 -16.16 -40.03 10.85
C ASP A 332 -16.91 -39.09 9.92
N TYR A 333 -16.54 -37.82 9.88
CA TYR A 333 -17.18 -36.88 8.97
C TYR A 333 -16.09 -36.08 8.27
N LEU A 334 -16.30 -35.76 7.01
CA LEU A 334 -15.28 -35.02 6.28
C LEU A 334 -15.26 -33.57 6.73
N TYR A 335 -14.08 -33.09 7.11
CA TYR A 335 -13.95 -31.71 7.56
C TYR A 335 -12.54 -31.15 7.45
N TYR A 336 -12.45 -29.91 6.98
CA TYR A 336 -11.15 -29.27 6.89
C TYR A 336 -11.40 -27.85 7.33
N PHE A 337 -10.47 -27.27 8.10
CA PHE A 337 -10.59 -25.92 8.60
C PHE A 337 -9.79 -24.91 7.85
N ASN A 338 -10.33 -23.71 7.69
CA ASN A 338 -9.65 -22.63 6.98
C ASN A 338 -8.11 -22.64 7.11
N ARG A 339 -7.44 -22.70 5.97
CA ARG A 339 -5.98 -22.77 5.96
C ARG A 339 -5.30 -21.56 6.52
N SER A 340 -6.06 -20.48 6.70
CA SER A 340 -5.48 -19.25 7.24
C SER A 340 -5.45 -19.30 8.74
N TYR A 341 -6.31 -20.10 9.34
CA TYR A 341 -6.31 -20.17 10.78
C TYR A 341 -4.89 -20.41 11.23
N ASN A 342 -4.59 -19.87 12.40
CA ASN A 342 -3.27 -19.97 13.01
C ASN A 342 -2.18 -19.30 12.20
N LYS A 343 -2.59 -18.46 11.28
CA LYS A 343 -1.67 -17.71 10.46
C LYS A 343 -2.25 -16.32 10.35
N ILE A 344 -1.50 -15.41 9.74
CA ILE A 344 -2.03 -14.08 9.57
C ILE A 344 -2.71 -14.00 8.20
N ALA A 345 -4.03 -14.00 8.18
CA ALA A 345 -4.72 -13.93 6.90
C ALA A 345 -4.16 -12.75 6.15
N PRO A 346 -3.75 -12.93 4.90
CA PRO A 346 -3.18 -11.91 4.03
C PRO A 346 -4.06 -10.67 3.81
N GLY A 347 -5.32 -10.92 3.49
CA GLY A 347 -6.25 -9.85 3.20
C GLY A 347 -6.55 -8.85 4.28
N ASN A 348 -7.01 -9.32 5.43
CA ASN A 348 -7.39 -8.43 6.52
C ASN A 348 -6.51 -8.64 7.74
N LYS A 349 -5.41 -9.34 7.54
CA LYS A 349 -4.49 -9.57 8.63
C LYS A 349 -5.14 -10.21 9.83
N ALA A 350 -6.28 -10.86 9.62
CA ALA A 350 -6.95 -11.54 10.73
C ALA A 350 -6.08 -12.66 11.28
N TYR A 351 -6.19 -12.93 12.57
CA TYR A 351 -5.42 -14.03 13.14
C TYR A 351 -6.33 -14.96 13.94
N ILE A 352 -7.11 -15.78 13.24
CA ILE A 352 -8.03 -16.71 13.92
C ILE A 352 -7.35 -18.03 14.28
N GLU A 353 -7.39 -18.38 15.56
CA GLU A 353 -6.75 -19.60 16.01
C GLU A 353 -7.74 -20.75 16.00
N TRP A 354 -7.19 -21.94 15.82
CA TRP A 354 -7.97 -23.15 15.74
C TRP A 354 -7.07 -24.29 16.19
N THR A 355 -7.67 -25.33 16.74
CA THR A 355 -6.88 -26.45 17.24
C THR A 355 -6.39 -27.37 16.14
N ASP A 356 -5.07 -27.44 15.93
CA ASP A 356 -4.51 -28.30 14.89
C ASP A 356 -3.61 -29.41 15.44
N PRO A 357 -4.17 -30.61 15.65
CA PRO A 357 -3.50 -31.81 16.18
C PRO A 357 -2.06 -32.03 15.69
N ILE A 358 -1.82 -31.86 14.39
CA ILE A 358 -0.49 -32.05 13.86
C ILE A 358 0.54 -31.24 14.65
N THR A 359 0.27 -29.96 14.86
CA THR A 359 1.18 -29.12 15.63
C THR A 359 1.41 -29.69 16.99
N LYS A 360 0.33 -29.93 17.73
CA LYS A 360 0.42 -30.50 19.07
C LYS A 360 1.60 -31.47 19.21
N ALA A 361 1.69 -32.38 18.24
CA ALA A 361 2.72 -33.42 18.18
C ALA A 361 4.16 -32.95 17.92
N LYS A 362 4.28 -31.88 17.15
CA LYS A 362 5.57 -31.32 16.77
C LYS A 362 6.62 -31.45 17.86
N ILE A 363 6.23 -31.14 19.10
CA ILE A 363 7.14 -31.21 20.24
C ILE A 363 7.82 -32.55 20.43
N ASN A 364 7.12 -33.63 20.08
CA ASN A 364 7.67 -34.99 20.23
C ASN A 364 8.11 -35.59 18.90
N THR A 365 8.09 -34.82 17.83
CA THR A 365 8.43 -35.41 16.54
C THR A 365 9.58 -34.75 15.80
N ILE A 366 10.65 -35.50 15.55
CA ILE A 366 11.76 -34.90 14.82
C ILE A 366 11.26 -34.50 13.43
N PRO A 367 11.85 -33.45 12.85
CA PRO A 367 11.48 -32.91 11.53
C PRO A 367 12.17 -33.53 10.35
N THR A 368 11.56 -33.33 9.18
CA THR A 368 12.08 -33.81 7.91
C THR A 368 13.08 -32.75 7.43
N SER A 369 13.94 -33.08 6.47
CA SER A 369 14.91 -32.10 6.01
C SER A 369 14.20 -30.89 5.44
N ALA A 370 13.17 -31.11 4.61
CA ALA A 370 12.42 -30.00 4.04
C ALA A 370 12.07 -29.02 5.15
N GLU A 371 11.23 -29.45 6.10
CA GLU A 371 10.85 -28.57 7.19
C GLU A 371 12.11 -27.91 7.74
N PHE A 372 13.14 -28.71 8.03
CA PHE A 372 14.39 -28.18 8.57
C PHE A 372 14.97 -27.07 7.72
N ILE A 373 14.89 -27.24 6.40
CA ILE A 373 15.40 -26.22 5.48
C ILE A 373 14.44 -25.03 5.49
N LYS A 374 13.18 -25.31 5.18
CA LYS A 374 12.16 -24.29 5.18
C LYS A 374 12.10 -23.55 6.52
N ASN A 375 12.79 -24.06 7.53
CA ASN A 375 12.80 -23.38 8.83
C ASN A 375 13.98 -22.47 8.83
N LEU A 376 14.90 -22.73 7.91
CA LEU A 376 16.09 -21.94 7.78
C LEU A 376 15.80 -20.83 6.76
N SER A 377 14.75 -21.04 5.98
CA SER A 377 14.34 -20.03 5.02
C SER A 377 13.67 -18.94 5.83
N SER A 378 12.50 -19.26 6.39
CA SER A 378 11.74 -18.34 7.20
C SER A 378 12.49 -17.91 8.46
N ILE A 379 13.79 -18.16 8.48
CA ILE A 379 14.64 -17.78 9.61
C ILE A 379 15.69 -16.86 9.00
N ARG A 380 15.49 -16.58 7.71
CA ARG A 380 16.35 -15.71 6.93
C ARG A 380 15.61 -14.38 6.78
N ARG A 381 14.49 -14.21 7.50
CA ARG A 381 13.82 -12.98 7.36
C ARG A 381 14.71 -11.82 7.97
N SER A 382 15.87 -12.15 8.56
CA SER A 382 16.82 -11.20 9.16
C SER A 382 18.16 -11.90 9.49
N SER A 402 24.68 -22.53 9.12
CA SER A 402 24.94 -23.11 7.86
C SER A 402 25.82 -24.31 7.58
N VAL A 403 25.21 -25.53 7.76
CA VAL A 403 25.90 -26.98 7.52
C VAL A 403 24.96 -28.19 7.07
N LYS A 404 25.35 -28.98 6.07
CA LYS A 404 24.55 -30.09 5.50
C LYS A 404 24.36 -31.55 6.06
N LYS A 405 25.17 -32.11 6.98
CA LYS A 405 24.87 -33.49 7.41
C LYS A 405 23.58 -33.64 8.21
N ILE A 406 23.12 -32.52 8.77
CA ILE A 406 21.90 -32.54 9.58
C ILE A 406 20.65 -32.78 8.73
N ALA A 407 20.42 -31.92 7.75
CA ALA A 407 19.25 -32.10 6.90
C ALA A 407 19.31 -33.45 6.20
N GLY A 408 20.53 -33.91 5.94
CA GLY A 408 20.68 -35.21 5.32
C GLY A 408 20.18 -36.28 6.26
N TYR A 409 20.80 -36.36 7.43
CA TYR A 409 20.41 -37.34 8.44
C TYR A 409 18.91 -37.37 8.64
N LEU A 410 18.30 -36.21 8.80
CA LEU A 410 16.86 -36.14 8.98
C LEU A 410 16.19 -36.81 7.80
N SER A 411 16.84 -36.77 6.64
CA SER A 411 16.29 -37.40 5.45
C SER A 411 16.47 -38.92 5.56
N ASP A 412 17.45 -39.31 6.38
CA ASP A 412 17.74 -40.72 6.64
C ASP A 412 16.73 -41.28 7.63
N TYR A 413 16.36 -40.46 8.62
CA TYR A 413 15.40 -40.89 9.61
C TYR A 413 14.12 -41.29 8.92
N TYR A 414 13.61 -40.42 8.06
CA TYR A 414 12.39 -40.70 7.32
C TYR A 414 12.67 -41.33 5.97
N ASN A 415 13.03 -42.61 5.97
CA ASN A 415 13.30 -43.33 4.74
C ASN A 415 12.31 -44.48 4.51
N SER A 416 11.53 -44.39 3.45
CA SER A 416 10.56 -45.42 3.13
C SER A 416 11.20 -46.82 2.98
N ALA A 417 12.52 -46.86 2.89
CA ALA A 417 13.21 -48.14 2.77
C ALA A 417 12.91 -48.97 4.00
N ASN A 418 12.71 -48.30 5.12
CA ASN A 418 12.42 -48.99 6.37
C ASN A 418 11.23 -49.94 6.31
N HIS A 419 10.50 -49.95 5.20
CA HIS A 419 9.31 -50.78 5.07
C HIS A 419 9.60 -52.24 4.76
N ILE A 420 10.84 -52.66 4.98
CA ILE A 420 11.19 -54.04 4.73
C ILE A 420 11.79 -54.59 6.00
N PHE A 421 11.94 -53.73 7.00
CA PHE A 421 12.51 -54.15 8.28
C PHE A 421 11.44 -54.35 9.34
N SER A 422 11.86 -54.85 10.49
CA SER A 422 10.96 -55.10 11.59
C SER A 422 10.91 -53.91 12.52
N GLN A 423 9.76 -53.71 13.15
CA GLN A 423 9.61 -52.60 14.08
C GLN A 423 10.85 -52.58 14.95
N GLU A 424 11.13 -53.70 15.61
CA GLU A 424 12.30 -53.83 16.46
C GLU A 424 13.52 -53.25 15.75
N LYS A 425 13.64 -53.54 14.46
CA LYS A 425 14.76 -53.03 13.67
C LYS A 425 14.60 -51.53 13.52
N LYS A 426 13.45 -51.15 12.96
CA LYS A 426 13.11 -49.75 12.73
C LYS A 426 13.52 -48.84 13.89
N ARG A 427 12.92 -49.05 15.06
CA ARG A 427 13.25 -48.24 16.22
C ARG A 427 14.75 -48.10 16.36
N LYS A 428 15.45 -49.22 16.31
CA LYS A 428 16.91 -49.18 16.44
C LYS A 428 17.52 -48.24 15.41
N ILE A 429 17.43 -48.58 14.12
CA ILE A 429 18.01 -47.74 13.08
C ILE A 429 17.60 -46.28 13.20
N SER A 430 16.35 -46.05 13.57
CA SER A 430 15.83 -44.69 13.73
C SER A 430 16.45 -44.04 14.97
N ILE A 431 16.27 -44.69 16.11
CA ILE A 431 16.84 -44.18 17.37
C ILE A 431 18.26 -43.70 17.15
N PHE A 432 19.00 -44.44 16.34
CA PHE A 432 20.38 -44.09 16.05
C PHE A 432 20.40 -42.83 15.18
N ARG A 433 19.79 -42.92 14.02
CA ARG A 433 19.74 -41.80 13.07
C ARG A 433 19.41 -40.49 13.78
N GLY A 434 18.59 -40.58 14.82
CA GLY A 434 18.24 -39.39 15.58
C GLY A 434 19.44 -38.95 16.36
N ILE A 435 20.02 -39.88 17.12
CA ILE A 435 21.19 -39.58 17.90
C ILE A 435 22.29 -39.05 16.97
N GLN A 436 22.29 -39.51 15.73
CA GLN A 436 23.27 -39.04 14.78
C GLN A 436 23.09 -37.55 14.57
N ALA A 437 21.87 -37.16 14.21
CA ALA A 437 21.56 -35.75 13.97
C ALA A 437 21.75 -34.91 15.22
N TYR A 438 21.34 -35.43 16.37
CA TYR A 438 21.49 -34.72 17.62
C TYR A 438 22.95 -34.39 17.86
N ASN A 439 23.83 -35.06 17.13
CA ASN A 439 25.26 -34.85 17.27
C ASN A 439 25.69 -33.74 16.31
N GLU A 440 25.45 -33.96 15.03
CA GLU A 440 25.80 -32.98 14.00
C GLU A 440 25.16 -31.63 14.28
N ILE A 441 24.33 -31.58 15.32
CA ILE A 441 23.67 -30.34 15.73
C ILE A 441 24.40 -29.82 16.94
N GLU A 442 24.53 -30.67 17.95
CA GLU A 442 25.19 -30.31 19.19
C GLU A 442 26.54 -29.66 18.93
N ASN A 443 27.24 -30.13 17.91
CA ASN A 443 28.56 -29.57 17.60
C ASN A 443 28.49 -28.23 16.87
N VAL A 444 27.33 -27.91 16.27
CA VAL A 444 27.18 -26.63 15.60
C VAL A 444 27.11 -25.56 16.69
N LEU A 445 26.40 -25.88 17.76
CA LEU A 445 26.26 -24.97 18.89
C LEU A 445 27.56 -25.00 19.67
N LYS A 446 28.30 -26.09 19.55
CA LYS A 446 29.56 -26.26 20.26
C LYS A 446 30.59 -25.41 19.54
N SER A 447 30.14 -24.91 18.38
CA SER A 447 30.91 -24.15 17.41
C SER A 447 30.92 -22.66 17.37
N LYS A 448 29.88 -22.03 17.24
CA LYS A 448 30.00 -20.62 17.35
C LYS A 448 28.59 -20.28 17.61
N GLN A 449 28.43 -19.18 18.25
CA GLN A 449 27.14 -18.78 18.43
C GLN A 449 27.14 -18.39 16.95
N ILE A 450 26.00 -18.17 16.33
CA ILE A 450 26.03 -17.77 14.91
C ILE A 450 25.11 -16.64 14.66
N ALA A 451 23.97 -16.89 15.16
CA ALA A 451 22.87 -15.98 15.14
C ALA A 451 22.09 -16.32 16.40
N PRO A 452 21.70 -15.31 17.17
CA PRO A 452 20.94 -15.51 18.42
C PRO A 452 19.74 -16.44 18.26
N GLU A 453 18.94 -16.24 17.22
CA GLU A 453 17.76 -17.08 16.99
C GLU A 453 18.08 -18.46 16.41
N TYR A 454 19.19 -18.58 15.69
CA TYR A 454 19.58 -19.87 15.14
C TYR A 454 19.96 -20.78 16.30
N LYS A 455 20.48 -20.19 17.37
CA LYS A 455 20.86 -20.95 18.55
C LYS A 455 19.63 -21.63 19.12
N ASN A 456 18.56 -20.85 19.25
CA ASN A 456 17.30 -21.37 19.79
C ASN A 456 16.73 -22.47 18.91
N TYR A 457 16.80 -22.28 17.60
CA TYR A 457 16.27 -23.30 16.71
C TYR A 457 16.89 -24.65 17.02
N PHE A 458 18.18 -24.67 17.34
CA PHE A 458 18.85 -25.91 17.64
C PHE A 458 18.58 -26.41 19.05
N GLN A 459 18.41 -25.50 20.01
CA GLN A 459 18.11 -25.92 21.37
C GLN A 459 16.74 -26.58 21.30
N TYR A 460 15.99 -26.22 20.27
CA TYR A 460 14.65 -26.75 20.04
C TYR A 460 14.77 -28.12 19.39
N LEU A 461 15.41 -28.17 18.23
CA LEU A 461 15.60 -29.44 17.55
C LEU A 461 16.08 -30.44 18.58
N LYS A 462 17.15 -30.08 19.27
CA LYS A 462 17.70 -30.94 20.31
C LYS A 462 16.59 -31.58 21.12
N GLU A 463 15.80 -30.75 21.81
CA GLU A 463 14.71 -31.26 22.64
C GLU A 463 13.82 -32.22 21.88
N ARG A 464 13.40 -31.82 20.68
CA ARG A 464 12.58 -32.68 19.88
C ARG A 464 13.31 -34.00 19.68
N ILE A 465 14.41 -33.97 18.92
CA ILE A 465 15.19 -35.18 18.69
C ILE A 465 15.25 -35.98 19.98
N THR A 466 15.49 -35.30 21.09
CA THR A 466 15.55 -35.96 22.38
C THR A 466 14.26 -36.72 22.65
N ASN A 467 13.15 -35.99 22.73
CA ASN A 467 11.86 -36.61 23.00
C ASN A 467 11.55 -37.78 22.08
N GLN A 468 11.74 -37.59 20.78
CA GLN A 468 11.46 -38.65 19.83
C GLN A 468 12.21 -39.90 20.21
N VAL A 469 13.53 -39.78 20.30
CA VAL A 469 14.37 -40.90 20.66
C VAL A 469 13.87 -41.46 21.98
N GLN A 470 13.98 -40.68 23.04
CA GLN A 470 13.54 -41.14 24.35
C GLN A 470 12.19 -41.83 24.27
N LEU A 471 11.38 -41.46 23.29
CA LEU A 471 10.06 -42.04 23.12
C LEU A 471 10.17 -43.45 22.54
N LEU A 472 10.94 -43.60 21.47
CA LEU A 472 11.12 -44.88 20.83
C LEU A 472 11.70 -45.87 21.84
N LEU A 473 12.62 -45.39 22.67
CA LEU A 473 13.26 -46.23 23.67
C LEU A 473 12.27 -46.77 24.71
N THR A 474 11.44 -45.92 25.28
CA THR A 474 10.48 -46.39 26.30
C THR A 474 9.48 -47.24 25.57
N HIS A 475 9.51 -47.20 24.24
CA HIS A 475 8.66 -48.06 23.56
C HIS A 475 9.26 -49.47 23.74
N GLN A 476 10.55 -49.58 24.03
CA GLN A 476 11.21 -50.90 24.08
C GLN A 476 11.98 -51.21 25.31
N LYS A 477 12.84 -50.29 25.77
CA LYS A 477 13.62 -50.72 26.93
C LYS A 477 13.35 -49.83 28.13
N PHE A 482 17.77 -40.83 27.59
CA PHE A 482 18.47 -40.37 26.40
C PHE A 482 19.96 -40.11 26.67
N LYS A 483 20.25 -38.97 27.29
CA LYS A 483 21.63 -38.61 27.61
C LYS A 483 22.33 -39.75 28.33
N LEU A 484 21.59 -40.46 29.18
CA LEU A 484 22.13 -41.58 29.91
C LEU A 484 22.98 -42.42 28.97
N LEU A 485 22.39 -42.81 27.83
CA LEU A 485 23.07 -43.62 26.84
C LEU A 485 23.79 -42.77 25.78
N TYR A 486 24.02 -41.51 26.10
CA TYR A 486 24.69 -40.62 25.16
C TYR A 486 26.17 -40.45 25.51
N LYS A 487 26.53 -40.64 26.77
CA LYS A 487 27.91 -40.49 27.19
C LYS A 487 28.74 -41.63 26.61
N GLN A 488 28.10 -42.77 26.42
CA GLN A 488 28.77 -43.95 25.86
C GLN A 488 28.48 -44.15 24.37
N LEU A 489 29.19 -43.38 23.54
CA LEU A 489 29.05 -43.47 22.10
C LEU A 489 30.18 -42.71 21.41
N ASN A 490 30.43 -43.06 20.16
CA ASN A 490 31.53 -42.47 19.41
C ASN A 490 31.20 -41.24 18.56
N PHE A 491 32.22 -40.43 18.35
CA PHE A 491 32.13 -39.23 17.54
C PHE A 491 33.23 -39.32 16.49
N THR A 492 34.41 -39.61 17.03
CA THR A 492 35.77 -39.62 16.34
C THR A 492 36.28 -40.28 15.02
N GLU A 493 35.68 -41.28 14.42
CA GLU A 493 36.13 -41.98 13.18
C GLU A 493 34.82 -42.60 12.71
N ASN A 494 34.26 -42.13 11.57
CA ASN A 494 32.83 -42.26 10.95
C ASN A 494 31.94 -43.30 10.26
N GLU A 495 32.48 -44.46 9.79
CA GLU A 495 31.70 -45.46 9.02
C GLU A 495 30.90 -46.48 9.83
N THR A 496 30.58 -47.58 9.19
CA THR A 496 29.77 -48.60 9.84
C THR A 496 30.43 -49.17 11.10
N ASP A 497 30.91 -48.30 12.02
CA ASP A 497 31.60 -48.84 13.18
C ASP A 497 31.03 -48.28 14.47
N ASN A 498 30.85 -46.95 14.42
CA ASN A 498 30.28 -46.24 15.56
C ASN A 498 28.87 -46.79 15.80
N PHE A 499 28.35 -47.47 14.80
CA PHE A 499 27.03 -48.06 14.85
C PHE A 499 27.03 -49.44 15.50
N GLU A 500 28.22 -50.04 15.59
CA GLU A 500 28.35 -51.38 16.17
C GLU A 500 28.12 -51.40 17.67
N VAL A 501 28.78 -50.49 18.39
CA VAL A 501 28.64 -50.41 19.84
C VAL A 501 27.18 -50.23 20.23
N PHE A 502 26.53 -49.25 19.59
CA PHE A 502 25.12 -48.94 19.82
C PHE A 502 24.29 -50.22 19.90
N GLN A 503 24.37 -51.02 18.85
CA GLN A 503 23.64 -52.29 18.76
C GLN A 503 23.54 -52.97 20.11
N LYS A 504 24.69 -53.15 20.75
CA LYS A 504 24.77 -53.81 22.04
C LYS A 504 24.28 -52.95 23.19
N ILE A 505 24.52 -51.65 23.10
CA ILE A 505 24.13 -50.72 24.15
C ILE A 505 22.65 -50.79 24.48
N ILE A 506 21.81 -50.81 23.45
CA ILE A 506 20.36 -50.85 23.63
C ILE A 506 19.81 -52.10 24.31
N ASP A 507 20.59 -53.18 24.30
CA ASP A 507 20.17 -54.44 24.92
C ASP A 507 20.59 -54.49 26.38
N ASP B 3 16.38 24.80 33.25
CA ASP B 3 14.94 24.70 33.68
C ASP B 3 14.58 23.23 33.76
N VAL B 4 15.56 22.46 34.18
CA VAL B 4 15.41 21.03 34.25
C VAL B 4 15.29 20.52 35.68
N LEU B 5 14.51 19.47 35.88
CA LEU B 5 14.33 18.88 37.21
C LEU B 5 15.61 18.18 37.63
N LYS B 6 15.79 18.04 38.93
CA LYS B 6 16.97 17.38 39.45
C LYS B 6 16.69 16.41 40.57
N GLY B 7 17.56 15.41 40.70
CA GLY B 7 17.44 14.40 41.73
C GLY B 7 16.03 13.87 41.94
N GLU B 8 15.81 13.26 43.10
CA GLU B 8 14.53 12.71 43.55
C GLU B 8 13.36 13.07 42.61
N LYS B 9 13.06 14.36 42.52
CA LYS B 9 11.95 14.82 41.70
C LYS B 9 12.03 14.32 40.26
N ALA B 10 13.22 14.38 39.68
CA ALA B 10 13.45 13.93 38.32
C ALA B 10 13.35 12.41 38.23
N LEU B 11 14.03 11.72 39.14
CA LEU B 11 14.00 10.28 39.17
C LEU B 11 12.54 9.84 39.21
N LYS B 12 11.75 10.58 39.98
CA LYS B 12 10.34 10.30 40.11
C LYS B 12 9.64 10.26 38.75
N ALA B 13 10.00 11.22 37.89
CA ALA B 13 9.39 11.32 36.57
C ALA B 13 10.05 10.42 35.52
N SER B 14 11.25 9.94 35.83
CA SER B 14 11.97 9.12 34.88
C SER B 14 11.31 7.77 34.64
N GLY B 15 10.71 7.22 35.68
CA GLY B 15 10.07 5.92 35.55
C GLY B 15 10.99 4.76 35.91
N LEU B 16 12.29 5.00 36.02
CA LEU B 16 13.18 3.92 36.36
C LEU B 16 12.97 3.54 37.82
N VAL B 17 13.33 2.30 38.14
CA VAL B 17 13.21 1.82 39.48
C VAL B 17 14.35 2.49 40.23
N PRO B 18 14.02 3.25 41.29
CA PRO B 18 15.01 3.97 42.10
C PRO B 18 16.30 3.21 42.28
N GLU B 19 16.23 2.04 42.88
CA GLU B 19 17.42 1.22 43.11
C GLU B 19 18.24 1.12 41.83
N HIS B 20 17.56 0.87 40.73
CA HIS B 20 18.23 0.75 39.43
C HIS B 20 18.94 2.03 39.01
N ALA B 21 18.28 3.16 39.23
CA ALA B 21 18.86 4.44 38.87
C ALA B 21 20.11 4.64 39.71
N ASP B 22 19.96 4.53 41.04
CA ASP B 22 21.08 4.72 41.95
C ASP B 22 22.20 3.84 41.46
N ALA B 23 21.87 2.59 41.18
CA ALA B 23 22.84 1.64 40.70
C ALA B 23 23.52 2.15 39.44
N PHE B 24 22.80 2.94 38.65
CA PHE B 24 23.34 3.48 37.40
C PHE B 24 24.36 4.59 37.61
N LYS B 25 24.15 5.40 38.65
CA LYS B 25 25.10 6.48 38.96
C LYS B 25 26.48 5.89 38.93
N LYS B 26 26.61 4.75 39.57
CA LYS B 26 27.89 4.06 39.64
C LYS B 26 28.56 3.98 38.27
N ILE B 27 27.87 3.43 37.29
CA ILE B 27 28.44 3.27 35.95
C ILE B 27 28.68 4.57 35.19
N ALA B 28 27.78 5.52 35.39
CA ALA B 28 27.89 6.81 34.73
C ALA B 28 29.19 7.44 35.15
N ARG B 29 29.42 7.39 36.45
CA ARG B 29 30.61 7.96 37.08
C ARG B 29 31.89 7.25 36.69
N GLU B 30 31.93 5.98 37.08
CA GLU B 30 33.07 5.14 36.81
C GLU B 30 33.55 5.24 35.36
N LEU B 31 32.62 5.18 34.41
CA LEU B 31 32.97 5.26 33.01
C LEU B 31 32.93 6.65 32.40
N ASN B 32 32.72 7.66 33.25
CA ASN B 32 32.65 9.05 32.81
C ASN B 32 31.90 9.10 31.47
N THR B 33 30.59 8.92 31.56
CA THR B 33 29.76 8.89 30.37
C THR B 33 28.32 9.23 30.74
N TYR B 34 27.69 10.12 29.96
CA TYR B 34 26.31 10.51 30.22
C TYR B 34 25.41 9.39 29.77
N ILE B 35 24.37 9.14 30.57
CA ILE B 35 23.41 8.11 30.23
C ILE B 35 22.05 8.77 30.14
N LEU B 36 21.39 8.62 28.99
CA LEU B 36 20.08 9.22 28.80
C LEU B 36 19.01 8.18 28.45
N PHE B 37 17.93 8.17 29.24
CA PHE B 37 16.83 7.23 29.04
C PHE B 37 15.57 7.92 28.53
N ARG B 38 14.80 7.23 27.70
CA ARG B 38 13.53 7.77 27.23
C ARG B 38 12.57 7.46 28.36
N PRO B 39 11.42 8.12 28.42
CA PRO B 39 10.47 7.88 29.49
C PRO B 39 10.19 6.40 29.68
N VAL B 40 9.77 6.02 30.88
CA VAL B 40 9.43 4.62 31.16
C VAL B 40 8.03 4.59 31.75
N ASN B 41 7.15 3.74 31.19
CA ASN B 41 5.78 3.65 31.67
C ASN B 41 5.79 3.62 33.19
N LYS B 42 5.27 4.67 33.82
CA LYS B 42 5.29 4.71 35.28
C LYS B 42 4.58 3.51 35.88
N LEU B 43 3.46 3.10 35.29
CA LEU B 43 2.76 1.94 35.82
C LEU B 43 3.54 0.67 35.49
N ALA B 44 4.72 0.80 34.92
CA ALA B 44 5.52 -0.37 34.59
C ALA B 44 6.62 -0.53 35.62
N THR B 45 7.07 0.59 36.14
CA THR B 45 8.13 0.62 37.13
C THR B 45 8.06 -0.51 38.15
N ASN B 46 7.04 -0.51 39.00
CA ASN B 46 6.91 -1.55 40.00
C ASN B 46 7.02 -2.94 39.42
N LEU B 47 6.31 -3.21 38.34
CA LEU B 47 6.42 -4.54 37.76
C LEU B 47 7.89 -4.81 37.50
N ILE B 48 8.57 -3.89 36.83
CA ILE B 48 9.97 -4.11 36.56
C ILE B 48 10.67 -4.48 37.85
N LYS B 49 10.59 -3.60 38.84
CA LYS B 49 11.26 -3.86 40.10
C LYS B 49 11.00 -5.22 40.65
N SER B 50 9.76 -5.69 40.55
CA SER B 50 9.42 -7.00 41.08
C SER B 50 9.95 -8.10 40.17
N GLY B 51 10.95 -7.79 39.37
CA GLY B 51 11.53 -8.80 38.52
C GLY B 51 10.83 -9.29 37.25
N VAL B 52 9.84 -8.54 36.76
CA VAL B 52 9.17 -8.95 35.53
C VAL B 52 10.08 -8.71 34.34
N ALA B 53 10.00 -9.56 33.33
CA ALA B 53 10.84 -9.41 32.12
C ALA B 53 10.39 -8.26 31.23
N THR B 54 11.35 -7.66 30.51
CA THR B 54 11.03 -6.54 29.64
C THR B 54 11.01 -6.94 28.16
N LYS B 55 10.27 -6.19 27.35
CA LYS B 55 10.17 -6.49 25.94
C LYS B 55 11.33 -6.08 25.06
N GLY B 56 11.78 -7.02 24.25
CA GLY B 56 12.86 -6.76 23.31
C GLY B 56 12.31 -6.40 21.94
N LEU B 57 13.19 -6.29 20.95
CA LEU B 57 12.77 -5.92 19.62
C LEU B 57 11.85 -6.91 18.94
N ASN B 58 11.65 -8.07 19.54
CA ASN B 58 10.77 -9.03 18.91
C ASN B 58 9.34 -8.74 19.36
N VAL B 59 9.18 -7.73 20.19
CA VAL B 59 7.86 -7.34 20.68
C VAL B 59 7.70 -5.82 20.55
N HIS B 60 6.81 -5.41 19.65
CA HIS B 60 6.59 -4.00 19.41
C HIS B 60 5.25 -3.54 19.86
N GLY B 61 4.54 -4.35 20.63
CA GLY B 61 3.23 -3.93 21.06
C GLY B 61 3.43 -2.88 22.12
N LYS B 62 2.55 -1.92 22.21
CA LYS B 62 2.75 -0.90 23.22
C LYS B 62 2.16 -1.28 24.56
N SER B 63 2.87 -0.94 25.65
CA SER B 63 2.42 -1.24 27.00
C SER B 63 1.14 -0.50 27.33
N SER B 64 0.54 -0.84 28.46
CA SER B 64 -0.70 -0.16 28.85
C SER B 64 -0.45 0.69 30.07
N ASP B 65 -1.21 1.77 30.21
CA ASP B 65 -1.02 2.65 31.35
C ASP B 65 -2.33 2.96 32.05
N TRP B 66 -3.28 2.03 31.97
CA TRP B 66 -4.57 2.20 32.64
C TRP B 66 -5.21 0.86 32.77
N GLY B 67 -6.21 0.76 33.64
CA GLY B 67 -6.92 -0.50 33.82
C GLY B 67 -6.09 -1.61 34.43
N PRO B 68 -6.71 -2.72 34.77
CA PRO B 68 -6.00 -3.84 35.38
C PRO B 68 -4.76 -4.28 34.63
N VAL B 69 -4.79 -4.22 33.32
CA VAL B 69 -3.63 -4.65 32.55
C VAL B 69 -2.53 -3.61 32.48
N ALA B 70 -2.69 -2.55 33.26
CA ALA B 70 -1.71 -1.46 33.28
C ALA B 70 -0.32 -1.97 33.62
N GLY B 71 0.68 -1.57 32.84
CA GLY B 71 2.03 -2.00 33.09
C GLY B 71 2.45 -3.16 32.22
N TYR B 72 1.50 -3.94 31.76
CA TYR B 72 1.83 -5.09 30.91
C TYR B 72 1.68 -4.80 29.40
N ILE B 73 1.76 -5.84 28.56
CA ILE B 73 1.58 -5.63 27.11
C ILE B 73 0.32 -6.39 26.69
N PRO B 74 -0.83 -5.73 26.69
CA PRO B 74 -2.05 -6.43 26.30
C PRO B 74 -2.04 -6.84 24.84
N PHE B 75 -2.56 -8.04 24.58
CA PHE B 75 -2.60 -8.56 23.22
C PHE B 75 -3.55 -7.68 22.44
N ASP B 76 -4.63 -7.31 23.09
CA ASP B 76 -5.66 -6.48 22.50
C ASP B 76 -5.17 -5.06 22.74
N GLN B 77 -4.35 -4.54 21.82
CA GLN B 77 -3.77 -3.20 21.95
C GLN B 77 -4.71 -2.04 22.22
N ASP B 78 -6.03 -2.27 22.19
CA ASP B 78 -6.94 -1.18 22.52
C ASP B 78 -7.00 -1.12 24.02
N LEU B 79 -6.25 -1.99 24.67
CA LEU B 79 -6.23 -2.00 26.13
C LEU B 79 -4.91 -1.38 26.51
N SER B 80 -4.12 -0.98 25.51
CA SER B 80 -2.84 -0.38 25.82
C SER B 80 -2.99 1.12 25.95
N LYS B 81 -1.87 1.81 26.04
CA LYS B 81 -1.87 3.25 26.15
C LYS B 81 -2.47 3.84 24.87
N LYS B 82 -2.32 3.16 23.75
CA LYS B 82 -2.87 3.65 22.50
C LYS B 82 -4.36 3.52 22.45
N HIS B 83 -4.98 3.17 23.57
CA HIS B 83 -6.42 2.99 23.63
C HIS B 83 -7.14 4.07 22.88
N GLY B 84 -8.18 3.70 22.15
CA GLY B 84 -8.94 4.66 21.39
C GLY B 84 -8.31 5.26 20.12
N GLN B 85 -7.20 4.73 19.66
CA GLN B 85 -6.60 5.26 18.45
C GLN B 85 -6.56 4.20 17.37
N GLN B 86 -7.73 3.99 16.76
CA GLN B 86 -7.91 2.99 15.71
C GLN B 86 -6.65 2.57 14.94
N LEU B 87 -5.99 3.50 14.25
CA LEU B 87 -4.81 3.12 13.48
C LEU B 87 -3.69 2.53 14.35
N ALA B 88 -3.47 3.15 15.50
CA ALA B 88 -2.42 2.70 16.41
C ALA B 88 -2.75 1.33 16.99
N VAL B 89 -4.02 1.17 17.39
CA VAL B 89 -4.47 -0.10 17.91
C VAL B 89 -4.19 -1.15 16.84
N GLU B 90 -4.77 -0.94 15.67
CA GLU B 90 -4.58 -1.86 14.55
C GLU B 90 -3.12 -2.14 14.23
N LYS B 91 -2.31 -1.10 14.13
CA LYS B 91 -0.91 -1.32 13.84
C LYS B 91 -0.32 -2.10 15.02
N GLY B 92 -0.81 -1.80 16.21
CA GLY B 92 -0.30 -2.47 17.40
C GLY B 92 -0.60 -3.96 17.37
N ASN B 93 -1.85 -4.31 17.10
CA ASN B 93 -2.23 -5.71 17.05
C ASN B 93 -1.43 -6.48 16.00
N LEU B 94 -1.44 -5.99 14.77
CA LEU B 94 -0.70 -6.68 13.74
C LEU B 94 0.70 -7.03 14.30
N GLU B 95 1.28 -6.09 15.03
CA GLU B 95 2.61 -6.33 15.59
C GLU B 95 2.63 -7.49 16.54
N ASN B 96 1.58 -7.59 17.38
CA ASN B 96 1.48 -8.69 18.33
C ASN B 96 1.27 -9.99 17.57
N LYS B 97 0.31 -9.98 16.64
CA LYS B 97 0.05 -11.17 15.85
C LYS B 97 1.36 -11.65 15.27
N LYS B 98 2.15 -10.73 14.74
CA LYS B 98 3.42 -11.10 14.17
C LYS B 98 4.33 -11.68 15.23
N SER B 99 4.39 -11.04 16.39
CA SER B 99 5.27 -11.53 17.45
C SER B 99 4.89 -12.94 17.80
N ILE B 100 3.59 -13.20 17.81
CA ILE B 100 3.06 -14.53 18.13
C ILE B 100 3.39 -15.59 17.08
N THR B 101 3.31 -15.21 15.80
CA THR B 101 3.56 -16.17 14.73
C THR B 101 4.98 -16.27 14.20
N GLU B 102 5.59 -15.15 13.84
CA GLU B 102 6.96 -15.15 13.30
C GLU B 102 8.00 -15.50 14.36
N HIS B 103 7.55 -15.75 15.58
CA HIS B 103 8.46 -16.09 16.67
C HIS B 103 7.93 -17.18 17.57
N GLU B 104 7.10 -18.05 17.03
CA GLU B 104 6.51 -19.12 17.81
C GLU B 104 7.45 -19.70 18.87
N GLY B 105 6.85 -20.08 20.00
CA GLY B 105 7.62 -20.67 21.09
C GLY B 105 8.60 -19.70 21.73
N GLU B 106 8.85 -18.59 21.06
CA GLU B 106 9.76 -17.57 21.56
C GLU B 106 8.91 -16.61 22.38
N ILE B 107 7.85 -16.11 21.74
CA ILE B 107 6.91 -15.17 22.36
C ILE B 107 5.53 -15.76 22.28
N GLY B 108 4.69 -15.41 23.25
CA GLY B 108 3.35 -15.94 23.23
C GLY B 108 2.47 -15.04 24.05
N LYS B 109 1.25 -15.44 24.31
CA LYS B 109 0.38 -14.61 25.12
C LYS B 109 -0.19 -15.50 26.21
N ILE B 110 -0.58 -14.92 27.34
CA ILE B 110 -1.13 -15.69 28.45
C ILE B 110 -2.14 -14.87 29.22
N PRO B 111 -3.02 -15.50 29.98
CA PRO B 111 -4.00 -14.71 30.72
C PRO B 111 -3.34 -13.86 31.78
N LEU B 112 -3.87 -12.67 31.97
CA LEU B 112 -3.33 -11.74 32.95
C LEU B 112 -3.88 -12.12 34.32
N LYS B 113 -2.98 -12.30 35.28
CA LYS B 113 -3.37 -12.64 36.63
C LYS B 113 -2.90 -11.52 37.53
N LEU B 114 -3.81 -10.94 38.30
CA LEU B 114 -3.41 -9.86 39.18
C LEU B 114 -3.21 -10.41 40.58
N ASP B 115 -1.94 -10.45 40.95
CA ASP B 115 -1.53 -10.94 42.25
C ASP B 115 -2.14 -10.07 43.35
N HIS B 116 -2.33 -10.67 44.51
CA HIS B 116 -2.93 -9.98 45.66
C HIS B 116 -2.30 -8.61 45.91
N LEU B 117 -0.97 -8.53 45.82
CA LEU B 117 -0.25 -7.27 46.05
C LEU B 117 -0.47 -6.27 44.95
N ARG B 118 -0.47 -6.73 43.71
CA ARG B 118 -0.65 -5.85 42.55
C ARG B 118 -1.94 -5.07 42.60
N ILE B 119 -3.02 -5.73 42.98
CA ILE B 119 -4.31 -5.06 43.07
C ILE B 119 -4.13 -3.89 44.00
N GLU B 120 -3.47 -4.14 45.12
CA GLU B 120 -3.20 -3.12 46.11
C GLU B 120 -2.44 -1.97 45.49
N GLU B 121 -1.32 -2.30 44.81
CA GLU B 121 -0.51 -1.29 44.16
C GLU B 121 -1.40 -0.43 43.29
N LEU B 122 -2.24 -1.09 42.50
CA LEU B 122 -3.16 -0.40 41.60
C LEU B 122 -4.15 0.48 42.34
N LYS B 123 -4.63 0.01 43.48
CA LYS B 123 -5.57 0.81 44.25
C LYS B 123 -4.90 2.14 44.65
N GLU B 124 -3.67 2.09 45.14
CA GLU B 124 -2.98 3.33 45.54
C GLU B 124 -2.86 4.24 44.32
N ASN B 125 -2.17 3.79 43.31
CA ASN B 125 -2.02 4.60 42.09
C ASN B 125 -3.36 5.10 41.59
N GLY B 126 -4.45 4.61 42.15
CA GLY B 126 -5.77 5.02 41.72
C GLY B 126 -6.01 4.65 40.27
N ILE B 127 -5.81 3.37 39.93
CA ILE B 127 -6.01 2.88 38.57
C ILE B 127 -7.28 2.04 38.48
N ILE B 128 -7.49 1.17 39.45
CA ILE B 128 -8.67 0.33 39.48
C ILE B 128 -9.07 0.12 40.92
N LEU B 129 -10.30 -0.36 41.13
CA LEU B 129 -10.80 -0.61 42.47
C LEU B 129 -11.55 -1.93 42.53
N LYS B 130 -11.21 -2.77 43.51
CA LYS B 130 -11.89 -4.05 43.64
C LYS B 130 -13.29 -3.74 44.16
N GLY B 131 -14.30 -4.07 43.35
CA GLY B 131 -15.69 -3.78 43.72
C GLY B 131 -16.55 -4.92 44.21
N LYS B 132 -17.85 -4.84 43.90
CA LYS B 132 -18.83 -5.84 44.33
C LYS B 132 -18.53 -7.21 43.77
N LYS B 133 -19.04 -8.24 44.44
CA LYS B 133 -18.81 -9.60 43.99
C LYS B 133 -19.86 -9.97 42.95
N GLU B 134 -19.60 -11.05 42.24
CA GLU B 134 -20.49 -11.53 41.20
C GLU B 134 -20.30 -13.03 41.04
N ILE B 135 -21.38 -13.74 40.74
CA ILE B 135 -21.31 -15.20 40.54
C ILE B 135 -21.89 -15.50 39.14
N ASP B 136 -21.15 -16.18 38.30
CA ASP B 136 -21.64 -16.40 36.90
C ASP B 136 -22.04 -17.77 36.26
N ASN B 137 -21.51 -18.82 36.67
CA ASN B 137 -21.77 -20.20 36.28
C ASN B 137 -21.21 -20.54 37.62
N GLY B 138 -21.84 -21.27 38.51
CA GLY B 138 -21.10 -21.44 39.76
C GLY B 138 -19.68 -20.93 39.97
N LYS B 139 -19.31 -19.75 39.50
CA LYS B 139 -17.94 -19.22 39.65
C LYS B 139 -17.98 -17.85 40.24
N LYS B 140 -17.07 -17.64 41.18
CA LYS B 140 -16.98 -16.40 41.94
C LYS B 140 -16.08 -15.35 41.29
N TYR B 141 -16.62 -14.16 41.08
CA TYR B 141 -15.84 -13.08 40.51
C TYR B 141 -16.01 -11.83 41.32
N TYR B 142 -15.05 -10.93 41.19
CA TYR B 142 -15.08 -9.64 41.87
C TYR B 142 -14.83 -8.57 40.82
N LEU B 143 -15.78 -7.68 40.65
CA LEU B 143 -15.64 -6.61 39.69
C LEU B 143 -14.45 -5.75 40.01
N LEU B 144 -13.81 -5.22 38.97
CA LEU B 144 -12.68 -4.32 39.13
C LEU B 144 -13.10 -3.08 38.34
N GLU B 145 -13.20 -1.92 38.98
CA GLU B 145 -13.60 -0.73 38.19
C GLU B 145 -12.48 0.11 37.68
N SER B 146 -12.87 1.01 36.79
CA SER B 146 -11.98 1.96 36.20
C SER B 146 -12.90 3.01 35.60
N ASN B 147 -12.43 4.25 35.65
CA ASN B 147 -13.18 5.37 35.11
C ASN B 147 -13.33 5.23 33.61
N ASN B 148 -12.97 4.08 33.05
CA ASN B 148 -13.10 3.87 31.60
C ASN B 148 -14.58 3.69 31.26
N GLN B 149 -14.97 4.10 30.05
CA GLN B 149 -16.36 4.00 29.64
C GLN B 149 -16.69 2.91 28.63
N VAL B 150 -15.69 2.33 27.99
CA VAL B 150 -15.94 1.30 27.00
C VAL B 150 -15.92 -0.13 27.54
N TYR B 151 -14.95 -0.42 28.40
CA TYR B 151 -14.84 -1.76 28.94
C TYR B 151 -15.23 -1.91 30.39
N GLU B 152 -15.45 -3.15 30.79
CA GLU B 152 -15.83 -3.48 32.17
C GLU B 152 -14.93 -4.67 32.56
N PHE B 153 -14.32 -4.60 33.73
CA PHE B 153 -13.41 -5.66 34.15
C PHE B 153 -13.77 -6.37 35.44
N ARG B 154 -13.42 -7.65 35.53
CA ARG B 154 -13.67 -8.46 36.71
C ARG B 154 -12.51 -9.44 36.91
N ILE B 155 -12.39 -9.96 38.13
CA ILE B 155 -11.32 -10.90 38.37
C ILE B 155 -11.84 -12.17 39.04
N SER B 156 -11.29 -13.30 38.64
CA SER B 156 -11.69 -14.57 39.21
C SER B 156 -11.08 -14.74 40.61
N ASP B 157 -11.88 -15.25 41.53
CA ASP B 157 -11.43 -15.47 42.89
C ASP B 157 -10.54 -16.70 42.96
N GLU B 158 -10.85 -17.69 42.14
CA GLU B 158 -10.07 -18.92 42.13
C GLU B 158 -8.62 -18.77 41.69
N ASN B 159 -8.43 -18.55 40.39
CA ASN B 159 -7.10 -18.42 39.79
C ASN B 159 -6.61 -16.98 39.65
N ASN B 160 -7.45 -16.01 39.97
CA ASN B 160 -7.07 -14.60 39.87
C ASN B 160 -6.87 -14.10 38.43
N GLU B 161 -7.60 -14.69 37.50
CA GLU B 161 -7.52 -14.27 36.12
C GLU B 161 -8.47 -13.11 35.94
N VAL B 162 -8.07 -12.13 35.15
CA VAL B 162 -8.90 -10.96 34.91
C VAL B 162 -9.62 -11.13 33.58
N GLN B 163 -10.88 -10.75 33.53
CA GLN B 163 -11.62 -10.86 32.29
C GLN B 163 -12.24 -9.51 32.05
N TYR B 164 -12.60 -9.24 30.81
CA TYR B 164 -13.21 -7.95 30.47
C TYR B 164 -14.21 -8.12 29.36
N LYS B 165 -15.15 -7.19 29.27
CA LYS B 165 -16.16 -7.22 28.24
C LYS B 165 -16.52 -5.78 27.91
N THR B 166 -17.16 -5.58 26.76
CA THR B 166 -17.55 -4.23 26.39
C THR B 166 -18.84 -3.87 27.08
N LYS B 167 -18.95 -2.60 27.47
CA LYS B 167 -20.14 -2.12 28.16
C LYS B 167 -21.34 -2.19 27.22
N GLU B 168 -22.51 -2.04 27.82
CA GLU B 168 -23.78 -2.07 27.11
C GLU B 168 -23.84 -1.01 26.03
N GLY B 169 -24.28 -1.44 24.85
CA GLY B 169 -24.39 -0.54 23.73
C GLY B 169 -23.09 0.10 23.31
N LYS B 170 -22.06 0.00 24.13
CA LYS B 170 -20.78 0.60 23.77
C LYS B 170 -20.06 -0.17 22.68
N ILE B 171 -19.23 0.53 21.93
CA ILE B 171 -18.50 -0.12 20.88
C ILE B 171 -16.97 0.04 20.91
N THR B 172 -16.25 -1.01 20.58
CA THR B 172 -14.80 -0.94 20.56
C THR B 172 -14.38 0.02 19.46
N VAL B 173 -13.14 0.48 19.51
CA VAL B 173 -12.63 1.38 18.50
C VAL B 173 -12.73 0.66 17.17
N LEU B 174 -12.27 -0.58 17.14
CA LEU B 174 -12.30 -1.37 15.94
C LEU B 174 -13.72 -1.81 15.59
N GLY B 175 -14.68 -1.28 16.33
CA GLY B 175 -16.06 -1.65 16.07
C GLY B 175 -16.33 -3.10 16.40
N GLU B 176 -16.11 -3.44 17.66
CA GLU B 176 -16.33 -4.80 18.16
C GLU B 176 -17.22 -4.68 19.36
N LYS B 177 -17.66 -5.82 19.85
CA LYS B 177 -18.46 -5.85 21.05
C LYS B 177 -18.49 -7.32 21.41
N PHE B 178 -18.27 -7.60 22.68
CA PHE B 178 -18.22 -8.95 23.14
C PHE B 178 -18.47 -8.98 24.62
N ASN B 179 -18.75 -10.18 25.11
CA ASN B 179 -19.04 -10.37 26.51
C ASN B 179 -17.76 -10.71 27.28
N TRP B 180 -17.88 -11.24 28.46
CA TRP B 180 -16.78 -11.61 29.29
C TRP B 180 -15.76 -12.51 28.56
N ARG B 181 -14.48 -12.20 28.68
CA ARG B 181 -13.40 -13.00 28.11
C ARG B 181 -12.07 -12.57 28.72
N ASN B 182 -11.15 -13.53 28.80
CA ASN B 182 -9.85 -13.29 29.41
C ASN B 182 -9.03 -12.21 28.74
N ILE B 183 -8.20 -11.55 29.55
CA ILE B 183 -7.32 -10.52 29.05
C ILE B 183 -5.97 -11.17 28.80
N GLU B 184 -5.60 -11.37 27.57
CA GLU B 184 -4.31 -11.98 27.29
C GLU B 184 -3.20 -10.91 27.28
N VAL B 185 -1.99 -11.30 27.63
CA VAL B 185 -0.84 -10.41 27.66
C VAL B 185 0.37 -11.05 27.02
N MET B 186 1.16 -10.24 26.32
CA MET B 186 2.36 -10.73 25.66
C MET B 186 3.29 -11.31 26.70
N ALA B 187 3.90 -12.43 26.34
CA ALA B 187 4.83 -13.09 27.23
C ALA B 187 5.93 -13.73 26.42
N LYS B 188 7.03 -14.02 27.09
CA LYS B 188 8.15 -14.65 26.44
C LYS B 188 8.32 -16.00 27.08
N ASN B 189 8.99 -16.88 26.36
CA ASN B 189 9.23 -18.23 26.85
C ASN B 189 10.48 -18.26 27.71
N VAL B 190 10.31 -18.72 28.93
CA VAL B 190 11.43 -18.82 29.84
C VAL B 190 11.44 -20.23 30.45
N GLU B 191 12.43 -21.02 30.01
CA GLU B 191 12.59 -22.39 30.49
C GLU B 191 11.30 -23.18 30.29
N GLY B 192 10.74 -23.10 29.09
CA GLY B 192 9.53 -23.84 28.81
C GLY B 192 8.27 -23.23 29.41
N VAL B 193 8.44 -22.26 30.30
CA VAL B 193 7.28 -21.61 30.88
C VAL B 193 7.12 -20.23 30.28
N LEU B 194 5.87 -19.82 30.08
CA LEU B 194 5.55 -18.54 29.50
C LEU B 194 5.36 -17.50 30.59
N LYS B 195 6.28 -16.54 30.61
CA LYS B 195 6.26 -15.46 31.60
C LYS B 195 5.93 -14.11 30.94
N PRO B 196 5.03 -13.32 31.54
CA PRO B 196 4.58 -12.02 31.07
C PRO B 196 5.68 -10.98 30.93
N LEU B 197 5.46 -10.03 30.01
CA LEU B 197 6.43 -8.97 29.73
C LEU B 197 5.95 -7.61 30.17
N THR B 198 6.89 -6.68 30.25
CA THR B 198 6.59 -5.30 30.62
C THR B 198 7.57 -4.35 29.95
N ALA B 199 7.27 -3.06 30.03
CA ALA B 199 8.11 -2.04 29.44
C ALA B 199 9.55 -2.20 29.89
N ASP B 200 10.48 -2.00 28.97
CA ASP B 200 11.91 -2.11 29.29
C ASP B 200 12.47 -0.73 29.58
N TYR B 201 13.79 -0.62 29.58
CA TYR B 201 14.45 0.66 29.81
C TYR B 201 15.00 1.15 28.48
N ASP B 202 14.14 1.71 27.62
CA ASP B 202 14.59 2.23 26.33
C ASP B 202 15.59 3.40 26.54
N LEU B 203 16.84 3.19 26.15
CA LEU B 203 17.90 4.18 26.29
C LEU B 203 17.81 5.24 25.19
N PHE B 204 17.87 6.51 25.58
CA PHE B 204 17.82 7.58 24.60
C PHE B 204 19.15 7.75 23.89
N ALA B 205 20.20 7.97 24.67
CA ALA B 205 21.54 8.17 24.12
C ALA B 205 22.64 7.89 25.13
N LEU B 206 23.86 7.75 24.62
CA LEU B 206 25.02 7.50 25.47
C LEU B 206 26.17 8.39 25.01
N ALA B 207 26.68 9.24 25.90
CA ALA B 207 27.79 10.11 25.54
C ALA B 207 28.95 9.90 26.48
N PRO B 208 29.93 9.09 26.04
CA PRO B 208 31.14 8.76 26.81
C PRO B 208 32.22 9.85 26.80
N SER B 209 32.96 9.95 27.89
CA SER B 209 34.06 10.91 27.93
C SER B 209 34.99 10.58 26.76
N LEU B 210 35.33 11.58 25.96
CA LEU B 210 36.19 11.37 24.80
C LEU B 210 37.41 10.52 25.16
N THR B 211 37.81 10.58 26.43
CA THR B 211 38.95 9.81 26.88
C THR B 211 38.59 8.34 26.67
N GLU B 212 37.48 7.94 27.28
CA GLU B 212 36.97 6.57 27.20
C GLU B 212 37.08 5.87 25.85
N ILE B 213 36.75 6.57 24.77
CA ILE B 213 36.81 5.95 23.43
C ILE B 213 38.26 5.63 23.10
N LYS B 214 39.18 6.39 23.68
CA LYS B 214 40.62 6.17 23.48
C LYS B 214 40.92 4.82 24.12
N LYS B 215 40.59 4.72 25.40
CA LYS B 215 40.81 3.51 26.16
C LYS B 215 40.35 2.31 25.34
N GLN B 216 39.36 2.54 24.49
CA GLN B 216 38.81 1.48 23.65
C GLN B 216 39.78 1.03 22.59
N ILE B 217 40.59 1.96 22.08
CA ILE B 217 41.56 1.67 21.03
C ILE B 217 42.71 0.77 21.48
N PRO B 218 43.15 -0.14 20.61
CA PRO B 218 44.26 -1.02 20.99
C PRO B 218 45.55 -0.19 20.96
N GLN B 219 46.31 -0.23 22.06
CA GLN B 219 47.55 0.53 22.18
C GLN B 219 48.48 0.46 20.96
N LYS B 220 48.40 -0.64 20.22
CA LYS B 220 49.23 -0.83 19.04
C LYS B 220 48.74 0.02 17.87
N GLU B 221 47.59 -0.34 17.30
CA GLU B 221 47.01 0.36 16.16
C GLU B 221 47.05 1.87 16.34
N TRP B 222 47.06 2.32 17.59
CA TRP B 222 47.08 3.75 17.88
C TRP B 222 48.47 4.29 17.61
N ASP B 223 49.47 3.62 18.17
CA ASP B 223 50.85 4.03 18.00
C ASP B 223 51.28 4.18 16.53
N LYS B 224 50.98 3.19 15.70
CA LYS B 224 51.36 3.24 14.29
C LYS B 224 50.95 4.51 13.53
N VAL B 225 50.51 5.55 14.24
CA VAL B 225 50.12 6.78 13.59
C VAL B 225 50.27 8.02 14.46
N VAL B 226 50.42 7.83 15.76
CA VAL B 226 50.59 8.95 16.69
C VAL B 226 52.04 9.34 16.87
N ASN B 227 52.94 8.37 16.70
CA ASN B 227 54.38 8.61 16.84
C ASN B 227 54.97 9.21 15.56
N THR B 228 54.68 10.50 15.37
CA THR B 228 55.16 11.29 14.23
C THR B 228 55.10 10.66 12.82
N PRO B 229 54.03 9.91 12.51
CA PRO B 229 53.95 9.31 11.17
C PRO B 229 53.37 10.32 10.21
N ASN B 230 53.51 11.60 10.56
CA ASN B 230 53.00 12.73 9.80
C ASN B 230 53.89 13.15 8.64
N GLU B 233 48.74 9.67 7.00
CA GLU B 233 48.36 10.89 7.72
C GLU B 233 48.21 10.59 9.25
N LYS B 234 48.16 11.66 10.02
CA LYS B 234 48.01 11.65 11.43
C LYS B 234 46.71 12.41 11.73
N GLN B 235 46.75 13.63 11.19
CA GLN B 235 45.68 14.63 11.12
C GLN B 235 44.33 13.99 10.85
N LYS B 236 44.42 12.93 10.04
CA LYS B 236 43.25 12.15 9.64
C LYS B 236 43.42 10.73 10.20
N GLY B 237 44.58 10.46 10.79
CA GLY B 237 44.82 9.15 11.35
C GLY B 237 44.09 9.03 12.67
N VAL B 238 43.88 10.17 13.31
CA VAL B 238 43.19 10.18 14.58
C VAL B 238 41.69 10.05 14.32
N THR B 239 41.13 11.01 13.58
CA THR B 239 39.70 10.97 13.30
C THR B 239 39.22 9.56 12.95
N ASN B 240 40.01 8.82 12.16
CA ASN B 240 39.60 7.48 11.80
C ASN B 240 39.69 6.50 12.95
N LEU B 241 40.58 6.75 13.90
CA LEU B 241 40.67 5.86 15.04
C LEU B 241 39.60 6.32 16.00
N LEU B 242 38.94 7.41 15.64
CA LEU B 242 37.90 7.97 16.45
C LEU B 242 36.60 7.44 15.91
N ILE B 243 36.57 7.24 14.60
CA ILE B 243 35.39 6.75 13.93
C ILE B 243 35.14 5.28 14.17
N LYS B 244 36.09 4.46 13.75
CA LYS B 244 35.92 3.03 13.88
C LYS B 244 35.71 2.56 15.29
N TYR B 245 36.32 3.22 16.26
CA TYR B 245 36.14 2.76 17.64
C TYR B 245 35.27 3.67 18.51
N GLY B 246 34.64 4.67 17.90
CA GLY B 246 33.80 5.57 18.65
C GLY B 246 32.50 5.99 17.99
N ILE B 247 32.50 6.20 16.68
CA ILE B 247 31.28 6.62 16.01
C ILE B 247 30.56 5.51 15.28
N GLU B 248 31.32 4.60 14.68
CA GLU B 248 30.78 3.51 13.90
C GLU B 248 29.83 2.58 14.66
N ARG B 249 28.68 2.31 14.03
CA ARG B 249 27.63 1.44 14.57
C ARG B 249 27.28 0.42 13.50
N LYS B 250 26.70 -0.70 13.92
CA LYS B 250 26.32 -1.76 12.97
C LYS B 250 25.17 -2.55 13.55
N PRO B 251 24.42 -3.23 12.68
CA PRO B 251 23.30 -4.04 13.14
C PRO B 251 23.73 -5.12 14.12
N ASP B 252 22.74 -5.81 14.64
CA ASP B 252 22.88 -6.84 15.58
C ASP B 252 21.43 -7.11 15.67
N SER B 253 20.99 -8.34 15.85
CA SER B 253 19.54 -8.62 15.85
C SER B 253 18.87 -8.49 17.21
N THR B 254 19.30 -9.28 18.18
CA THR B 254 18.71 -9.21 19.53
C THR B 254 18.71 -7.77 20.02
N LYS B 255 19.84 -7.09 19.80
CA LYS B 255 19.97 -5.67 20.14
C LYS B 255 19.78 -5.14 18.73
N GLY B 256 19.62 -3.84 18.53
CA GLY B 256 19.42 -3.41 17.16
C GLY B 256 20.73 -2.89 16.63
N THR B 257 20.68 -1.79 15.90
CA THR B 257 21.89 -1.16 15.41
C THR B 257 22.51 -0.46 16.61
N LEU B 258 23.81 -0.64 16.82
CA LEU B 258 24.49 0.02 17.92
C LEU B 258 25.98 -0.08 17.75
N SER B 259 26.73 0.17 18.80
CA SER B 259 28.18 0.12 18.70
C SER B 259 28.84 -0.77 19.74
N ASN B 260 30.00 -1.31 19.37
CA ASN B 260 30.77 -2.19 20.23
C ASN B 260 30.79 -1.65 21.65
N TRP B 261 31.33 -0.44 21.82
CA TRP B 261 31.41 0.16 23.14
C TRP B 261 30.02 0.22 23.76
N GLN B 262 29.02 0.52 22.94
CA GLN B 262 27.64 0.60 23.42
C GLN B 262 27.18 -0.76 23.95
N LYS B 263 27.49 -1.79 23.17
CA LYS B 263 27.17 -3.16 23.52
C LYS B 263 27.70 -3.38 24.95
N GLN B 264 28.98 -3.16 25.13
CA GLN B 264 29.59 -3.33 26.45
C GLN B 264 28.80 -2.53 27.46
N MET B 265 28.73 -1.23 27.25
CA MET B 265 28.03 -0.32 28.13
C MET B 265 26.65 -0.88 28.51
N LEU B 266 26.12 -1.71 27.62
CA LEU B 266 24.81 -2.33 27.83
C LEU B 266 24.97 -3.28 28.99
N ASP B 267 25.83 -4.26 28.77
CA ASP B 267 26.15 -5.32 29.71
C ASP B 267 26.35 -4.80 31.13
N ARG B 268 27.20 -3.79 31.26
CA ARG B 268 27.45 -3.24 32.58
C ARG B 268 26.18 -2.69 33.20
N LEU B 269 25.36 -2.04 32.38
CA LEU B 269 24.11 -1.49 32.85
C LEU B 269 23.23 -2.60 33.37
N ASN B 270 23.11 -3.66 32.59
CA ASN B 270 22.31 -4.81 32.99
C ASN B 270 22.88 -5.40 34.27
N GLU B 271 24.10 -5.93 34.17
CA GLU B 271 24.75 -6.51 35.35
C GLU B 271 24.45 -5.57 36.50
N ALA B 272 24.92 -4.33 36.36
CA ALA B 272 24.70 -3.32 37.38
C ALA B 272 23.33 -3.37 38.06
N VAL B 273 22.30 -3.85 37.38
CA VAL B 273 20.97 -3.91 37.99
C VAL B 273 20.66 -5.19 38.73
N LYS B 274 21.25 -6.30 38.28
CA LYS B 274 21.04 -7.59 38.91
C LYS B 274 21.34 -7.40 40.39
N TYR B 275 22.53 -6.90 40.66
CA TYR B 275 22.96 -6.65 42.02
C TYR B 275 21.88 -6.12 42.96
N THR B 276 20.92 -5.36 42.43
CA THR B 276 19.88 -4.83 43.30
C THR B 276 18.82 -5.87 43.62
N GLY B 277 18.86 -6.97 42.87
CA GLY B 277 17.90 -8.05 43.07
C GLY B 277 16.98 -8.28 41.88
N TYR B 278 17.38 -7.82 40.70
CA TYR B 278 16.54 -8.01 39.52
C TYR B 278 16.69 -9.40 38.91
N THR B 279 15.62 -10.19 39.01
CA THR B 279 15.61 -11.57 38.51
C THR B 279 15.43 -11.73 36.99
N GLY B 280 14.37 -11.11 36.47
CA GLY B 280 14.03 -11.20 35.05
C GLY B 280 15.00 -10.80 33.95
N GLY B 281 16.27 -11.16 34.08
CA GLY B 281 17.26 -10.86 33.04
C GLY B 281 17.59 -9.41 32.74
N ASP B 282 17.63 -9.08 31.46
CA ASP B 282 17.97 -7.74 30.97
C ASP B 282 16.85 -6.71 31.03
N VAL B 283 17.25 -5.45 31.21
CA VAL B 283 16.31 -4.33 31.24
C VAL B 283 16.68 -3.40 30.10
N VAL B 284 17.88 -3.56 29.56
CA VAL B 284 18.34 -2.75 28.44
C VAL B 284 18.66 -3.75 27.32
N ASN B 285 17.72 -3.89 26.40
CA ASN B 285 17.85 -4.86 25.31
C ASN B 285 18.38 -4.42 23.97
N HIS B 286 18.70 -3.14 23.77
CA HIS B 286 19.12 -2.74 22.44
C HIS B 286 19.66 -1.31 22.29
N GLY B 287 20.29 -1.06 21.19
CA GLY B 287 20.90 0.21 20.91
C GLY B 287 20.01 1.43 21.14
N THR B 288 20.66 2.59 21.28
CA THR B 288 20.00 3.85 21.56
C THR B 288 19.12 4.46 20.48
N GLU B 289 18.19 5.31 20.89
CA GLU B 289 17.24 5.92 19.96
C GLU B 289 17.93 6.58 18.82
N GLN B 290 19.17 7.02 19.05
CA GLN B 290 19.89 7.72 18.01
C GLN B 290 20.22 6.84 16.81
N ASP B 291 19.93 5.56 16.91
CA ASP B 291 20.18 4.64 15.82
C ASP B 291 18.86 4.04 15.38
N ASN B 292 17.79 4.48 16.02
CA ASN B 292 16.46 4.02 15.69
C ASN B 292 15.99 4.96 14.57
N GLU B 293 16.55 4.78 13.39
CA GLU B 293 16.28 5.63 12.24
C GLU B 293 14.98 5.41 11.47
N GLU B 294 14.37 4.25 11.60
CA GLU B 294 13.14 4.00 10.85
C GLU B 294 11.86 4.46 11.51
N PHE B 295 11.81 4.33 12.83
CA PHE B 295 10.63 4.73 13.55
C PHE B 295 11.08 5.52 14.75
N PRO B 296 11.57 6.75 14.53
CA PRO B 296 12.01 7.54 15.68
C PRO B 296 10.85 8.06 16.51
N GLU B 297 11.01 7.95 17.83
CA GLU B 297 10.04 8.42 18.81
C GLU B 297 10.61 9.76 19.32
N LYS B 298 9.79 10.80 19.34
CA LYS B 298 10.27 12.07 19.87
C LYS B 298 9.62 12.31 21.23
N ASP B 299 10.31 11.94 22.29
CA ASP B 299 9.74 12.14 23.63
C ASP B 299 9.97 13.52 24.20
N ASN B 300 9.09 13.95 25.09
CA ASN B 300 9.25 15.25 25.68
C ASN B 300 10.31 15.24 26.79
N GLU B 301 10.15 14.37 27.78
CA GLU B 301 11.11 14.29 28.89
C GLU B 301 12.20 13.20 28.80
N ILE B 302 13.46 13.61 28.80
CA ILE B 302 14.58 12.70 28.72
C ILE B 302 15.15 12.64 30.12
N PHE B 303 15.59 11.47 30.56
CA PHE B 303 16.18 11.32 31.90
C PHE B 303 17.65 11.13 31.70
N ILE B 304 18.42 12.06 32.25
CA ILE B 304 19.86 12.03 32.11
C ILE B 304 20.58 11.82 33.42
N ILE B 305 21.63 11.03 33.39
CA ILE B 305 22.46 10.76 34.54
C ILE B 305 23.85 11.16 34.09
N ASN B 306 24.39 12.25 34.62
CA ASN B 306 25.72 12.72 34.21
C ASN B 306 26.84 11.99 34.90
N PRO B 307 28.04 12.00 34.30
CA PRO B 307 29.20 11.33 34.88
C PRO B 307 29.45 11.67 36.34
N GLU B 308 28.72 12.66 36.84
CA GLU B 308 28.84 13.05 38.24
C GLU B 308 28.02 12.08 39.05
N GLY B 309 26.90 11.66 38.48
CA GLY B 309 26.02 10.73 39.16
C GLY B 309 24.74 11.44 39.55
N GLU B 310 24.55 12.63 39.02
CA GLU B 310 23.34 13.41 39.32
C GLU B 310 22.19 13.05 38.38
N PHE B 311 20.99 13.42 38.76
CA PHE B 311 19.82 13.13 37.96
C PHE B 311 19.18 14.39 37.36
N ILE B 312 19.03 14.40 36.06
CA ILE B 312 18.44 15.55 35.40
C ILE B 312 17.32 15.08 34.51
N LEU B 313 16.24 15.85 34.41
CA LEU B 313 15.16 15.47 33.53
C LEU B 313 14.74 16.65 32.66
N THR B 314 15.17 16.65 31.41
CA THR B 314 14.78 17.70 30.48
C THR B 314 13.26 17.76 30.45
N LYS B 315 12.73 18.97 30.35
CA LYS B 315 11.28 19.18 30.33
C LYS B 315 10.66 19.06 28.94
N ASN B 316 11.40 19.43 27.90
CA ASN B 316 10.84 19.35 26.56
C ASN B 316 11.94 19.24 25.50
N TRP B 317 11.60 18.61 24.38
CA TRP B 317 12.54 18.40 23.28
C TRP B 317 13.48 19.56 23.05
N GLU B 318 12.94 20.76 22.89
CA GLU B 318 13.81 21.90 22.67
C GLU B 318 14.87 21.96 23.78
N MET B 319 14.44 21.71 25.02
CA MET B 319 15.36 21.73 26.15
C MET B 319 16.38 20.61 26.08
N THR B 320 15.94 19.39 25.81
CA THR B 320 16.84 18.25 25.71
C THR B 320 17.95 18.58 24.72
N GLY B 321 17.62 19.39 23.72
CA GLY B 321 18.61 19.76 22.73
C GLY B 321 19.70 20.63 23.32
N ARG B 322 19.28 21.58 24.13
CA ARG B 322 20.18 22.50 24.79
C ARG B 322 21.10 21.78 25.73
N PHE B 323 20.50 20.97 26.56
CA PHE B 323 21.28 20.23 27.50
C PHE B 323 22.41 19.51 26.80
N ILE B 324 22.05 18.74 25.78
CA ILE B 324 23.04 17.98 25.04
C ILE B 324 24.10 18.86 24.45
N GLU B 325 23.70 20.03 23.96
CA GLU B 325 24.62 20.98 23.36
C GLU B 325 25.60 21.58 24.38
N LYS B 326 25.06 22.21 25.40
CA LYS B 326 25.87 22.83 26.41
C LYS B 326 26.76 21.89 27.22
N ASN B 327 26.26 20.72 27.59
CA ASN B 327 27.04 19.80 28.42
C ASN B 327 27.62 18.54 27.79
N ILE B 328 27.38 18.31 26.51
CA ILE B 328 27.92 17.11 25.91
C ILE B 328 28.61 17.37 24.58
N THR B 329 27.83 17.60 23.53
CA THR B 329 28.40 17.83 22.22
C THR B 329 29.28 19.06 22.16
N GLY B 330 29.35 19.79 23.27
CA GLY B 330 30.20 20.97 23.29
C GLY B 330 31.23 20.89 24.41
N LYS B 331 31.33 19.72 25.03
CA LYS B 331 32.26 19.52 26.14
C LYS B 331 33.10 18.25 26.04
N ASP B 332 33.75 18.01 24.91
CA ASP B 332 34.60 16.83 24.77
C ASP B 332 33.95 15.50 25.13
N TYR B 333 32.80 15.19 24.54
CA TYR B 333 32.16 13.91 24.82
C TYR B 333 31.69 13.36 23.48
N LEU B 334 31.77 12.05 23.31
CA LEU B 334 31.37 11.47 22.04
C LEU B 334 29.87 11.47 21.89
N TYR B 335 29.37 12.01 20.79
CA TYR B 335 27.93 12.05 20.57
C TYR B 335 27.54 12.18 19.12
N TYR B 336 26.52 11.43 18.73
CA TYR B 336 26.02 11.53 17.37
C TYR B 336 24.50 11.48 17.50
N PHE B 337 23.81 12.27 16.70
CA PHE B 337 22.35 12.32 16.74
C PHE B 337 21.72 11.57 15.59
N ASN B 338 20.57 10.95 15.87
CA ASN B 338 19.82 10.17 14.89
C ASN B 338 19.89 10.71 13.46
N ARG B 339 20.43 9.89 12.56
CA ARG B 339 20.57 10.32 11.18
C ARG B 339 19.27 10.65 10.48
N SER B 340 18.15 10.32 11.10
CA SER B 340 16.87 10.59 10.47
C SER B 340 16.44 11.98 10.81
N TYR B 341 16.97 12.52 11.89
CA TYR B 341 16.56 13.85 12.25
C TYR B 341 16.71 14.76 11.05
N ASN B 342 15.83 15.75 10.94
CA ASN B 342 15.85 16.72 9.86
C ASN B 342 15.57 16.11 8.53
N LYS B 343 15.00 14.91 8.56
CA LYS B 343 14.63 14.21 7.34
C LYS B 343 13.31 13.54 7.65
N ILE B 344 12.70 12.95 6.65
CA ILE B 344 11.46 12.23 6.91
C ILE B 344 11.77 10.76 7.20
N ALA B 345 11.73 10.36 8.48
CA ALA B 345 12.00 8.98 8.82
C ALA B 345 11.15 8.11 7.91
N PRO B 346 11.75 7.11 7.27
CA PRO B 346 11.09 6.18 6.35
C PRO B 346 9.94 5.41 6.92
N GLY B 347 10.18 4.84 8.09
CA GLY B 347 9.19 4.02 8.75
C GLY B 347 7.88 4.64 9.12
N ASN B 348 7.92 5.67 9.97
CA ASN B 348 6.72 6.31 10.43
C ASN B 348 6.56 7.71 9.90
N LYS B 349 7.39 8.07 8.93
CA LYS B 349 7.35 9.39 8.34
C LYS B 349 7.55 10.50 9.37
N ALA B 350 8.16 10.18 10.50
CA ALA B 350 8.36 11.21 11.49
C ALA B 350 9.31 12.26 10.97
N TYR B 351 9.19 13.49 11.47
CA TYR B 351 10.08 14.55 11.03
C TYR B 351 10.61 15.28 12.23
N ILE B 352 11.56 14.69 12.95
CA ILE B 352 12.13 15.30 14.15
C ILE B 352 13.34 16.17 13.79
N GLU B 353 13.27 17.45 14.17
CA GLU B 353 14.33 18.37 13.87
C GLU B 353 15.33 18.43 14.98
N TRP B 354 16.56 18.72 14.60
CA TRP B 354 17.67 18.80 15.54
C TRP B 354 18.65 19.80 14.97
N THR B 355 19.42 20.42 15.85
CA THR B 355 20.38 21.41 15.39
C THR B 355 21.63 20.81 14.79
N ASP B 356 21.84 21.09 13.51
CA ASP B 356 23.02 20.59 12.81
C ASP B 356 23.98 21.73 12.49
N PRO B 357 24.96 22.00 13.37
CA PRO B 357 25.88 23.10 13.07
C PRO B 357 26.31 23.15 11.59
N ILE B 358 26.55 21.99 11.00
CA ILE B 358 26.95 21.98 9.60
C ILE B 358 25.96 22.79 8.78
N THR B 359 24.68 22.61 9.01
CA THR B 359 23.70 23.37 8.24
C THR B 359 23.61 24.79 8.77
N LYS B 360 24.13 24.98 9.98
CA LYS B 360 24.15 26.28 10.64
C LYS B 360 24.83 27.18 9.62
N ALA B 361 26.16 27.11 9.60
CA ALA B 361 26.98 27.88 8.68
C ALA B 361 26.92 27.23 7.30
N LYS B 362 25.77 27.31 6.66
CA LYS B 362 25.60 26.71 5.35
C LYS B 362 25.71 27.78 4.24
N ILE B 363 26.32 28.91 4.57
CA ILE B 363 26.52 30.01 3.61
C ILE B 363 27.90 29.79 2.95
N ASN B 364 28.03 28.65 2.29
CA ASN B 364 29.28 28.26 1.61
C ASN B 364 28.91 27.56 0.30
N THR B 365 29.96 27.07 -0.47
CA THR B 365 29.64 26.44 -1.80
C THR B 365 30.59 25.42 -2.41
N ILE B 366 29.97 24.34 -2.93
CA ILE B 366 30.73 23.25 -3.52
C ILE B 366 29.92 22.45 -4.56
N PRO B 367 30.36 21.29 -5.04
CA PRO B 367 29.52 20.53 -6.02
C PRO B 367 28.06 20.35 -5.78
N THR B 368 27.53 21.40 -6.43
CA THR B 368 26.16 21.63 -6.68
C THR B 368 25.95 20.57 -7.78
N SER B 369 24.94 20.59 -8.56
CA SER B 369 24.80 19.45 -9.45
C SER B 369 24.84 18.47 -8.26
N ALA B 370 24.36 19.04 -7.17
CA ALA B 370 24.15 18.50 -5.83
C ALA B 370 22.79 19.20 -5.77
N GLU B 371 22.69 20.18 -6.67
CA GLU B 371 21.50 20.97 -6.89
C GLU B 371 20.54 20.01 -7.58
N PHE B 372 21.09 18.89 -8.06
CA PHE B 372 20.29 17.88 -8.72
C PHE B 372 20.80 16.48 -8.40
N SER B 402 35.77 21.49 -29.29
CA SER B 402 35.99 22.77 -29.96
C SER B 402 35.29 23.89 -29.21
N VAL B 403 35.93 25.06 -29.16
CA VAL B 403 35.38 26.22 -28.48
C VAL B 403 35.07 25.91 -27.02
N LYS B 404 36.07 26.10 -26.16
CA LYS B 404 35.90 25.82 -24.74
C LYS B 404 34.91 26.81 -24.09
N LYS B 405 33.84 26.26 -23.54
CA LYS B 405 32.81 27.08 -22.89
C LYS B 405 32.16 26.30 -21.75
N ILE B 406 32.09 24.98 -21.91
CA ILE B 406 31.50 24.12 -20.90
C ILE B 406 32.58 23.58 -19.96
N ALA B 407 33.78 23.39 -20.51
CA ALA B 407 34.90 22.88 -19.74
C ALA B 407 35.59 23.98 -18.95
N GLY B 408 36.72 23.64 -18.34
CA GLY B 408 37.46 24.62 -17.55
C GLY B 408 37.29 24.41 -16.07
N TYR B 409 38.28 24.83 -15.29
CA TYR B 409 38.23 24.71 -13.84
C TYR B 409 37.54 25.90 -13.20
N LEU B 410 36.23 25.79 -13.06
CA LEU B 410 35.43 26.84 -12.44
C LEU B 410 34.67 26.38 -11.19
N SER B 411 34.29 25.11 -11.11
CA SER B 411 33.47 24.70 -9.90
C SER B 411 34.22 24.05 -8.70
N ASP B 412 35.48 24.37 -8.62
CA ASP B 412 36.42 23.73 -7.66
C ASP B 412 37.08 24.68 -6.65
N TYR B 413 36.29 25.55 -6.05
CA TYR B 413 36.77 26.54 -5.09
C TYR B 413 37.80 25.92 -4.15
N TYR B 414 37.42 24.80 -3.54
CA TYR B 414 38.28 24.07 -2.61
C TYR B 414 39.37 23.27 -3.34
N ASN B 415 40.32 23.97 -3.94
CA ASN B 415 41.41 23.31 -4.67
C ASN B 415 42.36 22.68 -3.64
N SER B 416 42.35 21.35 -3.55
CA SER B 416 43.19 20.66 -2.60
C SER B 416 44.60 21.24 -2.63
N ALA B 417 45.19 21.29 -3.82
CA ALA B 417 46.52 21.85 -4.00
C ALA B 417 46.38 23.32 -3.63
N ASN B 418 46.59 23.64 -2.35
CA ASN B 418 46.44 25.00 -1.90
C ASN B 418 47.26 25.24 -0.66
N HIS B 419 47.73 24.16 -0.04
CA HIS B 419 48.54 24.26 1.16
C HIS B 419 49.88 24.89 0.83
N ILE B 420 50.14 25.01 -0.46
CA ILE B 420 51.39 25.60 -0.95
C ILE B 420 51.33 27.11 -0.83
N PHE B 421 50.15 27.68 -1.02
CA PHE B 421 49.96 29.12 -0.90
C PHE B 421 49.99 29.49 0.57
N SER B 422 49.99 30.77 0.86
CA SER B 422 50.01 31.24 2.24
C SER B 422 48.58 31.67 2.59
N GLN B 423 48.26 31.60 3.87
CA GLN B 423 46.93 31.98 4.35
C GLN B 423 46.41 33.25 3.66
N GLU B 424 47.30 34.19 3.38
CA GLU B 424 46.90 35.42 2.72
C GLU B 424 46.52 35.15 1.25
N LYS B 425 47.40 34.47 0.53
CA LYS B 425 47.14 34.15 -0.88
C LYS B 425 45.76 33.52 -1.01
N LYS B 426 45.56 32.44 -0.25
CA LYS B 426 44.30 31.71 -0.26
C LYS B 426 43.09 32.62 -0.11
N ARG B 427 42.98 33.30 1.03
CA ARG B 427 41.85 34.19 1.27
C ARG B 427 41.71 35.18 0.12
N LYS B 428 42.85 35.60 -0.42
CA LYS B 428 42.88 36.52 -1.54
C LYS B 428 42.41 35.81 -2.80
N ILE B 429 43.06 34.70 -3.15
CA ILE B 429 42.68 33.93 -4.33
C ILE B 429 41.24 33.44 -4.22
N SER B 430 40.89 32.95 -3.04
CA SER B 430 39.55 32.42 -2.74
C SER B 430 38.46 33.37 -3.26
N ILE B 431 38.45 34.57 -2.73
CA ILE B 431 37.46 35.57 -3.14
C ILE B 431 37.35 35.57 -4.65
N PHE B 432 38.50 35.53 -5.30
CA PHE B 432 38.58 35.51 -6.76
C PHE B 432 37.82 34.33 -7.35
N ARG B 433 38.10 33.14 -6.83
CA ARG B 433 37.44 31.92 -7.30
C ARG B 433 35.93 32.04 -7.12
N GLY B 434 35.54 32.59 -5.98
CA GLY B 434 34.13 32.75 -5.72
C GLY B 434 33.54 33.67 -6.78
N ILE B 435 34.13 34.86 -6.90
CA ILE B 435 33.67 35.83 -7.87
C ILE B 435 33.74 35.21 -9.26
N GLN B 436 34.71 34.32 -9.44
CA GLN B 436 34.86 33.61 -10.70
C GLN B 436 33.51 32.96 -10.96
N ALA B 437 32.94 32.40 -9.92
CA ALA B 437 31.65 31.74 -9.98
C ALA B 437 30.56 32.81 -9.88
N TYR B 438 30.92 33.99 -9.37
CA TYR B 438 29.98 35.09 -9.22
C TYR B 438 29.40 35.33 -10.62
N ASN B 439 30.26 35.65 -11.56
CA ASN B 439 29.84 35.81 -12.94
C ASN B 439 30.39 34.65 -13.80
N GLU B 440 29.97 33.42 -13.60
CA GLU B 440 30.55 32.29 -14.37
C GLU B 440 29.82 31.96 -15.62
N ILE B 441 28.77 31.24 -15.40
CA ILE B 441 27.88 30.94 -16.48
C ILE B 441 26.62 31.34 -15.76
N GLU B 442 26.86 31.93 -14.57
CA GLU B 442 25.83 32.38 -13.64
C GLU B 442 24.97 33.53 -14.14
N ASN B 443 25.61 34.52 -14.74
CA ASN B 443 24.86 35.68 -15.25
C ASN B 443 23.86 35.25 -16.32
N VAL B 444 23.69 33.94 -16.47
CA VAL B 444 22.75 33.37 -17.43
C VAL B 444 21.33 33.49 -16.85
N LEU B 445 21.11 34.59 -16.12
CA LEU B 445 19.83 34.87 -15.47
C LEU B 445 18.67 35.10 -16.44
N LYS B 446 18.98 35.15 -17.73
CA LYS B 446 18.01 35.35 -18.76
C LYS B 446 18.28 34.42 -19.92
N SER B 447 18.69 33.19 -19.60
CA SER B 447 18.80 32.19 -20.60
C SER B 447 17.29 32.13 -20.82
N LYS B 448 16.74 31.22 -21.50
CA LYS B 448 15.32 31.34 -21.93
C LYS B 448 14.14 31.76 -21.02
N GLN B 449 13.87 30.82 -20.07
CA GLN B 449 12.81 30.94 -19.09
C GLN B 449 13.25 30.18 -17.83
N ILE B 450 13.97 30.87 -16.96
CA ILE B 450 14.45 30.27 -15.72
C ILE B 450 13.41 30.33 -14.61
N ALA B 451 13.16 29.17 -14.00
CA ALA B 451 12.19 29.05 -12.92
C ALA B 451 12.73 29.70 -11.65
N PRO B 452 11.84 30.36 -10.89
CA PRO B 452 12.22 31.02 -9.64
C PRO B 452 12.95 30.07 -8.69
N GLU B 453 12.98 28.79 -9.05
CA GLU B 453 13.65 27.79 -8.23
C GLU B 453 15.16 27.88 -8.39
N TYR B 454 15.62 27.96 -9.63
CA TYR B 454 17.06 28.06 -9.89
C TYR B 454 17.59 29.41 -9.43
N LYS B 455 16.99 30.49 -9.90
CA LYS B 455 17.39 31.85 -9.52
C LYS B 455 17.61 31.89 -8.02
N ASN B 456 16.55 31.54 -7.29
CA ASN B 456 16.56 31.49 -5.83
C ASN B 456 17.88 30.90 -5.37
N TYR B 457 18.24 29.75 -5.94
CA TYR B 457 19.47 29.06 -5.61
C TYR B 457 20.70 29.91 -5.88
N PHE B 458 20.96 30.18 -7.16
CA PHE B 458 22.11 30.98 -7.55
C PHE B 458 22.12 32.23 -6.70
N GLN B 459 20.95 32.86 -6.55
CA GLN B 459 20.82 34.05 -5.73
C GLN B 459 21.45 33.71 -4.39
N TYR B 460 20.82 32.78 -3.68
CA TYR B 460 21.28 32.31 -2.37
C TYR B 460 22.79 32.09 -2.45
N LEU B 461 23.21 31.32 -3.44
CA LEU B 461 24.61 31.03 -3.66
C LEU B 461 25.40 32.32 -3.65
N LYS B 462 24.87 33.32 -4.34
CA LYS B 462 25.50 34.64 -4.42
C LYS B 462 25.52 35.28 -3.03
N GLU B 463 24.42 35.07 -2.30
CA GLU B 463 24.27 35.59 -0.94
C GLU B 463 25.31 34.90 -0.06
N ARG B 464 25.77 33.74 -0.51
CA ARG B 464 26.77 32.99 0.22
C ARG B 464 28.15 33.53 -0.10
N ILE B 465 28.48 33.57 -1.39
CA ILE B 465 29.78 34.06 -1.84
C ILE B 465 30.09 35.44 -1.30
N THR B 466 29.04 36.19 -0.94
CA THR B 466 29.18 37.54 -0.39
C THR B 466 29.78 37.47 1.00
N ASN B 467 29.18 36.64 1.85
CA ASN B 467 29.65 36.47 3.21
C ASN B 467 30.93 35.63 3.21
N GLN B 468 30.97 34.63 2.33
CA GLN B 468 32.11 33.75 2.20
C GLN B 468 33.29 34.52 1.60
N VAL B 469 33.44 35.76 2.06
CA VAL B 469 34.50 36.63 1.58
C VAL B 469 34.83 37.69 2.63
N GLN B 470 33.81 38.47 3.01
CA GLN B 470 33.99 39.53 4.00
C GLN B 470 34.81 39.00 5.17
N LEU B 471 34.60 37.72 5.48
CA LEU B 471 35.30 37.05 6.57
C LEU B 471 36.80 36.99 6.29
N LEU B 472 37.14 36.42 5.14
CA LEU B 472 38.53 36.29 4.72
C LEU B 472 39.17 37.67 4.81
N LEU B 473 38.35 38.68 4.55
CA LEU B 473 38.79 40.06 4.59
C LEU B 473 39.02 40.53 6.02
N THR B 474 37.93 40.63 6.78
CA THR B 474 37.99 41.08 8.17
C THR B 474 39.07 40.39 9.01
N HIS B 475 39.43 39.16 8.65
CA HIS B 475 40.44 38.45 9.37
C HIS B 475 41.65 39.39 9.42
N GLN B 476 41.75 40.17 8.34
CA GLN B 476 42.84 41.11 8.04
C GLN B 476 42.48 42.01 6.86
N LYS B 477 41.80 43.12 7.16
CA LYS B 477 41.37 44.09 6.15
C LYS B 477 42.56 44.76 5.46
N PHE B 482 31.13 41.54 0.82
CA PHE B 482 31.63 41.58 -0.55
C PHE B 482 31.31 42.92 -1.22
N LYS B 483 30.19 43.52 -0.84
CA LYS B 483 29.75 44.80 -1.39
C LYS B 483 30.77 45.89 -1.04
N LEU B 484 32.02 45.65 -1.45
CA LEU B 484 33.10 46.61 -1.22
C LEU B 484 33.42 47.24 -2.56
N LEU B 485 34.10 46.48 -3.44
CA LEU B 485 34.43 46.98 -4.75
C LEU B 485 34.31 45.94 -5.84
N TYR B 486 33.23 46.04 -6.60
CA TYR B 486 32.92 45.15 -7.71
C TYR B 486 33.03 45.97 -8.99
N LYS B 487 33.27 47.28 -8.82
CA LYS B 487 33.42 48.20 -9.93
C LYS B 487 34.88 48.12 -10.37
N GLN B 488 35.73 47.61 -9.48
CA GLN B 488 37.16 47.45 -9.76
C GLN B 488 37.35 46.03 -10.30
N LEU B 489 36.31 45.52 -10.95
CA LEU B 489 36.32 44.17 -11.53
C LEU B 489 35.50 44.11 -12.82
N ASN B 490 36.13 43.62 -13.89
CA ASN B 490 35.48 43.49 -15.18
C ASN B 490 35.94 42.19 -15.84
N PHE B 491 35.14 41.15 -15.69
CA PHE B 491 35.44 39.84 -16.25
C PHE B 491 34.84 39.64 -17.64
N THR B 492 35.59 40.08 -18.65
CA THR B 492 35.16 39.97 -20.04
C THR B 492 36.25 39.28 -20.86
N GLU B 493 36.82 38.23 -20.28
CA GLU B 493 37.90 37.48 -20.91
C GLU B 493 38.26 36.28 -20.04
N ASN B 494 39.10 35.40 -20.57
CA ASN B 494 39.53 34.22 -19.83
C ASN B 494 40.01 34.62 -18.43
N GLU B 495 39.52 33.92 -17.42
CA GLU B 495 39.88 34.21 -16.03
C GLU B 495 41.36 34.53 -15.82
N THR B 496 42.22 34.00 -16.69
CA THR B 496 43.66 34.25 -16.58
C THR B 496 44.01 35.73 -16.77
N ASP B 497 43.28 36.40 -17.66
CA ASP B 497 43.51 37.80 -17.95
C ASP B 497 43.13 38.72 -16.79
N ASN B 498 42.02 38.40 -16.12
CA ASN B 498 41.54 39.20 -14.99
C ASN B 498 42.29 38.80 -13.72
N PHE B 499 43.01 37.69 -13.79
CA PHE B 499 43.77 37.19 -12.65
C PHE B 499 44.74 38.27 -12.19
N GLU B 500 45.51 38.80 -13.13
CA GLU B 500 46.47 39.85 -12.83
C GLU B 500 45.73 41.05 -12.24
N VAL B 501 44.64 41.42 -12.90
CA VAL B 501 43.82 42.55 -12.46
C VAL B 501 43.59 42.48 -10.97
N PHE B 502 42.81 41.49 -10.53
CA PHE B 502 42.48 41.30 -9.13
C PHE B 502 43.69 41.37 -8.20
N GLN B 503 44.80 40.72 -8.56
CA GLN B 503 45.97 40.74 -7.70
C GLN B 503 46.43 42.17 -7.49
N LYS B 504 46.14 43.04 -8.46
CA LYS B 504 46.51 44.44 -8.38
C LYS B 504 45.45 45.20 -7.56
N ILE B 505 44.30 44.56 -7.39
CA ILE B 505 43.18 45.13 -6.63
C ILE B 505 43.31 44.80 -5.14
N ILE B 506 44.33 44.02 -4.78
CA ILE B 506 44.55 43.63 -3.40
C ILE B 506 44.70 44.85 -2.49
N ASP B 507 44.94 46.01 -3.11
CA ASP B 507 45.10 47.26 -2.36
C ASP B 507 43.90 47.51 -1.46
N ARG C 1 -35.30 27.16 -15.74
CA ARG C 1 -35.41 27.55 -14.30
C ARG C 1 -34.60 26.64 -13.37
N ILE C 2 -33.65 27.23 -12.65
CA ILE C 2 -32.80 26.49 -11.72
C ILE C 2 -32.63 27.32 -10.46
N ASP C 3 -32.50 26.66 -9.31
CA ASP C 3 -32.33 27.37 -8.06
C ASP C 3 -30.88 27.76 -7.78
N VAL C 4 -30.38 28.76 -8.50
CA VAL C 4 -29.01 29.18 -8.29
C VAL C 4 -28.91 30.62 -7.81
N LEU C 5 -27.99 30.90 -6.90
CA LEU C 5 -27.82 32.26 -6.39
C LEU C 5 -27.24 33.15 -7.48
N LYS C 6 -27.48 34.46 -7.34
CA LYS C 6 -26.98 35.42 -8.30
C LYS C 6 -26.39 36.65 -7.69
N GLY C 7 -25.46 37.25 -8.41
CA GLY C 7 -24.79 38.46 -7.96
C GLY C 7 -24.38 38.44 -6.52
N GLU C 8 -24.12 39.64 -5.99
CA GLU C 8 -23.74 39.91 -4.61
C GLU C 8 -23.87 38.67 -3.68
N LYS C 9 -25.07 38.13 -3.53
CA LYS C 9 -25.28 36.96 -2.68
C LYS C 9 -24.37 35.81 -3.07
N ALA C 10 -24.25 35.54 -4.36
CA ALA C 10 -23.42 34.45 -4.87
C ALA C 10 -21.93 34.77 -4.67
N LEU C 11 -21.53 35.96 -5.03
CA LEU C 11 -20.15 36.38 -4.86
C LEU C 11 -19.76 36.17 -3.40
N LYS C 12 -20.70 36.46 -2.52
CA LYS C 12 -20.51 36.33 -1.10
C LYS C 12 -20.08 34.91 -0.76
N ALA C 13 -20.75 33.95 -1.37
CA ALA C 13 -20.48 32.53 -1.12
C ALA C 13 -19.32 31.97 -1.91
N SER C 14 -18.93 32.67 -2.96
CA SER C 14 -17.84 32.23 -3.81
C SER C 14 -16.50 32.23 -3.10
N GLY C 15 -16.27 33.23 -2.26
CA GLY C 15 -15.02 33.28 -1.54
C GLY C 15 -13.98 34.15 -2.23
N LEU C 16 -14.23 34.50 -3.49
CA LEU C 16 -13.27 35.33 -4.18
C LEU C 16 -13.31 36.73 -3.61
N VAL C 17 -12.22 37.46 -3.76
CA VAL C 17 -12.16 38.83 -3.29
C VAL C 17 -13.00 39.61 -4.27
N PRO C 18 -14.03 40.31 -3.77
CA PRO C 18 -14.94 41.12 -4.60
C PRO C 18 -14.25 41.81 -5.76
N GLU C 19 -13.30 42.68 -5.45
CA GLU C 19 -12.58 43.41 -6.49
C GLU C 19 -12.13 42.45 -7.58
N HIS C 20 -11.54 41.33 -7.16
CA HIS C 20 -11.05 40.31 -8.08
C HIS C 20 -12.14 39.74 -8.96
N ALA C 21 -13.30 39.47 -8.38
CA ALA C 21 -14.41 38.93 -9.14
C ALA C 21 -14.86 39.97 -10.16
N ASP C 22 -15.12 41.18 -9.70
CA ASP C 22 -15.54 42.26 -10.59
C ASP C 22 -14.53 42.30 -11.73
N ALA C 23 -13.26 42.35 -11.36
CA ALA C 23 -12.19 42.39 -12.35
C ALA C 23 -12.31 41.24 -13.36
N PHE C 24 -12.83 40.11 -12.90
CA PHE C 24 -12.97 38.94 -13.75
C PHE C 24 -14.10 39.09 -14.77
N LYS C 25 -15.17 39.79 -14.39
CA LYS C 25 -16.29 39.99 -15.31
C LYS C 25 -15.71 40.46 -16.62
N LYS C 26 -14.79 41.40 -16.51
CA LYS C 26 -14.14 41.99 -17.66
C LYS C 26 -13.66 40.91 -18.64
N ILE C 27 -12.85 39.96 -18.16
CA ILE C 27 -12.31 38.90 -19.00
C ILE C 27 -13.33 37.91 -19.52
N ALA C 28 -14.31 37.63 -18.68
CA ALA C 28 -15.34 36.68 -19.07
C ALA C 28 -16.04 37.21 -20.29
N ARG C 29 -16.37 38.48 -20.21
CA ARG C 29 -17.09 39.20 -21.26
C ARG C 29 -16.27 39.35 -22.50
N GLU C 30 -15.18 40.08 -22.35
CA GLU C 30 -14.25 40.35 -23.44
C GLU C 30 -13.94 39.10 -24.25
N LEU C 31 -13.61 38.01 -23.58
CA LEU C 31 -13.29 36.76 -24.26
C LEU C 31 -14.45 35.80 -24.47
N ASN C 32 -15.66 36.26 -24.15
CA ASN C 32 -16.86 35.44 -24.30
C ASN C 32 -16.53 34.02 -23.89
N THR C 33 -16.40 33.82 -22.59
CA THR C 33 -16.05 32.52 -22.06
C THR C 33 -16.51 32.41 -20.60
N TYR C 34 -17.18 31.32 -20.25
CA TYR C 34 -17.64 31.09 -18.89
C TYR C 34 -16.44 30.76 -18.01
N ILE C 35 -16.45 31.30 -16.80
CA ILE C 35 -15.36 31.02 -15.87
C ILE C 35 -16.00 30.41 -14.63
N LEU C 36 -15.52 29.23 -14.25
CA LEU C 36 -16.06 28.56 -13.08
C LEU C 36 -14.98 28.26 -12.04
N PHE C 37 -15.20 28.76 -10.82
CA PHE C 37 -14.28 28.55 -9.70
C PHE C 37 -14.81 27.59 -8.65
N ARG C 38 -13.91 26.81 -8.04
CA ARG C 38 -14.30 25.89 -6.99
C ARG C 38 -14.32 26.78 -5.76
N PRO C 39 -15.04 26.38 -4.70
CA PRO C 39 -15.10 27.18 -3.49
C PRO C 39 -13.74 27.72 -3.05
N VAL C 40 -13.74 28.83 -2.32
CA VAL C 40 -12.50 29.38 -1.82
C VAL C 40 -12.68 29.59 -0.35
N ASN C 41 -11.70 29.16 0.44
CA ASN C 41 -11.77 29.29 1.89
C ASN C 41 -12.20 30.70 2.24
N LYS C 42 -13.41 30.84 2.76
CA LYS C 42 -13.89 32.16 3.10
C LYS C 42 -12.96 32.85 4.06
N LEU C 43 -12.39 32.13 5.02
CA LEU C 43 -11.49 32.77 5.96
C LEU C 43 -10.17 33.07 5.27
N ALA C 44 -10.09 32.78 3.98
CA ALA C 44 -8.85 33.02 3.24
C ALA C 44 -8.95 34.32 2.47
N THR C 45 -10.16 34.60 2.01
CA THR C 45 -10.46 35.79 1.25
C THR C 45 -9.70 37.01 1.68
N ASN C 46 -10.00 37.51 2.87
CA ASN C 46 -9.31 38.71 3.34
C ASN C 46 -7.79 38.60 3.26
N LEU C 47 -7.24 37.46 3.64
CA LEU C 47 -5.81 37.34 3.57
C LEU C 47 -5.38 37.57 2.14
N ILE C 48 -6.08 36.92 1.21
CA ILE C 48 -5.73 37.07 -0.18
C ILE C 48 -5.74 38.55 -0.52
N LYS C 49 -6.88 39.19 -0.31
CA LYS C 49 -6.99 40.60 -0.61
C LYS C 49 -5.85 41.42 -0.06
N SER C 50 -5.44 41.14 1.16
CA SER C 50 -4.34 41.90 1.76
C SER C 50 -3.02 41.54 1.13
N GLY C 51 -3.06 40.93 -0.04
CA GLY C 51 -1.83 40.59 -0.72
C GLY C 51 -0.99 39.39 -0.28
N VAL C 52 -1.58 38.46 0.44
CA VAL C 52 -0.85 37.26 0.86
C VAL C 52 -0.68 36.33 -0.35
N ALA C 53 0.45 35.63 -0.42
CA ALA C 53 0.71 34.71 -1.54
C ALA C 53 -0.14 33.47 -1.46
N THR C 54 -0.51 32.90 -2.62
CA THR C 54 -1.31 31.67 -2.61
C THR C 54 -0.48 30.42 -2.91
N LYS C 55 -0.96 29.27 -2.46
CA LYS C 55 -0.26 27.98 -2.65
C LYS C 55 -0.36 27.32 -4.02
N GLY C 56 0.81 26.98 -4.55
CA GLY C 56 0.87 26.33 -5.84
C GLY C 56 0.93 24.82 -5.69
N LEU C 57 1.10 24.11 -6.81
CA LEU C 57 1.15 22.66 -6.76
C LEU C 57 2.29 22.09 -5.93
N ASN C 58 3.21 22.92 -5.48
CA ASN C 58 4.28 22.36 -4.70
C ASN C 58 3.87 22.34 -3.24
N VAL C 59 2.62 22.73 -2.98
CA VAL C 59 2.06 22.76 -1.62
C VAL C 59 0.67 22.18 -1.66
N HIS C 60 0.51 20.99 -1.09
CA HIS C 60 -0.78 20.30 -1.08
C HIS C 60 -1.40 20.26 0.29
N GLY C 61 -0.85 20.99 1.24
CA GLY C 61 -1.43 20.97 2.57
C GLY C 61 -2.75 21.67 2.49
N LYS C 62 -3.72 21.27 3.30
CA LYS C 62 -5.00 21.95 3.22
C LYS C 62 -5.03 23.15 4.16
N SER C 63 -5.69 24.22 3.71
CA SER C 63 -5.80 25.44 4.51
C SER C 63 -6.64 25.22 5.75
N SER C 64 -6.66 26.20 6.64
CA SER C 64 -7.44 26.08 7.85
C SER C 64 -8.64 27.00 7.83
N ASP C 65 -9.74 26.59 8.46
CA ASP C 65 -10.90 27.42 8.48
C ASP C 65 -11.45 27.66 9.88
N TRP C 66 -10.56 27.60 10.86
CA TRP C 66 -10.97 27.84 12.24
C TRP C 66 -9.73 28.18 13.03
N GLY C 67 -9.95 28.74 14.23
CA GLY C 67 -8.83 29.08 15.09
C GLY C 67 -7.93 30.17 14.56
N PRO C 68 -7.00 30.65 15.38
CA PRO C 68 -6.09 31.72 14.95
C PRO C 68 -5.41 31.49 13.63
N VAL C 69 -5.06 30.26 13.29
CA VAL C 69 -4.39 29.97 12.03
C VAL C 69 -5.36 29.87 10.86
N ALA C 70 -6.61 30.26 11.11
CA ALA C 70 -7.60 30.21 10.05
C ALA C 70 -7.15 31.02 8.84
N GLY C 71 -7.35 30.48 7.64
CA GLY C 71 -6.94 31.18 6.44
C GLY C 71 -5.55 30.81 5.92
N TYR C 72 -4.67 30.37 6.83
CA TYR C 72 -3.33 29.98 6.44
C TYR C 72 -3.17 28.46 6.21
N ILE C 73 -1.94 28.00 6.05
CA ILE C 73 -1.68 26.58 5.83
C ILE C 73 -0.84 26.08 7.00
N PRO C 74 -1.50 25.58 8.05
CA PRO C 74 -0.77 25.10 9.21
C PRO C 74 0.06 23.88 8.89
N PHE C 75 1.26 23.85 9.44
CA PHE C 75 2.17 22.74 9.22
C PHE C 75 1.57 21.53 9.85
N ASP C 76 0.93 21.75 11.00
CA ASP C 76 0.29 20.70 11.76
C ASP C 76 -1.11 20.61 11.18
N GLN C 77 -1.29 19.83 10.13
CA GLN C 77 -2.58 19.73 9.46
C GLN C 77 -3.81 19.40 10.32
N ASP C 78 -3.63 19.13 11.60
CA ASP C 78 -4.77 18.86 12.46
C ASP C 78 -5.30 20.20 12.85
N LEU C 79 -4.61 21.25 12.42
CA LEU C 79 -5.05 22.60 12.70
C LEU C 79 -5.73 23.15 11.47
N SER C 80 -5.80 22.33 10.43
CA SER C 80 -6.43 22.75 9.18
C SER C 80 -7.89 22.39 9.22
N LYS C 81 -8.56 22.56 8.08
CA LYS C 81 -9.97 22.25 7.95
C LYS C 81 -10.16 20.76 8.14
N LYS C 82 -9.16 19.98 7.81
CA LYS C 82 -9.25 18.53 7.97
C LYS C 82 -9.16 18.12 9.41
N HIS C 83 -9.18 19.09 10.32
CA HIS C 83 -9.08 18.81 11.76
C HIS C 83 -9.92 17.63 12.17
N GLY C 84 -9.35 16.78 13.01
CA GLY C 84 -10.06 15.60 13.49
C GLY C 84 -10.23 14.44 12.52
N GLN C 85 -9.57 14.47 11.38
CA GLN C 85 -9.70 13.37 10.44
C GLN C 85 -8.35 12.67 10.25
N GLN C 86 -8.01 11.84 11.23
CA GLN C 86 -6.75 11.10 11.26
C GLN C 86 -6.08 10.85 9.90
N LEU C 87 -6.72 10.11 9.01
CA LEU C 87 -6.10 9.83 7.72
C LEU C 87 -5.78 11.11 6.92
N ALA C 88 -6.71 12.04 6.89
CA ALA C 88 -6.52 13.30 6.17
C ALA C 88 -5.40 14.10 6.79
N VAL C 89 -5.41 14.19 8.12
CA VAL C 89 -4.38 14.92 8.81
C VAL C 89 -3.04 14.32 8.42
N GLU C 90 -2.93 13.01 8.61
CA GLU C 90 -1.72 12.29 8.29
C GLU C 90 -1.27 12.47 6.85
N LYS C 91 -2.20 12.32 5.92
CA LYS C 91 -1.86 12.48 4.53
C LYS C 91 -1.44 13.94 4.33
N GLY C 92 -2.12 14.82 5.05
CA GLY C 92 -1.84 16.23 4.95
C GLY C 92 -0.43 16.56 5.38
N ASN C 93 -0.03 16.07 6.54
CA ASN C 93 1.31 16.32 7.04
C ASN C 93 2.38 15.78 6.13
N LEU C 94 2.28 14.52 5.76
CA LEU C 94 3.28 13.94 4.87
C LEU C 94 3.48 14.92 3.71
N GLU C 95 2.38 15.45 3.17
CA GLU C 95 2.49 16.40 2.09
C GLU C 95 3.31 17.62 2.47
N ASN C 96 3.10 18.13 3.67
CA ASN C 96 3.86 19.28 4.11
C ASN C 96 5.32 18.91 4.27
N LYS C 97 5.59 17.79 4.93
CA LYS C 97 6.95 17.36 5.13
C LYS C 97 7.63 17.27 3.79
N LYS C 98 6.92 16.75 2.81
CA LYS C 98 7.48 16.65 1.49
C LYS C 98 7.75 18.05 0.94
N SER C 99 6.77 18.94 1.07
CA SER C 99 6.95 20.29 0.57
C SER C 99 8.20 20.92 1.14
N ILE C 100 8.42 20.68 2.42
CA ILE C 100 9.55 21.22 3.14
C ILE C 100 10.89 20.65 2.69
N THR C 101 10.92 19.35 2.39
CA THR C 101 12.16 18.68 2.00
C THR C 101 12.43 18.60 0.49
N GLU C 102 11.50 18.07 -0.27
CA GLU C 102 11.69 17.95 -1.70
C GLU C 102 11.74 19.29 -2.41
N HIS C 103 11.62 20.37 -1.66
CA HIS C 103 11.63 21.71 -2.24
C HIS C 103 12.37 22.71 -1.40
N GLU C 104 13.37 22.23 -0.66
CA GLU C 104 14.14 23.11 0.20
C GLU C 104 14.38 24.48 -0.37
N GLY C 105 14.38 25.48 0.50
CA GLY C 105 14.63 26.85 0.11
C GLY C 105 13.54 27.43 -0.77
N GLU C 106 12.70 26.57 -1.31
CA GLU C 106 11.61 26.98 -2.17
C GLU C 106 10.41 27.25 -1.26
N ILE C 107 10.09 26.23 -0.45
CA ILE C 107 9.00 26.28 0.51
C ILE C 107 9.57 26.02 1.89
N GLY C 108 8.93 26.57 2.90
CA GLY C 108 9.41 26.37 4.25
C GLY C 108 8.26 26.65 5.19
N LYS C 109 8.53 26.69 6.48
CA LYS C 109 7.47 26.96 7.44
C LYS C 109 7.96 28.05 8.38
N ILE C 110 7.04 28.84 8.92
CA ILE C 110 7.42 29.94 9.81
C ILE C 110 6.35 30.12 10.86
N PRO C 111 6.69 30.78 12.00
CA PRO C 111 5.70 30.99 13.05
C PRO C 111 4.61 31.91 12.57
N LEU C 112 3.39 31.62 12.98
CA LEU C 112 2.23 32.41 12.61
C LEU C 112 2.18 33.62 13.50
N LYS C 113 2.09 34.80 12.89
CA LYS C 113 1.99 36.05 13.63
C LYS C 113 0.67 36.67 13.26
N LEU C 114 -0.15 36.99 14.25
CA LEU C 114 -1.44 37.60 13.99
C LEU C 114 -1.32 39.09 14.19
N ASP C 115 -1.37 39.78 13.07
CA ASP C 115 -1.26 41.23 13.03
C ASP C 115 -2.44 41.85 13.78
N HIS C 116 -2.21 43.03 14.34
CA HIS C 116 -3.23 43.72 15.12
C HIS C 116 -4.60 43.74 14.42
N LEU C 117 -4.61 43.96 13.11
CA LEU C 117 -5.85 44.02 12.34
C LEU C 117 -6.48 42.67 12.15
N ARG C 118 -5.66 41.66 11.95
CA ARG C 118 -6.15 40.30 11.73
C ARG C 118 -6.97 39.79 12.90
N ILE C 119 -6.47 40.04 14.10
CA ILE C 119 -7.18 39.60 15.30
C ILE C 119 -8.57 40.17 15.21
N GLU C 120 -8.64 41.46 14.89
CA GLU C 120 -9.91 42.14 14.75
C GLU C 120 -10.80 41.45 13.73
N GLU C 121 -10.25 41.20 12.54
CA GLU C 121 -11.00 40.53 11.49
C GLU C 121 -11.60 39.25 12.05
N LEU C 122 -10.76 38.50 12.75
CA LEU C 122 -11.15 37.24 13.34
C LEU C 122 -12.23 37.40 14.38
N LYS C 123 -12.15 38.46 15.17
CA LYS C 123 -13.16 38.70 16.17
C LYS C 123 -14.54 38.88 15.50
N GLU C 124 -14.63 39.68 14.45
CA GLU C 124 -15.90 39.86 13.74
C GLU C 124 -16.41 38.51 13.25
N ASN C 125 -15.66 37.88 12.35
CA ASN C 125 -16.05 36.58 11.82
C ASN C 125 -16.41 35.61 12.94
N GLY C 126 -16.11 35.99 14.19
CA GLY C 126 -16.41 35.12 15.32
C GLY C 126 -15.64 33.81 15.24
N ILE C 127 -14.32 33.92 15.10
CA ILE C 127 -13.44 32.75 14.99
C ILE C 127 -12.64 32.58 16.26
N ILE C 128 -12.13 33.68 16.78
CA ILE C 128 -11.37 33.64 18.04
C ILE C 128 -11.62 34.91 18.82
N LEU C 129 -11.28 34.90 20.10
CA LEU C 129 -11.45 36.07 20.95
C LEU C 129 -10.23 36.31 21.81
N LYS C 130 -9.73 37.54 21.82
CA LYS C 130 -8.56 37.85 22.63
C LYS C 130 -9.04 37.86 24.08
N GLY C 131 -8.50 36.94 24.88
CA GLY C 131 -8.92 36.83 26.28
C GLY C 131 -8.02 37.39 27.36
N LYS C 132 -8.04 36.74 28.53
CA LYS C 132 -7.25 37.18 29.68
C LYS C 132 -5.76 37.13 29.39
N LYS C 133 -5.00 37.88 30.17
CA LYS C 133 -3.56 37.90 29.99
C LYS C 133 -2.91 36.78 30.79
N GLU C 134 -1.67 36.49 30.46
CA GLU C 134 -0.93 35.43 31.13
C GLU C 134 0.55 35.76 31.07
N ILE C 135 1.29 35.41 32.11
CA ILE C 135 2.74 35.66 32.15
C ILE C 135 3.43 34.32 32.40
N ASP C 136 4.36 33.93 31.56
CA ASP C 136 4.94 32.58 31.74
C ASP C 136 6.42 32.27 32.06
N ASN C 137 7.34 33.03 31.65
CA ASN C 137 8.76 32.90 31.98
C ASN C 137 8.92 34.39 31.81
N GLY C 138 8.83 35.28 32.80
CA GLY C 138 8.89 36.69 32.43
C GLY C 138 8.39 37.15 31.04
N LYS C 139 7.45 36.42 30.43
CA LYS C 139 6.94 36.83 29.10
C LYS C 139 5.44 37.01 29.15
N LYS C 140 4.98 38.06 28.47
CA LYS C 140 3.58 38.42 28.45
C LYS C 140 2.82 37.77 27.31
N TYR C 141 1.73 37.10 27.64
CA TYR C 141 0.90 36.46 26.63
C TYR C 141 -0.55 36.82 26.86
N TYR C 142 -1.34 36.68 25.80
CA TYR C 142 -2.76 36.94 25.86
C TYR C 142 -3.45 35.74 25.26
N LEU C 143 -4.30 35.10 26.05
CA LEU C 143 -5.02 33.94 25.57
C LEU C 143 -5.91 34.30 24.40
N LEU C 144 -6.07 33.38 23.47
CA LEU C 144 -6.95 33.54 22.32
C LEU C 144 -7.88 32.34 22.42
N GLU C 145 -9.19 32.55 22.52
CA GLU C 145 -10.08 31.39 22.60
C GLU C 145 -10.73 30.99 21.32
N SER C 146 -11.32 29.82 21.40
CA SER C 146 -12.05 29.25 20.29
C SER C 146 -12.90 28.16 20.90
N ASN C 147 -14.07 27.97 20.33
CA ASN C 147 -14.99 26.96 20.81
C ASN C 147 -14.42 25.57 20.60
N ASN C 148 -13.15 25.48 20.24
CA ASN C 148 -12.52 24.17 20.04
C ASN C 148 -12.27 23.51 21.40
N GLN C 149 -12.32 22.18 21.43
CA GLN C 149 -12.13 21.46 22.68
C GLN C 149 -10.82 20.73 22.87
N VAL C 150 -10.02 20.59 21.82
CA VAL C 150 -8.75 19.89 21.95
C VAL C 150 -7.56 20.81 22.22
N TYR C 151 -7.50 21.94 21.52
CA TYR C 151 -6.38 22.84 21.68
C TYR C 151 -6.69 24.11 22.43
N GLU C 152 -5.63 24.77 22.88
CA GLU C 152 -5.72 26.03 23.60
C GLU C 152 -4.70 26.96 22.95
N PHE C 153 -5.09 28.18 22.63
CA PHE C 153 -4.18 29.11 21.97
C PHE C 153 -3.91 30.40 22.70
N ARG C 154 -2.71 30.93 22.55
CA ARG C 154 -2.37 32.21 23.17
C ARG C 154 -1.41 32.97 22.24
N ILE C 155 -1.31 34.28 22.40
CA ILE C 155 -0.44 35.06 21.54
C ILE C 155 0.56 35.90 22.33
N SER C 156 1.77 36.02 21.81
CA SER C 156 2.80 36.79 22.46
C SER C 156 2.56 38.27 22.24
N ASP C 157 2.77 39.05 23.30
CA ASP C 157 2.58 40.49 23.22
C ASP C 157 3.76 41.13 22.50
N GLU C 158 4.96 40.60 22.71
CA GLU C 158 6.15 41.13 22.08
C GLU C 158 6.17 41.05 20.56
N ASN C 159 6.37 39.83 20.05
CA ASN C 159 6.44 39.60 18.60
C ASN C 159 5.14 39.20 17.92
N ASN C 160 4.08 39.00 18.71
CA ASN C 160 2.79 38.61 18.17
C ASN C 160 2.73 37.20 17.58
N GLU C 161 3.54 36.31 18.12
CA GLU C 161 3.56 34.93 17.65
C GLU C 161 2.49 34.20 18.42
N VAL C 162 1.78 33.31 17.74
CA VAL C 162 0.72 32.54 18.37
C VAL C 162 1.26 31.16 18.74
N GLN C 163 0.91 30.69 19.93
CA GLN C 163 1.36 29.38 20.36
C GLN C 163 0.11 28.60 20.73
N TYR C 164 0.23 27.27 20.77
CA TYR C 164 -0.91 26.45 21.13
C TYR C 164 -0.44 25.21 21.85
N LYS C 165 -1.34 24.61 22.61
CA LYS C 165 -1.02 23.41 23.35
C LYS C 165 -2.29 22.60 23.46
N THR C 166 -2.16 21.32 23.78
CA THR C 166 -3.34 20.50 23.92
C THR C 166 -3.93 20.71 25.30
N LYS C 167 -5.24 20.64 25.37
CA LYS C 167 -5.92 20.82 26.62
C LYS C 167 -5.65 19.67 27.56
N GLU C 168 -6.02 19.89 28.82
CA GLU C 168 -5.82 18.91 29.87
C GLU C 168 -6.51 17.59 29.57
N GLY C 169 -5.76 16.51 29.74
CA GLY C 169 -6.30 15.19 29.51
C GLY C 169 -6.75 14.96 28.09
N LYS C 170 -6.86 16.02 27.29
CA LYS C 170 -7.27 15.86 25.89
C LYS C 170 -6.16 15.25 25.01
N ILE C 171 -6.56 14.57 23.96
CA ILE C 171 -5.58 13.97 23.08
C ILE C 171 -5.74 14.37 21.62
N THR C 172 -4.62 14.55 20.91
CA THR C 172 -4.65 14.90 19.49
C THR C 172 -5.22 13.72 18.74
N VAL C 173 -5.63 13.95 17.50
CA VAL C 173 -6.18 12.90 16.66
C VAL C 173 -5.12 11.84 16.50
N LEU C 174 -3.91 12.30 16.21
CA LEU C 174 -2.78 11.42 16.03
C LEU C 174 -2.29 10.87 17.35
N GLY C 175 -3.03 11.14 18.41
CA GLY C 175 -2.66 10.65 19.71
C GLY C 175 -1.38 11.29 20.20
N GLU C 176 -1.44 12.60 20.35
CA GLU C 176 -0.31 13.38 20.82
C GLU C 176 -0.81 14.23 21.95
N LYS C 177 0.12 14.88 22.64
CA LYS C 177 -0.22 15.79 23.71
C LYS C 177 1.06 16.51 23.98
N PHE C 178 0.95 17.82 24.09
CA PHE C 178 2.11 18.65 24.28
C PHE C 178 1.72 19.96 24.88
N ASN C 179 2.72 20.67 25.40
CA ASN C 179 2.49 21.96 26.00
C ASN C 179 2.66 23.10 24.98
N TRP C 180 2.64 24.32 25.43
CA TRP C 180 2.77 25.48 24.54
C TRP C 180 3.93 25.40 23.58
N ARG C 181 3.63 25.67 22.32
CA ARG C 181 4.62 25.67 21.27
C ARG C 181 4.07 26.43 20.08
N ASN C 182 4.96 27.07 19.33
CA ASN C 182 4.59 27.89 18.20
C ASN C 182 3.79 27.17 17.12
N ILE C 183 2.94 27.93 16.45
CA ILE C 183 2.13 27.41 15.37
C ILE C 183 2.85 27.73 14.09
N GLU C 184 3.42 26.74 13.43
CA GLU C 184 4.14 27.00 12.19
C GLU C 184 3.17 26.97 11.01
N VAL C 185 3.48 27.77 9.99
CA VAL C 185 2.65 27.83 8.79
C VAL C 185 3.49 27.71 7.53
N MET C 186 2.93 27.05 6.50
CA MET C 186 3.64 26.88 5.25
C MET C 186 3.92 28.23 4.65
N ALA C 187 5.11 28.37 4.10
CA ALA C 187 5.49 29.63 3.49
C ALA C 187 6.37 29.35 2.29
N LYS C 188 6.46 30.35 1.42
CA LYS C 188 7.30 30.23 0.24
C LYS C 188 8.42 31.24 0.39
N ASN C 189 9.50 31.00 -0.35
CA ASN C 189 10.63 31.89 -0.32
C ASN C 189 10.43 33.03 -1.31
N VAL C 190 10.49 34.26 -0.82
CA VAL C 190 10.34 35.42 -1.66
C VAL C 190 11.51 36.36 -1.38
N GLU C 191 12.43 36.45 -2.35
CA GLU C 191 13.59 37.33 -2.22
C GLU C 191 14.38 37.03 -0.96
N GLY C 192 14.63 35.75 -0.71
CA GLY C 192 15.39 35.37 0.47
C GLY C 192 14.60 35.43 1.75
N VAL C 193 13.41 36.01 1.70
CA VAL C 193 12.57 36.07 2.90
C VAL C 193 11.43 35.08 2.75
N LEU C 194 11.08 34.46 3.87
CA LEU C 194 10.00 33.48 3.92
C LEU C 194 8.67 34.14 4.25
N LYS C 195 7.77 34.11 3.29
CA LYS C 195 6.46 34.71 3.43
C LYS C 195 5.37 33.66 3.43
N PRO C 196 4.41 33.75 4.36
CA PRO C 196 3.29 32.84 4.54
C PRO C 196 2.38 32.68 3.35
N LEU C 197 1.77 31.50 3.22
CA LEU C 197 0.87 31.19 2.11
C LEU C 197 -0.59 31.08 2.52
N THR C 198 -1.48 31.13 1.53
CA THR C 198 -2.91 31.02 1.77
C THR C 198 -3.60 30.40 0.58
N ALA C 199 -4.87 30.08 0.76
CA ALA C 199 -5.65 29.44 -0.31
C ALA C 199 -5.60 30.23 -1.59
N ASP C 200 -5.60 29.51 -2.70
CA ASP C 200 -5.55 30.10 -4.04
C ASP C 200 -6.91 29.99 -4.69
N TYR C 201 -7.02 30.48 -5.92
CA TYR C 201 -8.28 30.37 -6.65
C TYR C 201 -8.23 29.13 -7.53
N ASP C 202 -8.94 28.08 -7.17
CA ASP C 202 -8.89 26.88 -8.01
C ASP C 202 -9.98 26.94 -9.08
N LEU C 203 -9.58 26.90 -10.34
CA LEU C 203 -10.55 26.93 -11.43
C LEU C 203 -11.25 25.59 -11.61
N PHE C 204 -12.58 25.60 -11.54
CA PHE C 204 -13.30 24.35 -11.72
C PHE C 204 -13.29 23.96 -13.19
N ALA C 205 -13.52 24.95 -14.04
CA ALA C 205 -13.56 24.72 -15.48
C ALA C 205 -13.64 26.04 -16.25
N LEU C 206 -13.03 26.05 -17.44
CA LEU C 206 -13.03 27.21 -18.34
C LEU C 206 -13.78 26.84 -19.61
N ALA C 207 -14.91 27.48 -19.84
CA ALA C 207 -15.69 27.20 -21.05
C ALA C 207 -15.69 28.40 -21.99
N PRO C 208 -14.85 28.36 -23.05
CA PRO C 208 -14.76 29.45 -24.02
C PRO C 208 -15.74 29.26 -25.16
N SER C 209 -15.97 30.34 -25.90
CA SER C 209 -16.87 30.30 -27.05
C SER C 209 -16.14 29.62 -28.20
N LEU C 210 -16.84 28.81 -28.98
CA LEU C 210 -16.20 28.15 -30.10
C LEU C 210 -15.42 29.17 -30.91
N THR C 211 -16.04 30.32 -31.16
CA THR C 211 -15.38 31.37 -31.93
C THR C 211 -14.05 31.74 -31.27
N GLU C 212 -14.10 32.05 -29.99
CA GLU C 212 -12.88 32.42 -29.28
C GLU C 212 -11.80 31.38 -29.55
N ILE C 213 -12.21 30.13 -29.74
CA ILE C 213 -11.24 29.08 -30.00
C ILE C 213 -10.69 29.26 -31.40
N LYS C 214 -11.55 29.71 -32.32
CA LYS C 214 -11.15 29.95 -33.71
C LYS C 214 -9.92 30.86 -33.76
N LYS C 215 -9.96 31.94 -32.99
CA LYS C 215 -8.85 32.89 -32.92
C LYS C 215 -7.55 32.19 -32.55
N GLN C 216 -7.66 30.97 -32.04
CA GLN C 216 -6.47 30.23 -31.64
C GLN C 216 -5.83 29.56 -32.86
N ILE C 217 -6.68 29.22 -33.84
CA ILE C 217 -6.23 28.57 -35.06
C ILE C 217 -5.56 29.55 -36.02
N PRO C 218 -4.35 29.20 -36.51
CA PRO C 218 -3.62 30.05 -37.45
C PRO C 218 -4.46 30.20 -38.72
N GLN C 219 -4.76 31.44 -39.11
CA GLN C 219 -5.69 31.56 -40.26
C GLN C 219 -5.40 30.76 -41.55
N LYS C 220 -4.15 30.33 -41.71
CA LYS C 220 -3.57 29.66 -42.88
C LYS C 220 -3.78 28.20 -42.91
N GLU C 221 -3.59 27.66 -41.70
CA GLU C 221 -3.74 26.24 -41.41
C GLU C 221 -5.23 25.94 -41.48
N TRP C 222 -6.05 26.94 -41.13
CA TRP C 222 -7.51 26.77 -41.16
C TRP C 222 -7.90 26.76 -42.63
N ASP C 223 -7.06 27.38 -43.45
CA ASP C 223 -7.31 27.43 -44.89
C ASP C 223 -6.88 26.13 -45.56
N LYS C 224 -5.66 25.68 -45.26
CA LYS C 224 -5.16 24.44 -45.86
C LYS C 224 -6.10 23.27 -45.56
N VAL C 225 -7.20 23.56 -44.88
CA VAL C 225 -8.18 22.53 -44.53
C VAL C 225 -9.58 22.93 -44.95
N VAL C 226 -9.87 24.23 -44.91
CA VAL C 226 -11.18 24.73 -45.31
C VAL C 226 -11.19 24.92 -46.84
N ASN C 227 -10.01 24.76 -47.45
CA ASN C 227 -9.83 24.86 -48.89
C ASN C 227 -9.45 23.47 -49.40
N THR C 228 -10.46 22.71 -49.81
CA THR C 228 -10.25 21.34 -50.31
C THR C 228 -11.58 20.78 -50.84
N PRO C 229 -11.51 19.75 -51.69
CA PRO C 229 -12.71 19.12 -52.26
C PRO C 229 -13.52 18.24 -51.29
N ASN C 230 -13.04 17.00 -51.10
CA ASN C 230 -13.66 16.00 -50.24
C ASN C 230 -14.65 16.54 -49.19
N SER C 231 -15.93 16.50 -49.54
CA SER C 231 -16.98 16.99 -48.66
C SER C 231 -16.89 16.40 -47.25
N LEU C 232 -16.58 15.10 -47.16
CA LEU C 232 -16.48 14.44 -45.85
C LEU C 232 -15.24 14.83 -45.07
N GLU C 233 -14.10 14.85 -45.76
CA GLU C 233 -12.84 15.21 -45.13
C GLU C 233 -12.85 16.72 -44.87
N LYS C 234 -13.97 17.35 -45.19
CA LYS C 234 -14.14 18.79 -44.99
C LYS C 234 -14.30 19.03 -43.49
N GLN C 235 -15.22 18.28 -42.87
CA GLN C 235 -15.52 18.38 -41.44
C GLN C 235 -14.35 17.85 -40.61
N LYS C 236 -13.94 16.62 -40.91
CA LYS C 236 -12.83 15.99 -40.22
C LYS C 236 -11.64 16.93 -40.08
N GLY C 237 -11.54 17.89 -41.01
CA GLY C 237 -10.45 18.83 -40.98
C GLY C 237 -10.56 19.82 -39.84
N VAL C 238 -11.74 20.43 -39.71
CA VAL C 238 -11.99 21.38 -38.65
C VAL C 238 -12.02 20.69 -37.29
N THR C 239 -12.67 19.51 -37.26
CA THR C 239 -12.76 18.71 -36.05
C THR C 239 -11.39 18.55 -35.41
N ASN C 240 -10.38 18.28 -36.23
CA ASN C 240 -9.03 18.08 -35.73
C ASN C 240 -8.33 19.39 -35.34
N LEU C 241 -8.86 20.52 -35.82
CA LEU C 241 -8.24 21.79 -35.45
C LEU C 241 -8.86 22.18 -34.12
N LEU C 242 -10.19 22.00 -34.05
CA LEU C 242 -10.99 22.26 -32.86
C LEU C 242 -10.32 21.57 -31.70
N ILE C 243 -9.86 20.34 -31.96
CA ILE C 243 -9.15 19.54 -30.98
C ILE C 243 -7.80 20.18 -30.66
N LYS C 244 -6.90 20.06 -31.62
CA LYS C 244 -5.56 20.59 -31.52
C LYS C 244 -5.50 21.94 -30.83
N TYR C 245 -6.47 22.79 -31.11
CA TYR C 245 -6.46 24.13 -30.52
C TYR C 245 -7.35 24.44 -29.33
N GLY C 246 -8.22 23.51 -28.96
CA GLY C 246 -9.07 23.79 -27.83
C GLY C 246 -9.35 22.61 -26.92
N ILE C 247 -9.22 21.41 -27.45
CA ILE C 247 -9.50 20.24 -26.66
C ILE C 247 -8.28 19.57 -26.06
N GLU C 248 -7.19 19.50 -26.81
CA GLU C 248 -5.98 18.84 -26.31
C GLU C 248 -5.31 19.63 -25.18
N ARG C 249 -4.74 18.90 -24.21
CA ARG C 249 -4.06 19.52 -23.05
C ARG C 249 -2.74 18.81 -22.74
N LYS C 250 -1.83 19.50 -22.08
CA LYS C 250 -0.56 18.88 -21.76
C LYS C 250 0.01 19.26 -20.39
N PRO C 251 0.75 18.34 -19.78
CA PRO C 251 1.34 18.59 -18.46
C PRO C 251 2.45 19.60 -18.46
N ASP C 252 2.14 20.80 -17.98
CA ASP C 252 3.14 21.86 -17.88
C ASP C 252 3.97 21.56 -16.66
N SER C 253 5.13 22.22 -16.54
CA SER C 253 6.00 22.02 -15.39
C SER C 253 5.33 22.29 -14.03
N THR C 254 4.92 23.53 -13.79
CA THR C 254 4.29 23.87 -12.52
C THR C 254 2.83 24.26 -12.62
N LYS C 255 2.31 24.34 -13.84
CA LYS C 255 0.91 24.72 -14.02
C LYS C 255 0.03 23.51 -14.13
N GLY C 256 0.59 22.34 -13.81
CA GLY C 256 -0.15 21.10 -13.89
C GLY C 256 -0.59 20.79 -15.30
N THR C 257 -1.66 20.04 -15.46
CA THR C 257 -2.13 19.71 -16.78
C THR C 257 -3.21 20.66 -17.25
N LEU C 258 -2.88 21.50 -18.23
CA LEU C 258 -3.81 22.45 -18.83
C LEU C 258 -3.51 22.55 -20.31
N SER C 259 -4.36 23.27 -21.03
CA SER C 259 -4.19 23.44 -22.46
C SER C 259 -3.42 24.74 -22.70
N ASN C 260 -3.28 25.12 -23.96
CA ASN C 260 -2.59 26.36 -24.27
C ASN C 260 -3.49 27.60 -24.14
N TRP C 261 -4.73 27.53 -24.62
CA TRP C 261 -5.57 28.71 -24.47
C TRP C 261 -5.74 28.95 -22.98
N GLN C 262 -5.87 27.86 -22.22
CA GLN C 262 -6.02 27.94 -20.78
C GLN C 262 -4.82 28.64 -20.16
N LYS C 263 -3.63 28.33 -20.67
CA LYS C 263 -2.42 28.98 -20.16
C LYS C 263 -2.54 30.48 -20.29
N GLN C 264 -3.03 30.93 -21.45
CA GLN C 264 -3.21 32.35 -21.71
C GLN C 264 -4.20 32.91 -20.73
N MET C 265 -5.42 32.38 -20.81
CA MET C 265 -6.53 32.77 -19.93
C MET C 265 -6.05 32.84 -18.49
N LEU C 266 -5.20 31.91 -18.12
CA LEU C 266 -4.66 31.88 -16.79
C LEU C 266 -3.97 33.23 -16.55
N ASP C 267 -2.99 33.55 -17.39
CA ASP C 267 -2.25 34.79 -17.26
C ASP C 267 -3.11 36.04 -17.25
N ARG C 268 -4.17 36.05 -18.04
CA ARG C 268 -5.03 37.22 -18.07
C ARG C 268 -5.60 37.41 -16.66
N LEU C 269 -6.02 36.30 -16.06
CA LEU C 269 -6.61 36.31 -14.72
C LEU C 269 -5.65 36.86 -13.67
N ASN C 270 -4.43 36.37 -13.67
CA ASN C 270 -3.47 36.86 -12.69
C ASN C 270 -3.16 38.32 -12.99
N GLU C 271 -3.17 38.65 -14.28
CA GLU C 271 -2.90 40.01 -14.69
C GLU C 271 -3.98 40.89 -14.08
N ALA C 272 -5.21 40.56 -14.41
CA ALA C 272 -6.35 41.29 -13.92
C ALA C 272 -6.28 41.65 -12.43
N VAL C 273 -6.01 40.68 -11.58
CA VAL C 273 -5.95 40.99 -10.14
C VAL C 273 -4.75 41.83 -9.74
N LYS C 274 -3.70 41.82 -10.56
CA LYS C 274 -2.53 42.61 -10.23
C LYS C 274 -2.83 44.05 -10.57
N TYR C 275 -3.72 44.25 -11.54
CA TYR C 275 -4.15 45.58 -11.94
C TYR C 275 -4.90 46.21 -10.75
N THR C 276 -5.49 45.39 -9.91
CA THR C 276 -6.24 45.88 -8.77
C THR C 276 -5.35 46.11 -7.57
N GLY C 277 -4.13 45.60 -7.61
CA GLY C 277 -3.23 45.79 -6.48
C GLY C 277 -2.67 44.54 -5.81
N TYR C 278 -3.21 43.37 -6.15
CA TYR C 278 -2.70 42.14 -5.54
C TYR C 278 -1.20 42.05 -5.77
N THR C 279 -0.44 42.14 -4.70
CA THR C 279 1.01 42.09 -4.80
C THR C 279 1.62 40.75 -4.40
N GLY C 280 0.77 39.76 -4.11
CA GLY C 280 1.25 38.46 -3.70
C GLY C 280 1.79 37.60 -4.84
N GLY C 281 1.37 37.89 -6.07
CA GLY C 281 1.82 37.12 -7.20
C GLY C 281 0.62 36.55 -7.90
N ASP C 282 0.65 35.27 -8.22
CA ASP C 282 -0.49 34.65 -8.88
C ASP C 282 -1.56 34.25 -7.87
N VAL C 283 -2.81 34.28 -8.31
CA VAL C 283 -3.92 33.93 -7.47
C VAL C 283 -4.49 32.62 -8.04
N VAL C 284 -4.16 32.38 -9.31
CA VAL C 284 -4.57 31.17 -10.03
C VAL C 284 -3.25 30.52 -10.39
N ASN C 285 -3.11 29.29 -9.91
CA ASN C 285 -1.91 28.52 -10.19
C ASN C 285 -2.12 27.17 -10.95
N HIS C 286 -3.27 26.82 -11.57
CA HIS C 286 -3.25 25.56 -12.32
C HIS C 286 -4.43 25.26 -13.15
N GLY C 287 -4.09 24.48 -14.17
CA GLY C 287 -5.08 24.01 -15.01
C GLY C 287 -6.30 23.97 -14.16
N THR C 288 -7.37 23.60 -14.84
CA THR C 288 -8.70 23.51 -14.22
C THR C 288 -8.94 22.12 -13.62
N GLU C 289 -10.10 21.99 -12.99
CA GLU C 289 -10.31 20.81 -12.11
C GLU C 289 -10.61 19.67 -13.09
N GLN C 290 -11.18 20.00 -14.26
CA GLN C 290 -11.53 18.97 -15.24
C GLN C 290 -10.34 18.16 -15.76
N ASP C 291 -9.15 18.53 -15.36
CA ASP C 291 -7.96 17.82 -15.79
C ASP C 291 -7.27 17.24 -14.58
N ASN C 292 -7.90 17.46 -13.43
CA ASN C 292 -7.39 16.96 -12.17
C ASN C 292 -8.00 15.56 -12.06
N GLU C 293 -7.46 14.64 -12.86
CA GLU C 293 -7.94 13.26 -12.94
C GLU C 293 -7.54 12.28 -11.84
N GLU C 294 -6.46 12.56 -11.14
CA GLU C 294 -6.02 11.64 -10.09
C GLU C 294 -6.68 11.82 -8.73
N PHE C 295 -6.95 13.05 -8.35
CA PHE C 295 -7.58 13.33 -7.08
C PHE C 295 -8.69 14.33 -7.29
N PRO C 296 -9.76 13.91 -7.96
CA PRO C 296 -10.83 14.86 -8.18
C PRO C 296 -11.61 15.23 -6.93
N GLU C 297 -11.84 16.53 -6.76
CA GLU C 297 -12.62 17.07 -5.63
C GLU C 297 -14.03 17.32 -6.15
N LYS C 298 -15.05 16.85 -5.45
CA LYS C 298 -16.43 17.06 -5.89
C LYS C 298 -17.06 18.11 -4.98
N ASP C 299 -16.99 19.38 -5.36
CA ASP C 299 -17.57 20.44 -4.52
C ASP C 299 -19.06 20.63 -4.74
N ASN C 300 -19.74 21.13 -3.71
CA ASN C 300 -21.16 21.36 -3.87
C ASN C 300 -21.43 22.65 -4.64
N GLU C 301 -20.89 23.77 -4.16
CA GLU C 301 -21.09 25.06 -4.82
C GLU C 301 -20.00 25.53 -5.79
N ILE C 302 -20.40 25.72 -7.04
CA ILE C 302 -19.49 26.21 -8.08
C ILE C 302 -19.84 27.68 -8.31
N PHE C 303 -18.82 28.51 -8.51
CA PHE C 303 -19.02 29.94 -8.75
C PHE C 303 -18.76 30.17 -10.22
N ILE C 304 -19.80 30.60 -10.94
CA ILE C 304 -19.71 30.84 -12.36
C ILE C 304 -19.90 32.30 -12.72
N ILE C 305 -19.09 32.76 -13.67
CA ILE C 305 -19.15 34.13 -14.18
C ILE C 305 -19.37 33.93 -15.66
N ASN C 306 -20.56 34.27 -16.15
CA ASN C 306 -20.88 34.08 -17.57
C ASN C 306 -20.34 35.22 -18.44
N PRO C 307 -20.17 34.94 -19.75
CA PRO C 307 -19.66 35.95 -20.68
C PRO C 307 -20.41 37.28 -20.61
N GLU C 308 -21.51 37.30 -19.88
CA GLU C 308 -22.30 38.51 -19.71
C GLU C 308 -21.61 39.33 -18.63
N GLY C 309 -21.07 38.64 -17.64
CA GLY C 309 -20.40 39.32 -16.54
C GLY C 309 -21.20 39.16 -15.26
N GLU C 310 -22.21 38.28 -15.31
CA GLU C 310 -23.05 38.04 -14.15
C GLU C 310 -22.45 36.98 -13.24
N PHE C 311 -22.93 36.93 -12.00
CA PHE C 311 -22.43 35.98 -11.03
C PHE C 311 -23.48 34.93 -10.67
N ILE C 312 -23.13 33.66 -10.82
CA ILE C 312 -24.05 32.58 -10.50
C ILE C 312 -23.36 31.61 -9.60
N LEU C 313 -24.09 31.03 -8.65
CA LEU C 313 -23.47 30.05 -7.77
C LEU C 313 -24.35 28.82 -7.66
N THR C 314 -23.97 27.77 -8.36
CA THR C 314 -24.76 26.53 -8.31
C THR C 314 -24.84 26.10 -6.85
N LYS C 315 -25.98 25.55 -6.47
CA LYS C 315 -26.22 25.11 -5.10
C LYS C 315 -25.71 23.71 -4.81
N ASN C 316 -25.76 22.82 -5.80
CA ASN C 316 -25.31 21.47 -5.57
C ASN C 316 -24.86 20.80 -6.87
N TRP C 317 -23.96 19.84 -6.75
CA TRP C 317 -23.42 19.11 -7.89
C TRP C 317 -24.46 18.82 -8.95
N GLU C 318 -25.55 18.18 -8.57
CA GLU C 318 -26.55 17.87 -9.57
C GLU C 318 -26.90 19.15 -10.33
N MET C 319 -27.01 20.27 -9.62
CA MET C 319 -27.36 21.53 -10.25
C MET C 319 -26.26 22.02 -11.16
N THR C 320 -25.03 22.00 -10.67
CA THR C 320 -23.90 22.45 -11.48
C THR C 320 -23.93 21.72 -12.81
N GLY C 321 -24.43 20.49 -12.79
CA GLY C 321 -24.46 19.73 -14.01
C GLY C 321 -25.44 20.31 -15.01
N ARG C 322 -26.59 20.70 -14.50
CA ARG C 322 -27.64 21.28 -15.32
C ARG C 322 -27.20 22.57 -15.91
N PHE C 323 -26.67 23.43 -15.05
CA PHE C 323 -26.23 24.70 -15.53
C PHE C 323 -25.33 24.51 -16.71
N ILE C 324 -24.28 23.72 -16.54
CA ILE C 324 -23.33 23.48 -17.59
C ILE C 324 -24.00 22.92 -18.84
N GLU C 325 -24.99 22.06 -18.64
CA GLU C 325 -25.68 21.47 -19.76
C GLU C 325 -26.50 22.49 -20.54
N LYS C 326 -27.42 23.13 -19.85
CA LYS C 326 -28.31 24.12 -20.46
C LYS C 326 -27.63 25.37 -21.03
N ASN C 327 -26.60 25.88 -20.36
CA ASN C 327 -25.95 27.09 -20.84
C ASN C 327 -24.56 27.00 -21.43
N ILE C 328 -23.97 25.82 -21.49
CA ILE C 328 -22.62 25.71 -22.05
C ILE C 328 -22.49 24.58 -23.05
N THR C 329 -22.41 23.35 -22.56
CA THR C 329 -22.25 22.22 -23.44
C THR C 329 -23.41 22.06 -24.43
N GLY C 330 -24.42 22.89 -24.29
CA GLY C 330 -25.55 22.80 -25.20
C GLY C 330 -25.79 24.12 -25.91
N LYS C 331 -24.83 25.04 -25.77
CA LYS C 331 -24.94 26.36 -26.38
C LYS C 331 -23.67 26.83 -27.11
N ASP C 332 -23.13 26.02 -28.01
CA ASP C 332 -21.93 26.41 -28.76
C ASP C 332 -20.77 26.95 -27.92
N TYR C 333 -20.33 26.20 -26.92
CA TYR C 333 -19.19 26.65 -26.12
C TYR C 333 -18.28 25.45 -25.95
N LEU C 334 -16.97 25.69 -25.91
CA LEU C 334 -16.08 24.57 -25.77
C LEU C 334 -16.07 24.06 -24.35
N TYR C 335 -16.27 22.75 -24.18
CA TYR C 335 -16.28 22.14 -22.86
C TYR C 335 -16.00 20.64 -22.83
N TYR C 336 -15.17 20.24 -21.88
CA TYR C 336 -14.88 18.83 -21.72
C TYR C 336 -14.88 18.60 -20.21
N PHE C 337 -15.45 17.47 -19.78
CA PHE C 337 -15.53 17.13 -18.37
C PHE C 337 -14.48 16.12 -17.94
N ASN C 338 -13.97 16.28 -16.73
CA ASN C 338 -12.96 15.37 -16.16
C ASN C 338 -13.10 13.93 -16.63
N ARG C 339 -12.03 13.43 -17.24
CA ARG C 339 -12.03 12.07 -17.76
C ARG C 339 -12.19 10.99 -16.71
N SER C 340 -12.02 11.36 -15.44
CA SER C 340 -12.16 10.41 -14.37
C SER C 340 -13.61 10.23 -14.00
N TYR C 341 -14.43 11.23 -14.26
CA TYR C 341 -15.82 11.09 -13.93
C TYR C 341 -16.31 9.77 -14.46
N ASN C 342 -17.26 9.18 -13.75
CA ASN C 342 -17.87 7.91 -14.10
C ASN C 342 -16.89 6.78 -14.08
N LYS C 343 -15.77 7.02 -13.42
CA LYS C 343 -14.75 5.99 -13.28
C LYS C 343 -14.20 6.13 -11.87
N ILE C 344 -13.35 5.20 -11.47
CA ILE C 344 -12.78 5.31 -10.13
C ILE C 344 -11.47 6.06 -10.22
N ALA C 345 -11.47 7.32 -9.82
CA ALA C 345 -10.24 8.11 -9.86
C ALA C 345 -9.17 7.29 -9.18
N PRO C 346 -8.02 7.09 -9.86
CA PRO C 346 -6.87 6.31 -9.35
C PRO C 346 -6.30 6.80 -8.03
N GLY C 347 -6.12 8.11 -7.94
CA GLY C 347 -5.52 8.69 -6.77
C GLY C 347 -6.24 8.55 -5.45
N ASN C 348 -7.47 9.05 -5.38
CA ASN C 348 -8.25 9.02 -4.16
C ASN C 348 -9.45 8.13 -4.29
N LYS C 349 -9.48 7.32 -5.33
CA LYS C 349 -10.58 6.39 -5.55
C LYS C 349 -11.95 7.10 -5.59
N ALA C 350 -11.96 8.38 -5.87
CA ALA C 350 -13.21 9.09 -5.93
C ALA C 350 -14.06 8.53 -7.05
N TYR C 351 -15.37 8.61 -6.94
CA TYR C 351 -16.23 8.13 -8.01
C TYR C 351 -17.30 9.20 -8.30
N ILE C 352 -16.91 10.27 -9.00
CA ILE C 352 -17.83 11.36 -9.35
C ILE C 352 -18.56 11.10 -10.66
N GLU C 353 -19.88 11.09 -10.60
CA GLU C 353 -20.67 10.82 -11.78
C GLU C 353 -21.02 12.09 -12.52
N TRP C 354 -21.15 11.94 -13.83
CA TRP C 354 -21.45 13.06 -14.71
C TRP C 354 -22.22 12.51 -15.89
N THR C 355 -23.09 13.33 -16.46
CA THR C 355 -23.90 12.88 -17.59
C THR C 355 -23.13 12.79 -18.89
N ASP C 356 -22.97 11.57 -19.42
CA ASP C 356 -22.23 11.37 -20.67
C ASP C 356 -23.09 10.83 -21.79
N PRO C 357 -23.67 11.72 -22.60
CA PRO C 357 -24.55 11.40 -23.73
C PRO C 357 -24.18 10.11 -24.46
N ILE C 358 -22.90 10.00 -24.84
CA ILE C 358 -22.42 8.81 -25.53
C ILE C 358 -22.98 7.55 -24.90
N THR C 359 -22.92 7.48 -23.58
CA THR C 359 -23.44 6.33 -22.85
C THR C 359 -24.95 6.34 -22.82
N LYS C 360 -25.50 7.50 -22.47
CA LYS C 360 -26.95 7.66 -22.39
C LYS C 360 -27.61 7.20 -23.68
N ALA C 361 -26.81 6.79 -24.67
CA ALA C 361 -27.34 6.34 -25.94
C ALA C 361 -26.75 5.03 -26.45
N LYS C 362 -25.80 4.48 -25.70
CA LYS C 362 -25.18 3.23 -26.12
C LYS C 362 -26.11 2.06 -25.85
N ILE C 363 -27.39 2.38 -25.66
CA ILE C 363 -28.39 1.35 -25.40
C ILE C 363 -29.08 1.02 -26.71
N ASN C 364 -29.21 2.04 -27.55
CA ASN C 364 -29.82 1.89 -28.87
C ASN C 364 -28.73 1.90 -29.94
N THR C 365 -27.52 1.53 -29.55
CA THR C 365 -26.40 1.51 -30.48
C THR C 365 -25.70 0.17 -30.46
N ILE C 366 -25.38 -0.31 -31.66
CA ILE C 366 -24.70 -1.58 -31.85
C ILE C 366 -23.23 -1.46 -31.55
N PRO C 367 -22.65 -2.47 -30.90
CA PRO C 367 -21.24 -2.48 -30.54
C PRO C 367 -20.30 -2.59 -31.74
N THR C 368 -19.12 -2.03 -31.59
CA THR C 368 -18.09 -2.09 -32.63
C THR C 368 -17.42 -3.45 -32.52
N SER C 369 -16.86 -3.93 -33.62
CA SER C 369 -16.16 -5.21 -33.58
C SER C 369 -15.16 -5.09 -32.44
N ALA C 370 -14.53 -3.92 -32.33
CA ALA C 370 -13.56 -3.65 -31.28
C ALA C 370 -14.28 -3.45 -29.95
N GLU C 371 -15.31 -2.60 -29.98
CA GLU C 371 -16.13 -2.35 -28.81
C GLU C 371 -16.89 -3.67 -28.62
N PHE C 372 -16.15 -4.76 -28.53
CA PHE C 372 -16.71 -6.10 -28.38
C PHE C 372 -15.58 -7.05 -28.04
N ILE C 373 -14.58 -7.04 -28.90
CA ILE C 373 -13.42 -7.88 -28.70
C ILE C 373 -12.75 -7.41 -27.42
N LYS C 374 -12.86 -6.12 -27.15
CA LYS C 374 -12.28 -5.57 -25.93
C LYS C 374 -13.10 -6.02 -24.74
N ASN C 375 -14.42 -6.02 -24.87
CA ASN C 375 -15.29 -6.46 -23.78
C ASN C 375 -14.95 -7.90 -23.41
N LEU C 376 -14.85 -8.75 -24.43
CA LEU C 376 -14.53 -10.15 -24.23
C LEU C 376 -13.27 -10.31 -23.40
N SER C 377 -12.44 -9.27 -23.39
CA SER C 377 -11.20 -9.28 -22.62
C SER C 377 -11.51 -8.98 -21.15
N SER C 378 -12.19 -7.87 -20.90
CA SER C 378 -12.55 -7.46 -19.55
C SER C 378 -13.38 -8.56 -18.87
N ILE C 379 -14.32 -9.12 -19.61
CA ILE C 379 -15.17 -10.17 -19.08
C ILE C 379 -14.33 -11.44 -18.89
N ARG C 380 -13.09 -11.39 -19.35
CA ARG C 380 -12.18 -12.53 -19.24
C ARG C 380 -11.37 -12.39 -17.96
N ARG C 381 -11.84 -11.54 -17.06
CA ARG C 381 -11.19 -11.30 -15.77
C ARG C 381 -11.83 -12.16 -14.68
N SER C 382 -12.88 -12.87 -15.06
CA SER C 382 -13.60 -13.76 -14.14
C SER C 382 -13.43 -15.19 -14.64
N SER C 383 -12.19 -15.56 -14.91
CA SER C 383 -11.83 -16.89 -15.40
C SER C 383 -10.31 -16.98 -15.55
N ASN C 384 -9.84 -18.10 -16.09
CA ASN C 384 -8.41 -18.30 -16.29
C ASN C 384 -8.07 -18.17 -17.77
N VAL C 385 -6.87 -17.67 -18.07
CA VAL C 385 -6.43 -17.50 -19.44
C VAL C 385 -5.81 -18.78 -19.98
N GLY C 386 -6.06 -19.07 -21.24
CA GLY C 386 -5.51 -20.27 -21.86
C GLY C 386 -5.63 -20.24 -23.37
N VAL C 387 -6.53 -21.06 -23.90
CA VAL C 387 -6.75 -21.15 -25.34
C VAL C 387 -8.21 -20.90 -25.68
N TYR C 388 -8.44 -19.97 -26.62
CA TYR C 388 -9.80 -19.65 -27.03
C TYR C 388 -10.44 -20.84 -27.74
N LYS C 389 -9.63 -21.52 -28.56
CA LYS C 389 -10.10 -22.69 -29.30
C LYS C 389 -10.12 -23.90 -28.37
N ASP C 390 -11.12 -24.76 -28.55
CA ASP C 390 -11.26 -25.96 -27.73
C ASP C 390 -11.34 -25.56 -26.25
N SER C 391 -12.53 -25.16 -25.82
CA SER C 391 -12.73 -24.75 -24.43
C SER C 391 -13.71 -25.69 -23.72
N GLY C 392 -14.20 -26.68 -24.45
CA GLY C 392 -15.13 -27.63 -23.86
C GLY C 392 -14.43 -28.81 -23.23
N ASP C 393 -15.14 -29.53 -22.36
CA ASP C 393 -14.58 -30.69 -21.68
C ASP C 393 -14.50 -31.87 -22.63
N LYS C 394 -15.51 -32.00 -23.49
CA LYS C 394 -15.55 -33.09 -24.46
C LYS C 394 -14.50 -32.90 -25.55
N ASP C 395 -13.93 -34.00 -26.02
CA ASP C 395 -12.92 -33.95 -27.05
C ASP C 395 -13.54 -33.97 -28.44
N GLU C 396 -14.84 -34.24 -28.49
CA GLU C 396 -15.55 -34.25 -29.76
C GLU C 396 -15.91 -32.82 -30.22
N PHE C 397 -15.73 -31.85 -29.36
CA PHE C 397 -16.08 -30.44 -29.67
C PHE C 397 -15.04 -29.37 -29.42
N ALA C 398 -14.61 -28.62 -30.41
CA ALA C 398 -13.60 -27.65 -30.00
C ALA C 398 -13.82 -26.24 -30.57
N LYS C 399 -14.92 -25.59 -30.20
CA LYS C 399 -15.20 -24.25 -30.71
C LYS C 399 -16.57 -23.72 -30.28
N LYS C 400 -16.59 -22.48 -29.80
CA LYS C 400 -17.84 -21.84 -29.39
C LYS C 400 -18.52 -21.30 -30.66
N GLU C 401 -19.64 -21.91 -31.03
CA GLU C 401 -20.39 -21.53 -32.24
C GLU C 401 -20.34 -20.03 -32.56
N SER C 402 -20.04 -19.71 -33.82
CA SER C 402 -19.95 -18.32 -34.27
C SER C 402 -18.82 -17.57 -33.57
N VAL C 403 -17.66 -18.21 -33.48
CA VAL C 403 -16.50 -17.62 -32.82
C VAL C 403 -16.16 -16.18 -33.23
N LYS C 404 -15.90 -15.97 -34.52
CA LYS C 404 -15.51 -14.65 -35.00
C LYS C 404 -16.57 -13.91 -35.82
N LYS C 405 -17.45 -14.65 -36.50
CA LYS C 405 -18.47 -14.00 -37.30
C LYS C 405 -19.16 -12.85 -36.58
N ILE C 406 -19.51 -13.06 -35.31
CA ILE C 406 -20.17 -12.04 -34.52
C ILE C 406 -19.37 -10.74 -34.59
N ALA C 407 -18.05 -10.86 -34.60
CA ALA C 407 -17.18 -9.69 -34.67
C ALA C 407 -17.24 -9.11 -36.08
N GLY C 408 -16.81 -9.90 -37.06
CA GLY C 408 -16.84 -9.45 -38.43
C GLY C 408 -18.17 -8.79 -38.75
N TYR C 409 -19.27 -9.50 -38.52
CA TYR C 409 -20.60 -8.98 -38.79
C TYR C 409 -20.84 -7.63 -38.13
N LEU C 410 -20.03 -7.31 -37.14
CA LEU C 410 -20.17 -6.02 -36.47
C LEU C 410 -19.33 -5.03 -37.27
N SER C 411 -18.21 -5.50 -37.79
CA SER C 411 -17.30 -4.69 -38.59
C SER C 411 -17.97 -4.35 -39.93
N ASP C 412 -18.93 -5.18 -40.31
CA ASP C 412 -19.70 -5.00 -41.55
C ASP C 412 -20.73 -3.91 -41.35
N TYR C 413 -21.32 -3.87 -40.16
CA TYR C 413 -22.34 -2.88 -39.87
C TYR C 413 -21.75 -1.50 -40.04
N TYR C 414 -20.59 -1.27 -39.43
CA TYR C 414 -19.92 0.01 -39.52
C TYR C 414 -18.89 0.01 -40.65
N ASN C 415 -19.37 0.12 -41.88
CA ASN C 415 -18.50 0.15 -43.06
C ASN C 415 -18.62 1.47 -43.80
N SER C 416 -17.53 2.23 -43.85
CA SER C 416 -17.52 3.52 -44.53
C SER C 416 -17.91 3.38 -46.02
N ALA C 417 -17.94 2.15 -46.53
CA ALA C 417 -18.32 1.93 -47.92
C ALA C 417 -19.74 2.43 -48.13
N ASN C 418 -20.53 2.39 -47.07
CA ASN C 418 -21.92 2.83 -47.11
C ASN C 418 -22.11 4.27 -47.57
N HIS C 419 -21.01 5.00 -47.71
CA HIS C 419 -21.10 6.41 -48.11
C HIS C 419 -21.35 6.63 -49.59
N ILE C 420 -21.78 5.59 -50.29
CA ILE C 420 -22.06 5.72 -51.71
C ILE C 420 -23.48 5.26 -51.95
N PHE C 421 -24.14 4.82 -50.89
CA PHE C 421 -25.51 4.37 -51.00
C PHE C 421 -26.49 5.38 -50.47
N SER C 422 -27.77 5.10 -50.63
CA SER C 422 -28.83 5.99 -50.15
C SER C 422 -29.26 5.59 -48.75
N GLN C 423 -29.70 6.57 -47.96
CA GLN C 423 -30.16 6.31 -46.61
C GLN C 423 -31.06 5.09 -46.67
N GLU C 424 -32.08 5.16 -47.52
CA GLU C 424 -33.03 4.07 -47.72
C GLU C 424 -32.26 2.75 -47.86
N LYS C 425 -31.16 2.79 -48.61
CA LYS C 425 -30.32 1.61 -48.83
C LYS C 425 -29.64 1.27 -47.52
N LYS C 426 -28.91 2.24 -47.00
CA LYS C 426 -28.17 2.10 -45.75
C LYS C 426 -28.97 1.37 -44.68
N ARG C 427 -30.09 1.95 -44.26
CA ARG C 427 -30.93 1.32 -43.24
C ARG C 427 -31.11 -0.15 -43.56
N LYS C 428 -31.54 -0.43 -44.79
CA LYS C 428 -31.73 -1.81 -45.20
C LYS C 428 -30.48 -2.67 -44.94
N ILE C 429 -29.41 -2.40 -45.67
CA ILE C 429 -28.18 -3.18 -45.49
C ILE C 429 -27.74 -3.30 -44.05
N SER C 430 -27.93 -2.21 -43.30
CA SER C 430 -27.56 -2.20 -41.88
C SER C 430 -28.52 -3.04 -41.06
N ILE C 431 -29.82 -2.72 -41.16
CA ILE C 431 -30.85 -3.47 -40.46
C ILE C 431 -30.57 -4.96 -40.58
N PHE C 432 -30.16 -5.38 -41.77
CA PHE C 432 -29.86 -6.78 -42.03
C PHE C 432 -28.62 -7.18 -41.25
N ARG C 433 -27.51 -6.52 -41.54
CA ARG C 433 -26.24 -6.80 -40.88
C ARG C 433 -26.42 -6.98 -39.38
N GLY C 434 -27.36 -6.22 -38.81
CA GLY C 434 -27.63 -6.32 -37.39
C GLY C 434 -28.29 -7.66 -37.11
N ILE C 435 -29.36 -7.91 -37.84
CA ILE C 435 -30.09 -9.16 -37.69
C ILE C 435 -29.12 -10.32 -37.92
N GLN C 436 -28.11 -10.10 -38.76
CA GLN C 436 -27.14 -11.15 -39.02
C GLN C 436 -26.41 -11.46 -37.73
N ALA C 437 -25.84 -10.44 -37.10
CA ALA C 437 -25.09 -10.61 -35.86
C ALA C 437 -25.98 -11.13 -34.75
N TYR C 438 -27.21 -10.63 -34.67
CA TYR C 438 -28.14 -11.06 -33.64
C TYR C 438 -28.36 -12.57 -33.73
N ASN C 439 -28.00 -13.12 -34.88
CA ASN C 439 -28.15 -14.56 -35.12
C ASN C 439 -26.91 -15.28 -34.64
N GLU C 440 -25.76 -14.92 -35.22
CA GLU C 440 -24.49 -15.53 -34.85
C GLU C 440 -24.24 -15.40 -33.35
N ILE C 441 -25.12 -14.69 -32.67
CA ILE C 441 -25.01 -14.50 -31.23
C ILE C 441 -26.02 -15.43 -30.56
N GLU C 442 -27.27 -15.30 -30.98
CA GLU C 442 -28.36 -16.10 -30.46
C GLU C 442 -27.99 -17.58 -30.44
N ASN C 443 -27.25 -18.03 -31.44
CA ASN C 443 -26.88 -19.44 -31.50
C ASN C 443 -25.72 -19.78 -30.55
N VAL C 444 -24.98 -18.78 -30.12
CA VAL C 444 -23.89 -19.03 -29.19
C VAL C 444 -24.51 -19.37 -27.84
N LEU C 445 -25.57 -18.65 -27.50
CA LEU C 445 -26.30 -18.88 -26.26
C LEU C 445 -27.13 -20.14 -26.43
N LYS C 446 -27.46 -20.45 -27.68
CA LYS C 446 -28.26 -21.63 -27.99
C LYS C 446 -27.38 -22.88 -27.90
N SER C 447 -26.07 -22.65 -27.85
CA SER C 447 -25.01 -23.68 -27.81
C SER C 447 -24.54 -24.18 -26.49
N LYS C 448 -24.01 -23.35 -25.65
CA LYS C 448 -23.64 -23.85 -24.33
C LYS C 448 -23.66 -22.65 -23.44
N GLN C 449 -23.73 -22.89 -22.16
CA GLN C 449 -23.66 -21.83 -21.24
C GLN C 449 -22.21 -21.88 -21.10
N ILE C 450 -21.55 -20.85 -21.45
CA ILE C 450 -20.13 -20.90 -21.47
C ILE C 450 -19.50 -20.39 -20.23
N ALA C 451 -19.86 -19.19 -19.87
CA ALA C 451 -19.39 -18.59 -18.66
C ALA C 451 -20.62 -17.82 -18.23
N PRO C 452 -20.93 -17.80 -16.92
CA PRO C 452 -22.10 -17.07 -16.40
C PRO C 452 -22.19 -15.61 -16.87
N GLU C 453 -21.09 -14.87 -16.80
CA GLU C 453 -21.09 -13.47 -17.21
C GLU C 453 -21.06 -13.28 -18.74
N TYR C 454 -20.52 -14.26 -19.46
CA TYR C 454 -20.48 -14.17 -20.91
C TYR C 454 -21.91 -14.26 -21.43
N LYS C 455 -22.74 -14.99 -20.71
CA LYS C 455 -24.14 -15.15 -21.08
C LYS C 455 -24.82 -13.78 -21.04
N ASN C 456 -24.59 -13.05 -19.97
CA ASN C 456 -25.17 -11.72 -19.82
C ASN C 456 -24.69 -10.79 -20.90
N TYR C 457 -23.41 -10.85 -21.24
CA TYR C 457 -22.88 -9.98 -22.26
C TYR C 457 -23.69 -10.10 -23.55
N PHE C 458 -24.11 -11.32 -23.87
CA PHE C 458 -24.87 -11.56 -25.07
C PHE C 458 -26.34 -11.19 -24.92
N GLN C 459 -26.90 -11.38 -23.73
CA GLN C 459 -28.30 -11.02 -23.52
C GLN C 459 -28.37 -9.51 -23.66
N TYR C 460 -27.21 -8.87 -23.46
CA TYR C 460 -27.07 -7.42 -23.56
C TYR C 460 -26.97 -7.04 -25.03
N LEU C 461 -25.94 -7.57 -25.71
CA LEU C 461 -25.77 -7.28 -27.12
C LEU C 461 -27.13 -7.45 -27.77
N LYS C 462 -27.72 -8.62 -27.57
CA LYS C 462 -29.03 -8.90 -28.13
C LYS C 462 -29.93 -7.67 -28.03
N GLU C 463 -30.21 -7.24 -26.80
CA GLU C 463 -31.07 -6.09 -26.60
C GLU C 463 -30.64 -4.90 -27.42
N ARG C 464 -29.36 -4.60 -27.36
CA ARG C 464 -28.84 -3.48 -28.13
C ARG C 464 -29.17 -3.71 -29.60
N ILE C 465 -28.55 -4.73 -30.20
CA ILE C 465 -28.81 -5.03 -31.60
C ILE C 465 -30.29 -4.86 -31.87
N THR C 466 -31.11 -5.37 -30.95
CA THR C 466 -32.56 -5.26 -31.07
C THR C 466 -32.97 -3.81 -31.23
N ASN C 467 -32.72 -3.03 -30.19
CA ASN C 467 -33.08 -1.62 -30.20
C ASN C 467 -32.61 -0.88 -31.45
N GLN C 468 -31.34 -1.07 -31.81
CA GLN C 468 -30.78 -0.40 -32.98
C GLN C 468 -31.63 -0.71 -34.20
N VAL C 469 -31.77 -1.99 -34.50
CA VAL C 469 -32.57 -2.41 -35.63
C VAL C 469 -33.96 -1.82 -35.49
N GLN C 470 -34.69 -2.23 -34.46
CA GLN C 470 -36.04 -1.74 -34.25
C GLN C 470 -36.11 -0.21 -34.44
N LEU C 471 -35.00 0.45 -34.17
CA LEU C 471 -34.94 1.90 -34.31
C LEU C 471 -34.90 2.31 -35.78
N LEU C 472 -34.01 1.67 -36.55
CA LEU C 472 -33.87 1.96 -37.97
C LEU C 472 -35.20 1.71 -38.67
N LEU C 473 -35.88 0.64 -38.25
CA LEU C 473 -37.17 0.27 -38.83
C LEU C 473 -38.25 1.32 -38.64
N THR C 474 -38.42 1.81 -37.40
CA THR C 474 -39.44 2.84 -37.13
C THR C 474 -39.02 4.13 -37.82
N HIS C 475 -37.77 4.14 -38.31
CA HIS C 475 -37.34 5.28 -39.03
C HIS C 475 -38.09 5.17 -40.36
N GLN C 476 -38.35 3.94 -40.81
CA GLN C 476 -39.01 3.79 -42.12
C GLN C 476 -40.34 3.14 -42.16
N LYS C 477 -40.50 1.96 -41.59
CA LYS C 477 -41.80 1.31 -41.75
C LYS C 477 -42.54 1.25 -40.40
N PHE C 482 -39.29 -5.97 -34.23
CA PHE C 482 -38.08 -6.74 -34.48
C PHE C 482 -38.36 -8.22 -34.64
N LYS C 483 -38.55 -8.91 -33.53
CA LYS C 483 -38.83 -10.34 -33.55
C LYS C 483 -39.97 -10.66 -34.51
N LEU C 484 -40.95 -9.76 -34.58
CA LEU C 484 -42.07 -9.93 -35.49
C LEU C 484 -41.55 -10.39 -36.84
N LEU C 485 -40.59 -9.66 -37.39
CA LEU C 485 -40.00 -9.98 -38.68
C LEU C 485 -38.78 -10.89 -38.55
N TYR C 486 -38.64 -11.55 -37.40
CA TYR C 486 -37.51 -12.43 -37.18
C TYR C 486 -37.87 -13.90 -37.39
N LYS C 487 -39.15 -14.22 -37.23
CA LYS C 487 -39.61 -15.60 -37.42
C LYS C 487 -39.51 -15.97 -38.89
N GLN C 488 -39.69 -14.97 -39.76
CA GLN C 488 -39.64 -15.18 -41.20
C GLN C 488 -38.30 -14.79 -41.81
N LEU C 489 -37.32 -15.66 -41.66
CA LEU C 489 -35.98 -15.42 -42.20
C LEU C 489 -35.16 -16.71 -42.16
N ASN C 490 -34.14 -16.78 -43.00
CA ASN C 490 -33.31 -17.98 -43.10
C ASN C 490 -32.06 -18.04 -42.23
N PHE C 491 -31.67 -19.27 -41.93
CA PHE C 491 -30.47 -19.55 -41.13
C PHE C 491 -29.60 -20.50 -41.94
N THR C 492 -30.26 -21.58 -42.36
CA THR C 492 -29.71 -22.79 -43.07
C THR C 492 -28.73 -23.02 -44.22
N GLU C 493 -28.55 -21.96 -45.07
CA GLU C 493 -27.77 -21.90 -46.32
C GLU C 493 -27.40 -20.51 -46.72
N ASN C 494 -26.23 -20.04 -46.38
CA ASN C 494 -25.43 -18.75 -46.30
C ASN C 494 -24.82 -17.66 -47.19
N GLU C 495 -25.20 -17.50 -48.46
CA GLU C 495 -24.61 -16.50 -49.34
C GLU C 495 -25.65 -15.41 -49.65
N THR C 496 -25.52 -14.85 -50.87
CA THR C 496 -26.46 -13.85 -51.35
C THR C 496 -27.79 -14.48 -51.74
N ASP C 497 -28.51 -15.01 -50.75
CA ASP C 497 -29.80 -15.63 -50.98
C ASP C 497 -30.71 -15.35 -49.79
N ASN C 498 -30.20 -15.59 -48.58
CA ASN C 498 -30.96 -15.35 -47.37
C ASN C 498 -31.28 -13.86 -47.30
N PHE C 499 -30.53 -13.09 -48.07
CA PHE C 499 -30.67 -11.64 -48.13
C PHE C 499 -31.75 -11.21 -49.12
N GLU C 500 -32.13 -12.12 -50.00
CA GLU C 500 -33.15 -11.84 -51.00
C GLU C 500 -34.55 -11.68 -50.40
N VAL C 501 -34.95 -12.64 -49.58
CA VAL C 501 -36.26 -12.61 -48.94
C VAL C 501 -36.44 -11.30 -48.15
N PHE C 502 -35.45 -11.00 -47.31
CA PHE C 502 -35.45 -9.80 -46.49
C PHE C 502 -35.91 -8.59 -47.31
N GLN C 503 -35.21 -8.34 -48.42
CA GLN C 503 -35.52 -7.22 -49.31
C GLN C 503 -37.02 -6.95 -49.40
N LYS C 504 -37.76 -8.00 -49.71
CA LYS C 504 -39.21 -7.90 -49.86
C LYS C 504 -39.94 -7.80 -48.52
N ILE C 505 -39.41 -8.47 -47.50
CA ILE C 505 -40.04 -8.46 -46.19
C ILE C 505 -40.25 -7.05 -45.64
N ILE C 506 -39.23 -6.20 -45.76
CA ILE C 506 -39.29 -4.84 -45.24
C ILE C 506 -40.33 -3.93 -45.93
N ASP C 507 -40.76 -4.31 -47.12
CA ASP C 507 -41.74 -3.51 -47.86
C ASP C 507 -43.16 -3.96 -47.52
N THR D 5 6.21 -18.31 -4.59
CA THR D 5 6.21 -17.15 -3.64
C THR D 5 7.63 -16.80 -3.21
N GLU D 6 7.74 -15.76 -2.39
CA GLU D 6 9.03 -15.32 -1.87
C GLU D 6 9.71 -16.47 -1.14
N GLU D 7 8.99 -17.08 -0.19
CA GLU D 7 9.52 -18.19 0.58
C GLU D 7 9.88 -19.35 -0.33
N GLN D 8 9.01 -19.64 -1.30
CA GLN D 8 9.26 -20.72 -2.25
C GLN D 8 10.69 -20.59 -2.73
N ILE D 9 10.94 -19.57 -3.53
CA ILE D 9 12.26 -19.30 -4.08
C ILE D 9 13.29 -19.24 -2.94
N ALA D 10 12.86 -18.70 -1.81
CA ALA D 10 13.72 -18.56 -0.64
C ALA D 10 14.17 -19.93 -0.16
N GLU D 11 13.28 -20.91 -0.25
CA GLU D 11 13.57 -22.27 0.16
C GLU D 11 14.59 -22.89 -0.79
N PHE D 12 14.28 -22.86 -2.07
CA PHE D 12 15.16 -23.43 -3.08
C PHE D 12 16.55 -22.80 -2.97
N LYS D 13 16.59 -21.56 -2.47
CA LYS D 13 17.85 -20.84 -2.31
C LYS D 13 18.66 -21.36 -1.12
N GLU D 14 17.98 -21.69 -0.03
CA GLU D 14 18.64 -22.19 1.16
C GLU D 14 19.47 -23.44 0.90
N ALA D 15 18.83 -24.45 0.34
CA ALA D 15 19.51 -25.70 0.06
C ALA D 15 20.61 -25.53 -0.98
N PHE D 16 20.29 -24.84 -2.06
CA PHE D 16 21.23 -24.60 -3.15
C PHE D 16 22.60 -24.15 -2.64
N SER D 17 22.61 -23.17 -1.72
CA SER D 17 23.85 -22.66 -1.17
C SER D 17 24.35 -23.46 0.01
N LEU D 18 23.59 -24.50 0.39
CA LEU D 18 23.97 -25.34 1.50
C LEU D 18 25.21 -26.15 1.13
N PHE D 19 25.18 -26.75 -0.06
CA PHE D 19 26.31 -27.52 -0.57
C PHE D 19 26.70 -26.96 -1.93
N ASP D 20 27.89 -26.38 -2.00
CA ASP D 20 28.40 -25.78 -3.23
C ASP D 20 29.83 -25.29 -3.01
N LYS D 21 30.78 -26.21 -3.11
CA LYS D 21 32.19 -25.86 -2.93
C LYS D 21 32.69 -25.08 -4.15
N ASP D 22 31.76 -24.52 -4.91
CA ASP D 22 32.08 -23.73 -6.08
C ASP D 22 32.33 -22.28 -5.65
N GLY D 23 31.47 -21.79 -4.75
CA GLY D 23 31.63 -20.43 -4.26
C GLY D 23 30.59 -19.46 -4.84
N ASP D 24 30.86 -18.99 -6.05
CA ASP D 24 29.97 -18.04 -6.73
C ASP D 24 28.52 -18.51 -6.77
N GLY D 25 28.32 -19.81 -6.97
CA GLY D 25 26.96 -20.34 -7.01
C GLY D 25 26.69 -21.19 -8.23
N THR D 26 27.43 -22.29 -8.37
CA THR D 26 27.27 -23.21 -9.50
C THR D 26 27.64 -24.63 -9.10
N ILE D 27 26.62 -25.48 -9.01
CA ILE D 27 26.81 -26.88 -8.64
C ILE D 27 26.82 -27.82 -9.82
N THR D 28 26.96 -29.11 -9.55
CA THR D 28 27.00 -30.13 -10.58
C THR D 28 25.79 -31.07 -10.49
N THR D 29 25.59 -31.87 -11.53
CA THR D 29 24.48 -32.82 -11.56
C THR D 29 24.83 -34.03 -10.70
N LYS D 30 26.10 -34.11 -10.31
CA LYS D 30 26.59 -35.20 -9.47
C LYS D 30 26.03 -35.00 -8.06
N GLU D 31 25.48 -33.82 -7.83
CA GLU D 31 24.90 -33.47 -6.54
C GLU D 31 23.49 -32.89 -6.66
N LEU D 32 23.11 -32.48 -7.87
CA LEU D 32 21.78 -31.93 -8.12
C LEU D 32 20.71 -32.78 -7.46
N GLY D 33 20.90 -34.09 -7.51
CA GLY D 33 19.95 -35.00 -6.89
C GLY D 33 19.89 -34.79 -5.39
N THR D 34 21.03 -34.87 -4.74
CA THR D 34 21.10 -34.68 -3.30
C THR D 34 20.34 -33.44 -2.87
N VAL D 35 20.45 -32.38 -3.67
CA VAL D 35 19.77 -31.12 -3.39
C VAL D 35 18.26 -31.33 -3.37
N MET D 36 17.72 -31.80 -4.48
CA MET D 36 16.28 -32.03 -4.59
C MET D 36 15.79 -33.05 -3.55
N ARG D 37 16.69 -33.89 -3.07
CA ARG D 37 16.32 -34.87 -2.05
C ARG D 37 16.32 -34.26 -0.66
N SER D 38 17.27 -33.37 -0.40
CA SER D 38 17.36 -32.70 0.89
C SER D 38 16.21 -31.70 1.01
N LEU D 39 15.73 -31.26 -0.14
CA LEU D 39 14.64 -30.31 -0.18
C LEU D 39 13.27 -30.99 -0.21
N GLY D 40 13.26 -32.27 0.13
CA GLY D 40 12.01 -33.01 0.17
C GLY D 40 11.50 -33.61 -1.13
N GLN D 41 12.37 -34.31 -1.85
CA GLN D 41 11.96 -34.96 -3.10
C GLN D 41 12.73 -36.24 -3.40
N ASN D 42 12.09 -37.11 -4.17
CA ASN D 42 12.68 -38.40 -4.56
C ASN D 42 12.59 -38.59 -6.08
N PRO D 43 13.43 -37.88 -6.84
CA PRO D 43 13.41 -37.99 -8.30
C PRO D 43 14.20 -39.20 -8.78
N THR D 44 13.81 -39.75 -9.93
CA THR D 44 14.50 -40.91 -10.49
C THR D 44 15.61 -40.44 -11.43
N GLU D 45 16.68 -41.23 -11.50
CA GLU D 45 17.83 -40.92 -12.36
C GLU D 45 17.44 -40.65 -13.81
N ALA D 46 16.25 -41.11 -14.19
CA ALA D 46 15.76 -40.93 -15.56
C ALA D 46 15.24 -39.52 -15.75
N GLU D 47 14.70 -38.94 -14.68
CA GLU D 47 14.15 -37.58 -14.72
C GLU D 47 15.23 -36.53 -14.47
N LEU D 48 16.32 -36.94 -13.84
CA LEU D 48 17.42 -36.03 -13.56
C LEU D 48 18.28 -35.80 -14.80
N GLN D 49 17.90 -36.42 -15.92
CA GLN D 49 18.65 -36.29 -17.16
C GLN D 49 17.91 -35.51 -18.25
N ASP D 50 16.69 -35.94 -18.57
CA ASP D 50 15.91 -35.29 -19.63
C ASP D 50 15.60 -33.81 -19.35
N MET D 51 15.89 -33.35 -18.14
CA MET D 51 15.66 -31.96 -17.77
C MET D 51 16.97 -31.19 -17.79
N ILE D 52 18.01 -31.78 -17.20
CA ILE D 52 19.32 -31.17 -17.14
C ILE D 52 19.95 -31.16 -18.53
N ASN D 53 19.15 -31.54 -19.53
CA ASN D 53 19.62 -31.58 -20.91
C ASN D 53 18.81 -30.62 -21.80
N GLU D 54 17.57 -30.34 -21.40
CA GLU D 54 16.71 -29.44 -22.16
C GLU D 54 17.10 -27.98 -21.96
N VAL D 55 17.19 -27.57 -20.69
CA VAL D 55 17.56 -26.20 -20.36
C VAL D 55 19.07 -26.01 -20.34
N ASP D 56 19.80 -27.05 -19.95
CA ASP D 56 21.26 -26.99 -19.89
C ASP D 56 21.87 -27.48 -21.20
N ALA D 57 22.00 -26.56 -22.16
CA ALA D 57 22.58 -26.87 -23.46
C ALA D 57 24.05 -26.44 -23.48
N ASP D 58 24.54 -26.04 -22.31
CA ASP D 58 25.93 -25.59 -22.15
C ASP D 58 26.92 -26.71 -22.46
N GLY D 59 26.58 -27.94 -22.10
CA GLY D 59 27.46 -29.06 -22.35
C GLY D 59 28.65 -29.03 -21.41
N ASN D 60 28.56 -28.19 -20.38
CA ASN D 60 29.61 -28.04 -19.39
C ASN D 60 29.27 -28.80 -18.10
N GLY D 61 27.98 -28.90 -17.81
CA GLY D 61 27.54 -29.59 -16.61
C GLY D 61 27.52 -28.67 -15.42
N THR D 62 27.57 -27.36 -15.67
CA THR D 62 27.54 -26.35 -14.61
C THR D 62 26.12 -25.82 -14.43
N ILE D 63 25.65 -25.78 -13.18
CA ILE D 63 24.31 -25.30 -12.89
C ILE D 63 24.30 -24.22 -11.82
N ASP D 64 23.43 -23.23 -12.00
CA ASP D 64 23.30 -22.13 -11.03
C ASP D 64 21.86 -22.02 -10.56
N PHE D 65 21.52 -20.89 -9.96
CA PHE D 65 20.17 -20.68 -9.43
C PHE D 65 19.08 -20.42 -10.47
N PRO D 66 19.18 -19.29 -11.21
CA PRO D 66 18.16 -18.96 -12.22
C PRO D 66 17.72 -20.15 -13.06
N GLU D 67 18.64 -21.10 -13.28
CA GLU D 67 18.36 -22.30 -14.05
C GLU D 67 17.50 -23.22 -13.19
N PHE D 68 18.03 -23.55 -12.01
CA PHE D 68 17.35 -24.42 -11.05
C PHE D 68 15.97 -23.88 -10.67
N LEU D 69 15.92 -22.58 -10.41
CA LEU D 69 14.68 -21.93 -10.02
C LEU D 69 13.58 -22.17 -11.04
N THR D 70 13.98 -22.41 -12.29
CA THR D 70 13.01 -22.66 -13.36
C THR D 70 12.55 -24.11 -13.40
N MET D 71 13.46 -25.04 -13.15
CA MET D 71 13.11 -26.46 -13.15
C MET D 71 12.06 -26.71 -12.10
N MET D 72 12.31 -26.21 -10.90
CA MET D 72 11.38 -26.36 -9.79
C MET D 72 10.07 -25.68 -10.16
N ALA D 73 10.17 -24.63 -10.96
CA ALA D 73 9.01 -23.86 -11.40
C ALA D 73 8.09 -24.69 -12.30
N ARG D 74 8.44 -25.96 -12.50
CA ARG D 74 7.65 -26.84 -13.32
C ARG D 74 7.16 -28.04 -12.53
N LYS D 75 8.09 -28.73 -11.86
CA LYS D 75 7.72 -29.90 -11.07
C LYS D 75 6.65 -29.53 -10.05
N MET D 76 6.91 -28.46 -9.29
CA MET D 76 5.95 -27.99 -8.29
C MET D 76 4.72 -27.41 -8.98
N LYS D 77 3.93 -28.27 -9.60
CA LYS D 77 2.72 -27.83 -10.29
C LYS D 77 1.50 -28.67 -9.89
N ASP D 78 1.54 -29.97 -10.20
CA ASP D 78 0.45 -30.88 -9.87
C ASP D 78 0.83 -31.70 -8.63
N THR D 79 1.76 -31.18 -7.85
CA THR D 79 2.22 -31.85 -6.65
C THR D 79 2.09 -30.97 -5.40
N ASP D 80 1.97 -29.66 -5.62
CA ASP D 80 1.85 -28.68 -4.54
C ASP D 80 0.60 -28.91 -3.68
N SER D 81 0.04 -30.12 -3.79
CA SER D 81 -1.14 -30.49 -3.03
C SER D 81 -0.85 -30.64 -1.54
N GLU D 82 0.36 -30.25 -1.12
CA GLU D 82 0.77 -30.33 0.28
C GLU D 82 -0.42 -30.13 1.21
N GLU D 83 -1.23 -29.14 0.87
CA GLU D 83 -2.42 -28.80 1.63
C GLU D 83 -3.37 -29.98 1.71
N GLU D 84 -3.96 -30.33 0.58
CA GLU D 84 -4.91 -31.44 0.53
C GLU D 84 -4.48 -32.64 1.37
N ILE D 85 -3.21 -33.00 1.30
CA ILE D 85 -2.70 -34.14 2.06
C ILE D 85 -2.78 -33.86 3.54
N ARG D 86 -2.12 -32.80 3.95
CA ARG D 86 -2.10 -32.38 5.34
C ARG D 86 -3.52 -32.39 5.91
N GLU D 87 -4.48 -31.96 5.10
CA GLU D 87 -5.85 -31.93 5.55
C GLU D 87 -6.35 -33.35 5.69
N ALA D 88 -6.06 -34.18 4.69
CA ALA D 88 -6.46 -35.58 4.71
C ALA D 88 -5.92 -36.26 5.96
N PHE D 89 -4.66 -35.99 6.29
CA PHE D 89 -4.09 -36.58 7.49
C PHE D 89 -5.00 -36.30 8.66
N ARG D 90 -5.38 -35.03 8.79
CA ARG D 90 -6.24 -34.58 9.87
C ARG D 90 -7.57 -35.31 9.85
N VAL D 91 -8.00 -35.74 8.67
CA VAL D 91 -9.27 -36.47 8.54
C VAL D 91 -9.18 -37.87 9.17
N PHE D 92 -8.07 -38.57 8.95
CA PHE D 92 -7.90 -39.89 9.52
C PHE D 92 -7.82 -39.80 11.04
N ASP D 93 -6.97 -38.88 11.53
CA ASP D 93 -6.75 -38.72 12.96
C ASP D 93 -7.95 -38.26 13.78
N LYS D 94 -8.88 -39.16 14.03
CA LYS D 94 -10.08 -38.81 14.79
C LYS D 94 -9.80 -38.33 16.21
N ASP D 95 -8.92 -39.02 16.91
CA ASP D 95 -8.62 -38.65 18.30
C ASP D 95 -7.80 -37.37 18.42
N GLY D 96 -7.42 -36.83 17.28
CA GLY D 96 -6.64 -35.61 17.29
C GLY D 96 -5.36 -35.67 18.11
N ASN D 97 -4.73 -36.84 18.16
CA ASN D 97 -3.50 -37.02 18.91
C ASN D 97 -2.29 -36.66 18.06
N GLY D 98 -2.52 -36.33 16.79
CA GLY D 98 -1.42 -35.97 15.92
C GLY D 98 -0.83 -37.14 15.16
N TYR D 99 -1.31 -38.33 15.49
CA TYR D 99 -0.85 -39.54 14.81
C TYR D 99 -2.03 -40.35 14.28
N ILE D 100 -1.79 -41.14 13.24
CA ILE D 100 -2.81 -42.00 12.65
C ILE D 100 -2.62 -43.41 13.18
N SER D 101 -3.64 -43.95 13.84
CA SER D 101 -3.58 -45.31 14.40
C SER D 101 -4.31 -46.29 13.50
N ALA D 102 -4.08 -47.57 13.75
CA ALA D 102 -4.73 -48.62 12.99
C ALA D 102 -6.24 -48.52 13.12
N ALA D 103 -6.71 -48.40 14.36
CA ALA D 103 -8.14 -48.29 14.63
C ALA D 103 -8.70 -47.18 13.75
N GLU D 104 -8.02 -46.05 13.73
CA GLU D 104 -8.44 -44.90 12.94
C GLU D 104 -8.44 -45.22 11.46
N LEU D 105 -7.34 -45.82 10.99
CA LEU D 105 -7.22 -46.19 9.59
C LEU D 105 -8.36 -47.13 9.21
N ARG D 106 -8.82 -47.91 10.18
CA ARG D 106 -9.91 -48.84 9.95
C ARG D 106 -11.15 -48.05 9.53
N HIS D 107 -11.69 -47.26 10.47
CA HIS D 107 -12.88 -46.47 10.20
C HIS D 107 -12.87 -45.82 8.82
N VAL D 108 -11.96 -44.90 8.61
CA VAL D 108 -11.88 -44.24 7.32
C VAL D 108 -12.13 -45.23 6.21
N MET D 109 -11.44 -46.37 6.28
CA MET D 109 -11.55 -47.41 5.28
C MET D 109 -12.94 -48.02 5.23
N THR D 110 -13.36 -48.62 6.34
CA THR D 110 -14.67 -49.26 6.38
C THR D 110 -15.78 -48.29 5.97
N ASN D 111 -15.66 -47.03 6.37
CA ASN D 111 -16.67 -46.03 6.04
C ASN D 111 -16.63 -45.65 4.57
N LEU D 112 -15.58 -46.10 3.89
CA LEU D 112 -15.44 -45.82 2.46
C LEU D 112 -15.77 -47.08 1.66
N GLY D 113 -16.26 -48.11 2.35
CA GLY D 113 -16.61 -49.36 1.69
C GLY D 113 -15.71 -50.55 1.98
N GLU D 114 -14.41 -50.37 1.74
CA GLU D 114 -13.43 -51.43 1.97
C GLU D 114 -13.34 -51.88 3.42
N LYS D 115 -14.00 -52.99 3.73
CA LYS D 115 -13.96 -53.54 5.08
C LYS D 115 -12.68 -54.36 5.24
N LEU D 116 -11.78 -53.91 6.11
CA LEU D 116 -10.54 -54.62 6.30
C LEU D 116 -10.46 -55.42 7.58
N THR D 117 -9.55 -56.39 7.59
CA THR D 117 -9.37 -57.25 8.75
C THR D 117 -8.31 -56.66 9.66
N ASP D 118 -8.44 -56.91 10.96
CA ASP D 118 -7.49 -56.40 11.94
C ASP D 118 -6.06 -56.71 11.49
N GLU D 119 -5.91 -57.68 10.60
CA GLU D 119 -4.59 -58.05 10.08
C GLU D 119 -4.16 -57.08 9.00
N GLU D 120 -4.92 -57.02 7.92
CA GLU D 120 -4.64 -56.14 6.80
C GLU D 120 -4.36 -54.72 7.29
N VAL D 121 -5.22 -54.25 8.20
CA VAL D 121 -5.08 -52.91 8.76
C VAL D 121 -3.70 -52.75 9.35
N ASP D 122 -3.41 -53.52 10.39
CA ASP D 122 -2.11 -53.46 11.04
C ASP D 122 -0.97 -53.58 10.04
N GLU D 123 -1.25 -54.12 8.87
CA GLU D 123 -0.23 -54.27 7.83
C GLU D 123 0.06 -52.91 7.22
N MET D 124 -1.00 -52.18 6.88
CA MET D 124 -0.88 -50.86 6.28
C MET D 124 -0.16 -49.90 7.23
N ILE D 125 -0.53 -49.92 8.50
CA ILE D 125 0.10 -49.04 9.48
C ILE D 125 1.61 -49.29 9.50
N ARG D 126 1.95 -50.56 9.64
CA ARG D 126 3.34 -50.99 9.71
C ARG D 126 4.12 -50.68 8.43
N GLU D 127 3.43 -50.72 7.29
CA GLU D 127 4.07 -50.40 6.02
C GLU D 127 4.37 -48.90 5.94
N ALA D 128 3.37 -48.09 6.28
CA ALA D 128 3.49 -46.64 6.26
C ALA D 128 4.38 -46.16 7.39
N ASP D 129 4.36 -46.86 8.51
CA ASP D 129 5.20 -46.49 9.65
C ASP D 129 6.67 -46.59 9.27
N ILE D 130 7.45 -45.57 9.65
CA ILE D 130 8.87 -45.55 9.32
C ILE D 130 9.78 -45.61 10.54
N ASP D 131 9.29 -45.12 11.66
CA ASP D 131 10.07 -45.10 12.89
C ASP D 131 9.77 -46.31 13.77
N GLY D 132 8.66 -46.98 13.50
CA GLY D 132 8.28 -48.15 14.27
C GLY D 132 7.57 -47.83 15.56
N ASP D 133 7.12 -46.59 15.69
CA ASP D 133 6.42 -46.14 16.88
C ASP D 133 5.04 -46.82 16.94
N GLY D 134 4.69 -47.50 15.86
CA GLY D 134 3.42 -48.20 15.81
C GLY D 134 2.27 -47.30 15.40
N GLN D 135 2.62 -46.14 14.83
CA GLN D 135 1.64 -45.15 14.37
C GLN D 135 2.23 -44.28 13.29
N VAL D 136 1.36 -43.64 12.52
CA VAL D 136 1.82 -42.77 11.45
C VAL D 136 1.70 -41.28 11.77
N ASN D 137 2.82 -40.58 11.79
CA ASN D 137 2.78 -39.14 12.04
C ASN D 137 2.67 -38.43 10.68
N TYR D 138 2.23 -37.18 10.68
CA TYR D 138 2.09 -36.45 9.43
C TYR D 138 3.29 -36.66 8.50
N GLU D 139 4.49 -36.39 9.01
CA GLU D 139 5.70 -36.55 8.22
C GLU D 139 5.66 -37.89 7.48
N GLU D 140 5.37 -38.96 8.20
CA GLU D 140 5.29 -40.29 7.59
C GLU D 140 4.14 -40.33 6.60
N PHE D 141 2.97 -39.89 7.04
CA PHE D 141 1.80 -39.87 6.17
C PHE D 141 2.15 -39.18 4.88
N VAL D 142 3.04 -38.20 4.96
CA VAL D 142 3.46 -37.46 3.79
C VAL D 142 4.27 -38.33 2.85
N GLN D 143 5.37 -38.89 3.36
CA GLN D 143 6.24 -39.76 2.57
C GLN D 143 5.41 -40.81 1.85
N MET D 144 4.55 -41.48 2.63
CA MET D 144 3.70 -42.53 2.13
C MET D 144 2.79 -42.07 0.98
N MET D 145 2.50 -40.78 0.93
CA MET D 145 1.63 -40.21 -0.10
C MET D 145 2.42 -39.61 -1.26
N THR D 146 3.74 -39.49 -1.09
CA THR D 146 4.61 -38.89 -2.10
C THR D 146 5.66 -39.82 -2.74
N ALA D 147 6.72 -40.14 -1.98
CA ALA D 147 7.82 -41.01 -2.44
C ALA D 147 7.40 -42.16 -3.37
N THR E 5 18.38 4.48 -3.79
CA THR E 5 19.58 4.77 -4.62
C THR E 5 19.19 5.61 -5.83
N GLU E 6 17.90 5.94 -5.93
CA GLU E 6 17.39 6.75 -7.04
C GLU E 6 18.26 7.99 -7.22
N GLU E 7 18.44 8.74 -6.14
CA GLU E 7 19.25 9.96 -6.17
C GLU E 7 20.69 9.63 -6.59
N GLN E 8 21.23 8.55 -6.03
CA GLN E 8 22.59 8.12 -6.36
C GLN E 8 22.73 8.19 -7.87
N ILE E 9 22.07 7.26 -8.56
CA ILE E 9 22.11 7.18 -10.01
C ILE E 9 21.72 8.52 -10.62
N ALA E 10 20.79 9.21 -9.97
CA ALA E 10 20.30 10.51 -10.42
C ALA E 10 21.45 11.52 -10.43
N GLU E 11 22.34 11.40 -9.44
CA GLU E 11 23.48 12.29 -9.32
C GLU E 11 24.47 12.02 -10.45
N PHE E 12 24.87 10.76 -10.59
CA PHE E 12 25.81 10.36 -11.63
C PHE E 12 25.28 10.76 -13.00
N LYS E 13 23.95 10.86 -13.10
CA LYS E 13 23.30 11.23 -14.35
C LYS E 13 23.43 12.72 -14.64
N GLU E 14 23.30 13.54 -13.60
CA GLU E 14 23.40 14.98 -13.74
C GLU E 14 24.71 15.43 -14.35
N ALA E 15 25.82 15.02 -13.75
CA ALA E 15 27.13 15.40 -14.25
C ALA E 15 27.41 14.83 -15.64
N PHE E 16 27.10 13.54 -15.80
CA PHE E 16 27.33 12.86 -17.08
C PHE E 16 26.82 13.65 -18.27
N SER E 17 25.59 14.17 -18.17
CA SER E 17 25.01 14.95 -19.25
C SER E 17 25.39 16.42 -19.18
N LEU E 18 26.17 16.79 -18.17
CA LEU E 18 26.59 18.18 -18.00
C LEU E 18 27.56 18.53 -19.12
N PHE E 19 28.53 17.65 -19.35
CA PHE E 19 29.51 17.85 -20.42
C PHE E 19 29.49 16.62 -21.32
N ASP E 20 29.04 16.81 -22.56
CA ASP E 20 28.95 15.73 -23.53
C ASP E 20 28.53 16.30 -24.88
N LYS E 21 29.49 16.83 -25.63
CA LYS E 21 29.19 17.39 -26.94
C LYS E 21 28.91 16.26 -27.94
N ASP E 22 28.59 15.09 -27.41
CA ASP E 22 28.29 13.93 -28.24
C ASP E 22 26.81 13.97 -28.61
N GLY E 23 25.97 14.30 -27.63
CA GLY E 23 24.54 14.37 -27.86
C GLY E 23 23.76 13.20 -27.27
N ASP E 24 23.76 12.07 -27.98
CA ASP E 24 23.05 10.87 -27.55
C ASP E 24 23.41 10.45 -26.13
N GLY E 25 24.68 10.60 -25.76
CA GLY E 25 25.10 10.24 -24.42
C GLY E 25 26.30 9.32 -24.39
N THR E 26 27.42 9.80 -24.92
CA THR E 26 28.66 9.02 -24.95
C THR E 26 29.89 9.94 -24.90
N ILE E 27 30.58 9.90 -23.76
CA ILE E 27 31.76 10.74 -23.57
C ILE E 27 33.06 9.96 -23.78
N THR E 28 34.18 10.65 -23.59
CA THR E 28 35.51 10.07 -23.75
C THR E 28 36.26 10.01 -22.43
N THR E 29 37.36 9.25 -22.42
CA THR E 29 38.17 9.11 -21.22
C THR E 29 39.03 10.37 -21.05
N LYS E 30 39.06 11.19 -22.10
CA LYS E 30 39.82 12.44 -22.08
C LYS E 30 39.11 13.42 -21.14
N GLU E 31 37.88 13.06 -20.78
CA GLU E 31 37.05 13.88 -19.90
C GLU E 31 36.46 13.09 -18.73
N LEU E 32 36.47 11.76 -18.85
CA LEU E 32 35.96 10.89 -17.79
C LEU E 32 36.44 11.36 -16.44
N GLY E 33 37.70 11.77 -16.38
CA GLY E 33 38.27 12.24 -15.13
C GLY E 33 37.55 13.47 -14.62
N THR E 34 37.47 14.49 -15.47
CA THR E 34 36.80 15.74 -15.12
C THR E 34 35.44 15.45 -14.50
N VAL E 35 34.74 14.46 -15.07
CA VAL E 35 33.43 14.08 -14.57
C VAL E 35 33.51 13.62 -13.12
N MET E 36 34.30 12.58 -12.88
CA MET E 36 34.47 12.05 -11.54
C MET E 36 35.01 13.09 -10.56
N ARG E 37 35.67 14.10 -11.09
CA ARG E 37 36.23 15.16 -10.24
C ARG E 37 35.16 16.21 -9.91
N SER E 38 34.31 16.51 -10.88
CA SER E 38 33.24 17.48 -10.67
C SER E 38 32.19 16.86 -9.76
N LEU E 39 32.14 15.53 -9.75
CA LEU E 39 31.19 14.80 -8.93
C LEU E 39 31.75 14.49 -7.54
N GLY E 40 32.82 15.18 -7.18
CA GLY E 40 33.42 14.99 -5.86
C GLY E 40 34.40 13.85 -5.69
N GLN E 41 35.36 13.74 -6.60
CA GLN E 41 36.37 12.68 -6.51
C GLN E 41 37.73 13.09 -7.07
N ASN E 42 38.78 12.45 -6.58
CA ASN E 42 40.15 12.72 -7.01
C ASN E 42 40.85 11.41 -7.37
N PRO E 43 40.51 10.81 -8.52
CA PRO E 43 41.13 9.56 -8.95
C PRO E 43 42.48 9.79 -9.61
N THR E 44 43.37 8.81 -9.51
CA THR E 44 44.69 8.90 -10.10
C THR E 44 44.67 8.33 -11.52
N GLU E 45 45.51 8.88 -12.40
CA GLU E 45 45.57 8.45 -13.78
C GLU E 45 45.81 6.96 -13.94
N ALA E 46 46.30 6.32 -12.87
CA ALA E 46 46.57 4.89 -12.88
C ALA E 46 45.28 4.10 -12.72
N GLU E 47 44.33 4.68 -12.00
CA GLU E 47 43.05 4.04 -11.74
C GLU E 47 42.05 4.32 -12.86
N LEU E 48 42.29 5.40 -13.60
CA LEU E 48 41.41 5.76 -14.70
C LEU E 48 41.68 4.92 -15.94
N GLN E 49 42.62 3.99 -15.82
CA GLN E 49 42.98 3.12 -16.94
C GLN E 49 42.59 1.65 -16.75
N ASP E 50 43.02 1.05 -15.65
CA ASP E 50 42.73 -0.34 -15.37
C ASP E 50 41.24 -0.67 -15.27
N MET E 51 40.40 0.37 -15.24
CA MET E 51 38.95 0.18 -15.16
C MET E 51 38.33 0.41 -16.54
N ILE E 52 38.76 1.48 -17.20
CA ILE E 52 38.24 1.82 -18.52
C ILE E 52 38.76 0.82 -19.54
N ASN E 53 39.41 -0.23 -19.05
CA ASN E 53 39.96 -1.27 -19.91
C ASN E 53 39.32 -2.63 -19.62
N GLU E 54 38.83 -2.81 -18.40
CA GLU E 54 38.20 -4.07 -18.01
C GLU E 54 36.79 -4.19 -18.58
N VAL E 55 35.97 -3.18 -18.33
CA VAL E 55 34.60 -3.16 -18.82
C VAL E 55 34.51 -2.64 -20.26
N ASP E 56 35.41 -1.73 -20.62
CA ASP E 56 35.43 -1.16 -21.97
C ASP E 56 36.38 -1.95 -22.86
N ALA E 57 35.87 -3.03 -23.45
CA ALA E 57 36.66 -3.87 -24.35
C ALA E 57 36.35 -3.49 -25.80
N ASP E 58 35.60 -2.39 -25.96
CA ASP E 58 35.22 -1.88 -27.28
C ASP E 58 36.44 -1.46 -28.10
N GLY E 59 37.43 -0.89 -27.43
CA GLY E 59 38.63 -0.45 -28.11
C GLY E 59 38.36 0.80 -28.93
N ASN E 60 37.21 1.41 -28.67
CA ASN E 60 36.79 2.62 -29.38
C ASN E 60 37.03 3.85 -28.51
N GLY E 61 36.94 3.67 -27.19
CA GLY E 61 37.15 4.78 -26.28
C GLY E 61 35.86 5.55 -26.05
N THR E 62 34.73 4.95 -26.41
CA THR E 62 33.41 5.57 -26.25
C THR E 62 32.75 5.06 -24.97
N ILE E 63 32.25 5.98 -24.14
CA ILE E 63 31.61 5.60 -22.89
C ILE E 63 30.21 6.22 -22.75
N ASP E 64 29.29 5.44 -22.18
CA ASP E 64 27.93 5.90 -21.96
C ASP E 64 27.56 5.76 -20.48
N PHE E 65 26.26 5.83 -20.18
CA PHE E 65 25.80 5.75 -18.80
C PHE E 65 25.84 4.36 -18.17
N PRO E 66 25.05 3.39 -18.71
CA PRO E 66 25.03 2.04 -18.16
C PRO E 66 26.41 1.50 -17.78
N GLU E 67 27.43 1.91 -18.53
CA GLU E 67 28.81 1.50 -18.29
C GLU E 67 29.31 2.23 -17.04
N PHE E 68 29.22 3.57 -17.09
CA PHE E 68 29.67 4.41 -16.00
C PHE E 68 28.94 4.09 -14.70
N LEU E 69 27.63 3.92 -14.81
CA LEU E 69 26.79 3.61 -13.65
C LEU E 69 27.30 2.39 -12.91
N THR E 70 28.00 1.51 -13.63
CA THR E 70 28.54 0.28 -13.03
C THR E 70 29.88 0.51 -12.35
N MET E 71 30.72 1.35 -12.94
CA MET E 71 32.02 1.65 -12.35
C MET E 71 31.83 2.28 -10.98
N MET E 72 30.95 3.27 -10.92
CA MET E 72 30.64 3.96 -9.68
C MET E 72 30.04 2.96 -8.70
N ALA E 73 29.35 1.96 -9.25
CA ALA E 73 28.71 0.93 -8.45
C ALA E 73 29.73 0.07 -7.74
N ARG E 74 31.01 0.40 -7.90
CA ARG E 74 32.07 -0.35 -7.25
C ARG E 74 32.88 0.53 -6.32
N LYS E 75 33.36 1.67 -6.84
CA LYS E 75 34.15 2.59 -6.04
C LYS E 75 33.37 2.98 -4.78
N MET E 76 32.12 3.42 -4.97
CA MET E 76 31.26 3.81 -3.86
C MET E 76 30.88 2.60 -3.04
N LYS E 77 31.85 2.01 -2.35
CA LYS E 77 31.60 0.83 -1.52
C LYS E 77 32.17 1.00 -0.11
N ASP E 78 33.49 1.14 -0.01
CA ASP E 78 34.14 1.31 1.29
C ASP E 78 34.50 2.78 1.49
N THR E 79 33.80 3.66 0.77
CA THR E 79 34.05 5.09 0.85
C THR E 79 32.78 5.87 1.21
N ASP E 80 31.62 5.24 1.00
CA ASP E 80 30.32 5.85 1.27
C ASP E 80 30.16 6.24 2.75
N SER E 81 31.26 6.28 3.47
CA SER E 81 31.27 6.63 4.88
C SER E 81 30.90 8.10 5.12
N GLU E 82 30.48 8.78 4.05
CA GLU E 82 30.10 10.19 4.12
C GLU E 82 29.52 10.52 5.49
N GLU E 83 28.67 9.61 5.96
CA GLU E 83 28.00 9.76 7.24
C GLU E 83 29.00 9.87 8.39
N GLU E 84 29.67 8.76 8.68
CA GLU E 84 30.66 8.72 9.76
C GLU E 84 31.53 9.98 9.83
N ILE E 85 31.98 10.46 8.69
CA ILE E 85 32.83 11.65 8.66
C ILE E 85 32.05 12.84 9.16
N ARG E 86 30.94 13.12 8.48
CA ARG E 86 30.08 14.24 8.82
C ARG E 86 29.84 14.26 10.33
N GLU E 87 29.64 13.09 10.92
CA GLU E 87 29.38 13.01 12.35
C GLU E 87 30.63 13.39 13.10
N ALA E 88 31.76 12.86 12.64
CA ALA E 88 33.03 13.16 13.27
C ALA E 88 33.29 14.66 13.26
N PHE E 89 32.97 15.30 12.14
CA PHE E 89 33.17 16.72 12.04
C PHE E 89 32.47 17.38 13.21
N ARG E 90 31.20 17.02 13.38
CA ARG E 90 30.38 17.57 14.45
C ARG E 90 31.00 17.30 15.81
N VAL E 91 31.79 16.23 15.92
CA VAL E 91 32.42 15.90 17.20
C VAL E 91 33.54 16.89 17.53
N PHE E 92 34.30 17.30 16.52
CA PHE E 92 35.37 18.26 16.76
C PHE E 92 34.80 19.61 17.15
N ASP E 93 33.84 20.07 16.36
CA ASP E 93 33.20 21.35 16.56
C ASP E 93 32.44 21.53 17.86
N LYS E 94 33.14 21.71 18.97
CA LYS E 94 32.47 21.86 20.27
C LYS E 94 31.56 23.06 20.37
N ASP E 95 32.01 24.21 19.87
CA ASP E 95 31.22 25.44 19.95
C ASP E 95 30.04 25.43 18.99
N GLY E 96 29.94 24.38 18.17
CA GLY E 96 28.84 24.28 17.24
C GLY E 96 28.68 25.46 16.31
N ASN E 97 29.81 26.07 15.94
CA ASN E 97 29.80 27.24 15.04
C ASN E 97 29.81 26.80 13.59
N GLY E 98 29.92 25.50 13.35
CA GLY E 98 29.94 25.00 11.99
C GLY E 98 31.34 24.87 11.41
N TYR E 99 32.31 25.33 12.19
CA TYR E 99 33.70 25.27 11.75
C TYR E 99 34.57 24.63 12.82
N ILE E 100 35.68 24.03 12.40
CA ILE E 100 36.63 23.41 13.34
C ILE E 100 37.81 24.37 13.55
N SER E 101 38.02 24.75 14.81
CA SER E 101 39.08 25.67 15.16
C SER E 101 40.26 24.92 15.74
N ALA E 102 41.40 25.60 15.82
CA ALA E 102 42.62 25.01 16.35
C ALA E 102 42.39 24.59 17.80
N ALA E 103 41.81 25.49 18.60
CA ALA E 103 41.53 25.21 20.00
C ALA E 103 40.76 23.90 20.09
N GLU E 104 39.74 23.79 19.25
CA GLU E 104 38.91 22.59 19.20
C GLU E 104 39.74 21.37 18.81
N LEU E 105 40.49 21.50 17.72
CA LEU E 105 41.33 20.40 17.24
C LEU E 105 42.28 19.97 18.36
N ARG E 106 42.65 20.91 19.21
CA ARG E 106 43.53 20.61 20.33
C ARG E 106 42.85 19.56 21.22
N HIS E 107 41.77 19.97 21.88
CA HIS E 107 41.06 19.09 22.79
C HIS E 107 40.92 17.67 22.25
N VAL E 108 40.18 17.51 21.16
CA VAL E 108 39.98 16.19 20.59
C VAL E 108 41.28 15.41 20.65
N MET E 109 42.36 16.05 20.21
CA MET E 109 43.67 15.43 20.20
C MET E 109 44.18 15.11 21.59
N THR E 110 44.34 16.12 22.42
CA THR E 110 44.85 15.91 23.77
C THR E 110 44.02 14.87 24.53
N ASN E 111 42.71 14.89 24.31
CA ASN E 111 41.82 13.95 24.99
C ASN E 111 41.96 12.55 24.44
N LEU E 112 42.67 12.42 23.33
CA LEU E 112 42.91 11.12 22.72
C LEU E 112 44.33 10.66 22.99
N GLY E 113 45.04 11.42 23.83
CA GLY E 113 46.42 11.08 24.18
C GLY E 113 47.48 12.01 23.62
N GLU E 114 47.47 12.19 22.30
CA GLU E 114 48.45 13.04 21.63
C GLU E 114 48.39 14.50 22.06
N LYS E 115 49.29 14.89 22.97
CA LYS E 115 49.36 16.27 23.44
C LYS E 115 50.15 17.09 22.43
N LEU E 116 49.48 18.03 21.76
CA LEU E 116 50.17 18.84 20.77
C LEU E 116 50.49 20.25 21.23
N THR E 117 51.45 20.86 20.53
CA THR E 117 51.90 22.22 20.85
C THR E 117 51.09 23.22 20.03
N ASP E 118 50.88 24.39 20.60
CA ASP E 118 50.13 25.44 19.94
C ASP E 118 50.64 25.62 18.51
N GLU E 119 51.86 25.18 18.26
CA GLU E 119 52.47 25.27 16.94
C GLU E 119 51.93 24.16 16.03
N GLU E 120 52.22 22.92 16.41
CA GLU E 120 51.78 21.76 15.64
C GLU E 120 50.30 21.86 15.31
N VAL E 121 49.51 22.24 16.31
CA VAL E 121 48.07 22.40 16.13
C VAL E 121 47.79 23.35 14.97
N ASP E 122 48.18 24.61 15.15
CA ASP E 122 47.98 25.61 14.12
C ASP E 122 48.51 25.15 12.77
N GLU E 123 49.39 24.16 12.78
CA GLU E 123 49.93 23.63 11.54
C GLU E 123 48.87 22.79 10.84
N MET E 124 48.24 21.91 11.62
CA MET E 124 47.20 21.03 11.08
C MET E 124 46.03 21.81 10.52
N ILE E 125 45.59 22.83 11.26
CA ILE E 125 44.48 23.66 10.82
C ILE E 125 44.77 24.25 9.45
N ARG E 126 45.92 24.92 9.35
CA ARG E 126 46.31 25.56 8.10
C ARG E 126 46.44 24.54 6.97
N GLU E 127 47.00 23.38 7.29
CA GLU E 127 47.15 22.33 6.29
C GLU E 127 45.79 21.92 5.72
N ALA E 128 44.87 21.64 6.64
CA ALA E 128 43.50 21.24 6.28
C ALA E 128 42.72 22.42 5.68
N ASP E 129 43.01 23.61 6.17
CA ASP E 129 42.34 24.82 5.67
C ASP E 129 42.64 25.01 4.17
N ILE E 130 41.61 25.32 3.40
CA ILE E 130 41.77 25.49 1.97
C ILE E 130 41.46 26.89 1.51
N ASP E 131 40.61 27.59 2.24
CA ASP E 131 40.22 28.95 1.88
C ASP E 131 41.04 30.00 2.63
N GLY E 132 41.73 29.57 3.68
CA GLY E 132 42.54 30.48 4.45
C GLY E 132 41.74 31.28 5.47
N ASP E 133 40.50 30.88 5.70
CA ASP E 133 39.63 31.55 6.66
C ASP E 133 40.16 31.35 8.09
N GLY E 134 41.16 30.48 8.22
CA GLY E 134 41.75 30.22 9.52
C GLY E 134 40.96 29.18 10.30
N GLN E 135 40.11 28.45 9.60
CA GLN E 135 39.28 27.41 10.21
C GLN E 135 38.84 26.39 9.18
N VAL E 136 38.44 25.21 9.66
CA VAL E 136 38.02 24.13 8.78
C VAL E 136 36.50 23.95 8.74
N ASN E 137 35.91 24.12 7.56
CA ASN E 137 34.47 23.91 7.44
C ASN E 137 34.28 22.46 7.00
N TYR E 138 33.08 21.92 7.21
CA TYR E 138 32.79 20.54 6.83
C TYR E 138 33.37 20.20 5.47
N GLU E 139 33.01 20.97 4.44
CA GLU E 139 33.52 20.74 3.08
C GLU E 139 35.03 20.47 3.11
N GLU E 140 35.76 21.33 3.80
CA GLU E 140 37.20 21.16 3.91
C GLU E 140 37.49 19.89 4.69
N PHE E 141 36.88 19.75 5.86
CA PHE E 141 37.09 18.57 6.68
C PHE E 141 36.91 17.33 5.83
N VAL E 142 35.99 17.41 4.87
CA VAL E 142 35.73 16.28 4.01
C VAL E 142 36.91 15.99 3.11
N GLN E 143 37.31 16.98 2.32
CA GLN E 143 38.45 16.83 1.41
C GLN E 143 39.63 16.24 2.16
N MET E 144 39.94 16.83 3.30
CA MET E 144 41.05 16.40 4.14
C MET E 144 40.96 14.93 4.57
N MET E 145 39.74 14.40 4.59
CA MET E 145 39.53 13.03 5.00
C MET E 145 39.38 12.08 3.82
N THR E 146 39.23 12.62 2.62
CA THR E 146 39.05 11.82 1.42
C THR E 146 40.30 11.05 0.98
N ALA E 147 41.47 11.61 1.27
CA ALA E 147 42.73 10.97 0.91
C ALA E 147 43.88 11.49 1.76
N THR F 5 -1.09 -0.84 -21.58
CA THR F 5 -1.53 -1.18 -20.20
C THR F 5 -1.95 -2.64 -20.15
N GLU F 6 -2.48 -3.07 -19.00
CA GLU F 6 -2.92 -4.45 -18.86
C GLU F 6 -4.01 -4.75 -19.87
N GLU F 7 -5.07 -3.93 -19.86
CA GLU F 7 -6.18 -4.10 -20.78
C GLU F 7 -5.70 -3.98 -22.23
N GLN F 8 -4.83 -3.00 -22.49
CA GLN F 8 -4.29 -2.80 -23.83
C GLN F 8 -3.86 -4.16 -24.37
N ILE F 9 -2.78 -4.68 -23.79
CA ILE F 9 -2.24 -5.96 -24.18
C ILE F 9 -3.32 -7.04 -24.12
N ALA F 10 -4.20 -6.91 -23.13
CA ALA F 10 -5.31 -7.85 -22.94
C ALA F 10 -6.23 -7.86 -24.15
N GLU F 11 -6.40 -6.68 -24.74
CA GLU F 11 -7.25 -6.52 -25.92
C GLU F 11 -6.60 -7.20 -27.12
N PHE F 12 -5.35 -6.82 -27.39
CA PHE F 12 -4.63 -7.39 -28.51
C PHE F 12 -4.58 -8.92 -28.39
N LYS F 13 -4.67 -9.40 -27.15
CA LYS F 13 -4.64 -10.84 -26.89
C LYS F 13 -5.96 -11.51 -27.25
N GLU F 14 -7.06 -10.84 -26.95
CA GLU F 14 -8.39 -11.39 -27.25
C GLU F 14 -8.57 -11.73 -28.72
N ALA F 15 -8.33 -10.76 -29.58
CA ALA F 15 -8.49 -10.95 -31.02
C ALA F 15 -7.50 -11.96 -31.56
N PHE F 16 -6.25 -11.81 -31.18
CA PHE F 16 -5.18 -12.69 -31.64
C PHE F 16 -5.57 -14.17 -31.54
N SER F 17 -6.12 -14.57 -30.40
CA SER F 17 -6.53 -15.95 -30.19
C SER F 17 -7.94 -16.23 -30.70
N LEU F 18 -8.58 -15.21 -31.24
CA LEU F 18 -9.94 -15.36 -31.77
C LEU F 18 -9.89 -16.23 -33.02
N PHE F 19 -8.95 -15.91 -33.91
CA PHE F 19 -8.77 -16.68 -35.14
C PHE F 19 -7.31 -17.12 -35.20
N ASP F 20 -7.11 -18.44 -35.11
CA ASP F 20 -5.77 -19.01 -35.15
C ASP F 20 -5.87 -20.53 -35.14
N LYS F 21 -6.11 -21.12 -36.31
CA LYS F 21 -6.24 -22.57 -36.42
C LYS F 21 -4.85 -23.22 -36.29
N ASP F 22 -3.92 -22.47 -35.70
CA ASP F 22 -2.56 -22.95 -35.48
C ASP F 22 -2.52 -23.70 -34.16
N GLY F 23 -3.17 -23.13 -33.14
CA GLY F 23 -3.21 -23.77 -31.84
C GLY F 23 -2.32 -23.08 -30.81
N ASP F 24 -1.03 -23.40 -30.87
CA ASP F 24 -0.04 -22.84 -29.94
C ASP F 24 -0.10 -21.31 -29.87
N GLY F 25 -0.32 -20.67 -31.01
CA GLY F 25 -0.39 -19.22 -31.05
C GLY F 25 0.50 -18.58 -32.09
N THR F 26 0.24 -18.91 -33.36
CA THR F 26 1.03 -18.35 -34.45
C THR F 26 0.18 -18.25 -35.73
N ILE F 27 -0.14 -17.02 -36.10
CA ILE F 27 -0.95 -16.75 -37.29
C ILE F 27 -0.12 -16.36 -38.49
N THR F 28 -0.81 -16.08 -39.60
CA THR F 28 -0.17 -15.70 -40.85
C THR F 28 -0.50 -14.27 -41.24
N THR F 29 0.23 -13.73 -42.21
CA THR F 29 0.00 -12.36 -42.68
C THR F 29 -1.22 -12.35 -43.59
N LYS F 30 -1.66 -13.55 -43.98
CA LYS F 30 -2.83 -13.70 -44.84
C LYS F 30 -4.07 -13.34 -44.03
N GLU F 31 -3.89 -13.24 -42.73
CA GLU F 31 -4.98 -12.91 -41.80
C GLU F 31 -4.62 -11.77 -40.86
N LEU F 32 -3.33 -11.47 -40.74
CA LEU F 32 -2.85 -10.39 -39.89
C LEU F 32 -3.72 -9.14 -40.06
N GLY F 33 -4.09 -8.87 -41.31
CA GLY F 33 -4.93 -7.72 -41.60
C GLY F 33 -6.27 -7.84 -40.92
N THR F 34 -6.96 -8.94 -41.16
CA THR F 34 -8.27 -9.18 -40.57
C THR F 34 -8.24 -8.92 -39.07
N VAL F 35 -7.15 -9.31 -38.43
CA VAL F 35 -6.99 -9.12 -36.99
C VAL F 35 -7.02 -7.63 -36.65
N MET F 36 -6.09 -6.88 -37.23
CA MET F 36 -6.00 -5.44 -36.99
C MET F 36 -7.29 -4.72 -37.38
N ARG F 37 -8.06 -5.33 -38.27
CA ARG F 37 -9.32 -4.71 -38.71
C ARG F 37 -10.44 -5.02 -37.72
N SER F 38 -10.44 -6.23 -37.18
CA SER F 38 -11.46 -6.63 -36.23
C SER F 38 -11.20 -5.90 -34.92
N LEU F 39 -9.94 -5.50 -34.72
CA LEU F 39 -9.55 -4.80 -33.51
C LEU F 39 -9.69 -3.29 -33.66
N GLY F 40 -10.44 -2.86 -34.67
CA GLY F 40 -10.66 -1.44 -34.89
C GLY F 40 -9.60 -0.67 -35.66
N GLN F 41 -9.18 -1.20 -36.81
CA GLN F 41 -8.18 -0.51 -37.63
C GLN F 41 -8.35 -0.77 -39.13
N ASN F 42 -7.86 0.17 -39.94
CA ASN F 42 -7.95 0.07 -41.39
C ASN F 42 -6.57 0.33 -42.01
N PRO F 43 -5.65 -0.64 -41.90
CA PRO F 43 -4.30 -0.48 -42.46
C PRO F 43 -4.27 -0.77 -43.95
N THR F 44 -3.35 -0.14 -44.67
CA THR F 44 -3.21 -0.35 -46.10
C THR F 44 -2.22 -1.48 -46.37
N GLU F 45 -2.43 -2.21 -47.46
CA GLU F 45 -1.57 -3.34 -47.83
C GLU F 45 -0.10 -2.96 -47.93
N ALA F 46 0.16 -1.66 -48.05
CA ALA F 46 1.53 -1.16 -48.15
C ALA F 46 2.20 -1.13 -46.78
N GLU F 47 1.38 -0.90 -45.74
CA GLU F 47 1.87 -0.83 -44.37
C GLU F 47 1.94 -2.22 -43.73
N LEU F 48 1.18 -3.15 -44.27
CA LEU F 48 1.15 -4.51 -43.74
C LEU F 48 2.36 -5.31 -44.23
N GLN F 49 3.24 -4.66 -44.98
CA GLN F 49 4.42 -5.32 -45.52
C GLN F 49 5.74 -4.80 -44.94
N ASP F 50 5.95 -3.49 -45.00
CA ASP F 50 7.18 -2.89 -44.49
C ASP F 50 7.41 -3.12 -43.00
N MET F 51 6.40 -3.62 -42.29
CA MET F 51 6.51 -3.90 -40.86
C MET F 51 6.73 -5.40 -40.64
N ILE F 52 5.93 -6.22 -41.33
CA ILE F 52 6.03 -7.66 -41.22
C ILE F 52 7.32 -8.16 -41.86
N ASN F 53 8.17 -7.21 -42.23
CA ASN F 53 9.46 -7.53 -42.86
C ASN F 53 10.63 -7.03 -42.03
N GLU F 54 10.40 -5.99 -41.22
CA GLU F 54 11.44 -5.42 -40.37
C GLU F 54 11.69 -6.29 -39.15
N VAL F 55 10.63 -6.60 -38.42
CA VAL F 55 10.74 -7.43 -37.21
C VAL F 55 10.72 -8.92 -37.56
N ASP F 56 9.98 -9.28 -38.61
CA ASP F 56 9.88 -10.67 -39.04
C ASP F 56 10.94 -10.99 -40.10
N ALA F 57 12.13 -11.35 -39.64
CA ALA F 57 13.25 -11.70 -40.52
C ALA F 57 13.35 -13.22 -40.63
N ASP F 58 12.35 -13.91 -40.08
CA ASP F 58 12.29 -15.37 -40.11
C ASP F 58 12.19 -15.91 -41.53
N GLY F 59 11.45 -15.19 -42.38
CA GLY F 59 11.29 -15.62 -43.76
C GLY F 59 10.37 -16.82 -43.84
N ASN F 60 9.67 -17.09 -42.74
CA ASN F 60 8.74 -18.21 -42.66
C ASN F 60 7.29 -17.73 -42.81
N GLY F 61 7.04 -16.51 -42.36
CA GLY F 61 5.70 -15.95 -42.45
C GLY F 61 4.86 -16.32 -41.25
N THR F 62 5.53 -16.79 -40.19
CA THR F 62 4.84 -17.18 -38.96
C THR F 62 4.90 -16.04 -37.94
N ILE F 63 3.75 -15.71 -37.35
CA ILE F 63 3.67 -14.63 -36.38
C ILE F 63 3.02 -15.06 -35.08
N ASP F 64 3.53 -14.57 -33.96
CA ASP F 64 2.99 -14.88 -32.64
C ASP F 64 2.63 -13.60 -31.90
N PHE F 65 2.43 -13.69 -30.59
CA PHE F 65 2.05 -12.54 -29.77
C PHE F 65 3.17 -11.53 -29.49
N PRO F 66 4.23 -11.95 -28.77
CA PRO F 66 5.34 -11.03 -28.45
C PRO F 66 5.76 -10.14 -29.63
N GLU F 67 5.64 -10.69 -30.84
CA GLU F 67 5.99 -9.95 -32.05
C GLU F 67 4.91 -8.91 -32.32
N PHE F 68 3.67 -9.37 -32.40
CA PHE F 68 2.51 -8.51 -32.65
C PHE F 68 2.38 -7.44 -31.57
N LEU F 69 2.55 -7.84 -30.32
CA LEU F 69 2.44 -6.93 -29.20
C LEU F 69 3.37 -5.73 -29.37
N THR F 70 4.46 -5.93 -30.11
CA THR F 70 5.43 -4.87 -30.33
C THR F 70 5.03 -3.95 -31.48
N MET F 71 4.45 -4.51 -32.54
CA MET F 71 4.01 -3.71 -33.67
C MET F 71 2.98 -2.70 -33.20
N MET F 72 2.00 -3.19 -32.45
CA MET F 72 0.93 -2.36 -31.92
C MET F 72 1.55 -1.33 -30.99
N ALA F 73 2.65 -1.71 -30.35
CA ALA F 73 3.36 -0.85 -29.41
C ALA F 73 3.98 0.36 -30.12
N ARG F 74 3.74 0.46 -31.42
CA ARG F 74 4.28 1.57 -32.19
C ARG F 74 3.15 2.38 -32.84
N LYS F 75 2.26 1.69 -33.55
CA LYS F 75 1.15 2.36 -34.22
C LYS F 75 0.35 3.17 -33.20
N MET F 76 -0.02 2.52 -32.10
CA MET F 76 -0.79 3.18 -31.05
C MET F 76 0.09 4.20 -30.32
N LYS F 77 0.45 5.27 -31.02
CA LYS F 77 1.29 6.31 -30.44
C LYS F 77 0.68 7.71 -30.64
N ASP F 78 0.57 8.12 -31.90
CA ASP F 78 0.00 9.43 -32.22
C ASP F 78 -1.45 9.27 -32.69
N THR F 79 -2.07 8.16 -32.30
CA THR F 79 -3.44 7.86 -32.68
C THR F 79 -4.32 7.60 -31.46
N ASP F 80 -3.70 7.29 -30.33
CA ASP F 80 -4.40 6.99 -29.08
C ASP F 80 -5.25 8.16 -28.58
N SER F 81 -5.49 9.12 -29.48
CA SER F 81 -6.27 10.30 -29.16
C SER F 81 -7.74 9.96 -28.93
N GLU F 82 -8.07 8.67 -28.88
CA GLU F 82 -9.44 8.20 -28.65
C GLU F 82 -10.20 9.20 -27.78
N GLU F 83 -9.53 9.66 -26.73
CA GLU F 83 -10.10 10.61 -25.79
C GLU F 83 -10.53 11.89 -26.48
N GLU F 84 -9.55 12.68 -26.93
CA GLU F 84 -9.83 13.94 -27.60
C GLU F 84 -11.03 13.89 -28.56
N ILE F 85 -11.12 12.81 -29.32
CA ILE F 85 -12.21 12.67 -30.27
C ILE F 85 -13.53 12.57 -29.53
N ARG F 86 -13.61 11.61 -28.63
CA ARG F 86 -14.80 11.39 -27.84
C ARG F 86 -15.27 12.71 -27.22
N GLU F 87 -14.33 13.53 -26.78
CA GLU F 87 -14.71 14.80 -26.19
C GLU F 87 -15.27 15.70 -27.25
N ALA F 88 -14.61 15.75 -28.40
CA ALA F 88 -15.04 16.58 -29.51
C ALA F 88 -16.45 16.22 -29.90
N PHE F 89 -16.74 14.91 -29.94
CA PHE F 89 -18.08 14.46 -30.30
C PHE F 89 -19.05 15.17 -29.40
N ARG F 90 -18.79 15.09 -28.10
CA ARG F 90 -19.62 15.72 -27.10
C ARG F 90 -19.77 17.22 -27.32
N VAL F 91 -18.77 17.83 -27.97
CA VAL F 91 -18.83 19.27 -28.24
C VAL F 91 -19.85 19.58 -29.33
N PHE F 92 -19.91 18.75 -30.37
CA PHE F 92 -20.87 18.98 -31.42
C PHE F 92 -22.29 18.80 -30.90
N ASP F 93 -22.51 17.69 -30.21
CA ASP F 93 -23.82 17.34 -29.69
C ASP F 93 -24.40 18.30 -28.63
N LYS F 94 -24.90 19.44 -29.06
CA LYS F 94 -25.43 20.44 -28.13
C LYS F 94 -26.63 19.95 -27.34
N ASP F 95 -27.56 19.29 -28.01
CA ASP F 95 -28.77 18.81 -27.35
C ASP F 95 -28.51 17.60 -26.45
N GLY F 96 -27.28 17.13 -26.44
CA GLY F 96 -26.92 16.00 -25.61
C GLY F 96 -27.78 14.76 -25.80
N ASN F 97 -28.22 14.54 -27.04
CA ASN F 97 -29.06 13.39 -27.35
C ASN F 97 -28.21 12.17 -27.66
N GLY F 98 -26.90 12.35 -27.70
CA GLY F 98 -26.02 11.24 -27.98
C GLY F 98 -25.70 11.11 -29.46
N TYR F 99 -26.33 11.94 -30.28
CA TYR F 99 -26.10 11.91 -31.72
C TYR F 99 -25.79 13.30 -32.22
N ILE F 100 -25.08 13.38 -33.35
CA ILE F 100 -24.75 14.67 -33.96
C ILE F 100 -25.71 14.90 -35.13
N SER F 101 -26.43 16.02 -35.07
CA SER F 101 -27.39 16.35 -36.13
C SER F 101 -26.82 17.42 -37.04
N ALA F 102 -27.47 17.58 -38.19
CA ALA F 102 -27.05 18.56 -39.18
C ALA F 102 -27.08 19.96 -38.56
N ALA F 103 -28.18 20.27 -37.90
CA ALA F 103 -28.33 21.58 -37.27
C ALA F 103 -27.13 21.83 -36.38
N GLU F 104 -26.79 20.82 -35.58
CA GLU F 104 -25.66 20.92 -34.68
C GLU F 104 -24.36 21.12 -35.44
N LEU F 105 -24.15 20.28 -36.46
CA LEU F 105 -22.94 20.34 -37.28
C LEU F 105 -22.82 21.74 -37.87
N ARG F 106 -23.96 22.37 -38.13
CA ARG F 106 -23.99 23.71 -38.67
C ARG F 106 -23.29 24.67 -37.71
N HIS F 107 -23.90 24.86 -36.53
CA HIS F 107 -23.34 25.77 -35.53
C HIS F 107 -21.84 25.64 -35.39
N VAL F 108 -21.39 24.48 -34.93
CA VAL F 108 -19.96 24.27 -34.75
C VAL F 108 -19.19 24.89 -35.92
N MET F 109 -19.65 24.59 -37.13
CA MET F 109 -19.01 25.09 -38.35
C MET F 109 -19.10 26.60 -38.46
N THR F 110 -20.32 27.12 -38.52
CA THR F 110 -20.51 28.55 -38.66
C THR F 110 -19.76 29.33 -37.57
N ASN F 111 -19.76 28.81 -36.36
CA ASN F 111 -19.08 29.45 -35.24
C ASN F 111 -17.56 29.37 -35.38
N LEU F 112 -17.10 28.56 -36.33
CA LEU F 112 -15.68 28.42 -36.55
C LEU F 112 -15.30 29.18 -37.83
N GLY F 113 -16.26 29.92 -38.38
CA GLY F 113 -16.00 30.69 -39.59
C GLY F 113 -16.70 30.19 -40.84
N GLU F 114 -16.46 28.92 -41.17
CA GLU F 114 -17.05 28.31 -42.36
C GLU F 114 -18.58 28.30 -42.36
N LYS F 115 -19.19 29.25 -43.04
CA LYS F 115 -20.65 29.30 -43.13
C LYS F 115 -21.11 28.35 -44.22
N LEU F 116 -21.83 27.31 -43.83
CA LEU F 116 -22.30 26.34 -44.80
C LEU F 116 -23.78 26.44 -45.14
N THR F 117 -24.13 25.88 -46.29
CA THR F 117 -25.51 25.91 -46.77
C THR F 117 -26.23 24.66 -46.30
N ASP F 118 -27.53 24.80 -46.08
CA ASP F 118 -28.35 23.70 -45.62
C ASP F 118 -28.09 22.46 -46.48
N GLU F 119 -27.55 22.67 -47.66
CA GLU F 119 -27.24 21.58 -48.59
C GLU F 119 -25.93 20.91 -48.19
N GLU F 120 -24.85 21.69 -48.22
CA GLU F 120 -23.52 21.21 -47.87
C GLU F 120 -23.55 20.48 -46.54
N VAL F 121 -24.22 21.08 -45.57
CA VAL F 121 -24.36 20.50 -44.23
C VAL F 121 -24.92 19.10 -44.35
N ASP F 122 -26.17 19.01 -44.80
CA ASP F 122 -26.83 17.72 -44.96
C ASP F 122 -25.98 16.73 -45.75
N GLU F 123 -25.01 17.24 -46.50
CA GLU F 123 -24.12 16.38 -47.27
C GLU F 123 -23.13 15.71 -46.33
N MET F 124 -22.53 16.52 -45.46
CA MET F 124 -21.56 16.01 -44.49
C MET F 124 -22.18 14.96 -43.57
N ILE F 125 -23.39 15.25 -43.09
CA ILE F 125 -24.08 14.32 -42.20
C ILE F 125 -24.23 12.97 -42.89
N ARG F 126 -24.79 12.96 -44.09
CA ARG F 126 -25.00 11.72 -44.84
C ARG F 126 -23.68 11.01 -45.10
N GLU F 127 -22.67 11.76 -45.46
CA GLU F 127 -21.37 11.18 -45.74
C GLU F 127 -20.87 10.43 -44.51
N ALA F 128 -20.87 11.11 -43.37
CA ALA F 128 -20.42 10.54 -42.10
C ALA F 128 -21.38 9.47 -41.59
N ASP F 129 -22.66 9.64 -41.88
CA ASP F 129 -23.68 8.67 -41.48
C ASP F 129 -23.42 7.32 -42.15
N ILE F 130 -23.49 6.25 -41.37
CA ILE F 130 -23.22 4.93 -41.89
C ILE F 130 -24.44 4.02 -41.84
N ASP F 131 -25.34 4.28 -40.90
CA ASP F 131 -26.54 3.45 -40.75
C ASP F 131 -27.74 4.06 -41.45
N GLY F 132 -27.65 5.33 -41.81
CA GLY F 132 -28.74 6.00 -42.50
C GLY F 132 -29.81 6.52 -41.57
N ASP F 133 -29.51 6.52 -40.28
CA ASP F 133 -30.47 6.99 -39.29
C ASP F 133 -30.68 8.50 -39.43
N GLY F 134 -29.86 9.11 -40.28
CA GLY F 134 -29.98 10.54 -40.48
C GLY F 134 -29.26 11.36 -39.45
N GLN F 135 -28.36 10.70 -38.72
CA GLN F 135 -27.57 11.37 -37.69
C GLN F 135 -26.29 10.60 -37.41
N VAL F 136 -25.32 11.26 -36.79
CA VAL F 136 -24.05 10.63 -36.49
C VAL F 136 -23.88 10.24 -35.02
N ASN F 137 -23.72 8.95 -34.75
CA ASN F 137 -23.52 8.51 -33.37
C ASN F 137 -22.02 8.47 -33.13
N TYR F 138 -21.60 8.50 -31.87
CA TYR F 138 -20.17 8.48 -31.56
C TYR F 138 -19.42 7.45 -32.42
N GLU F 139 -19.87 6.19 -32.39
CA GLU F 139 -19.23 5.14 -33.18
C GLU F 139 -18.94 5.64 -34.60
N GLU F 140 -19.95 6.22 -35.24
CA GLU F 140 -19.79 6.76 -36.59
C GLU F 140 -18.80 7.91 -36.56
N PHE F 141 -19.03 8.87 -35.68
CA PHE F 141 -18.14 10.02 -35.55
C PHE F 141 -16.70 9.54 -35.43
N VAL F 142 -16.52 8.38 -34.81
CA VAL F 142 -15.20 7.84 -34.64
C VAL F 142 -14.62 7.39 -35.98
N GLN F 143 -15.33 6.49 -36.67
CA GLN F 143 -14.88 5.98 -37.96
C GLN F 143 -14.50 7.15 -38.86
N MET F 144 -15.41 8.12 -38.95
CA MET F 144 -15.21 9.29 -39.78
C MET F 144 -13.95 10.08 -39.44
N MET F 145 -13.49 9.94 -38.21
CA MET F 145 -12.30 10.66 -37.75
C MET F 145 -11.05 9.81 -37.82
N THR F 146 -11.22 8.53 -38.08
CA THR F 146 -10.08 7.63 -38.12
C THR F 146 -10.18 6.54 -39.17
N ALA F 147 -10.51 6.93 -40.40
CA ALA F 147 -10.62 5.97 -41.49
C ALA F 147 -9.35 6.01 -42.35
#